data_2P2E
# 
_entry.id   2P2E 
# 
_audit_conform.dict_name       mmcif_pdbx.dic 
_audit_conform.dict_version    5.399 
_audit_conform.dict_location   http://mmcif.pdb.org/dictionaries/ascii/mmcif_pdbx.dic 
# 
loop_
_database_2.database_id 
_database_2.database_code 
_database_2.pdbx_database_accession 
_database_2.pdbx_DOI 
PDB   2P2E         pdb_00002p2e 10.2210/pdb2p2e/pdb 
RCSB  RCSB041880   ?            ?                   
WWPDB D_1000041880 ?            ?                   
# 
loop_
_pdbx_audit_revision_history.ordinal 
_pdbx_audit_revision_history.data_content_type 
_pdbx_audit_revision_history.major_revision 
_pdbx_audit_revision_history.minor_revision 
_pdbx_audit_revision_history.revision_date 
1 'Structure model' 1 0 2007-03-20 
2 'Structure model' 1 1 2008-05-01 
3 'Structure model' 1 2 2011-07-13 
4 'Structure model' 1 3 2021-02-03 
5 'Structure model' 1 4 2024-11-20 
# 
_pdbx_audit_revision_details.ordinal             1 
_pdbx_audit_revision_details.revision_ordinal    1 
_pdbx_audit_revision_details.data_content_type   'Structure model' 
_pdbx_audit_revision_details.provider            repository 
_pdbx_audit_revision_details.type                'Initial release' 
_pdbx_audit_revision_details.description         ? 
_pdbx_audit_revision_details.details             ? 
# 
loop_
_pdbx_audit_revision_group.ordinal 
_pdbx_audit_revision_group.revision_ordinal 
_pdbx_audit_revision_group.data_content_type 
_pdbx_audit_revision_group.group 
1 2 'Structure model' 'Version format compliance' 
2 3 'Structure model' 'Source and taxonomy'       
3 3 'Structure model' 'Version format compliance' 
4 4 'Structure model' 'Database references'       
5 4 'Structure model' 'Derived calculations'      
6 4 'Structure model' 'Structure summary'         
7 5 'Structure model' 'Data collection'           
8 5 'Structure model' 'Database references'       
9 5 'Structure model' 'Structure summary'         
# 
loop_
_pdbx_audit_revision_category.ordinal 
_pdbx_audit_revision_category.revision_ordinal 
_pdbx_audit_revision_category.data_content_type 
_pdbx_audit_revision_category.category 
1 4 'Structure model' audit_author              
2 4 'Structure model' citation_author           
3 4 'Structure model' struct_conn               
4 4 'Structure model' struct_ref_seq_dif        
5 5 'Structure model' chem_comp_atom            
6 5 'Structure model' chem_comp_bond            
7 5 'Structure model' database_2                
8 5 'Structure model' pdbx_entry_details        
9 5 'Structure model' pdbx_modification_feature 
# 
loop_
_pdbx_audit_revision_item.ordinal 
_pdbx_audit_revision_item.revision_ordinal 
_pdbx_audit_revision_item.data_content_type 
_pdbx_audit_revision_item.item 
1 4 'Structure model' '_audit_author.identifier_ORCID'      
2 4 'Structure model' '_citation_author.identifier_ORCID'   
3 4 'Structure model' '_struct_conn.pdbx_leaving_atom_flag' 
4 4 'Structure model' '_struct_ref_seq_dif.details'         
5 5 'Structure model' '_database_2.pdbx_DOI'                
6 5 'Structure model' '_database_2.pdbx_database_accession' 
# 
_pdbx_database_status.status_code                     REL 
_pdbx_database_status.entry_id                        2P2E 
_pdbx_database_status.recvd_initial_deposition_date   2007-03-07 
_pdbx_database_status.deposit_site                    RCSB 
_pdbx_database_status.process_site                    RCSB 
_pdbx_database_status.status_code_sf                  REL 
_pdbx_database_status.status_code_mr                  ? 
_pdbx_database_status.SG_entry                        Y 
_pdbx_database_status.pdb_format_compatible           Y 
_pdbx_database_status.status_code_cs                  ? 
_pdbx_database_status.status_code_nmr_data            ? 
_pdbx_database_status.methods_development_category    ? 
# 
_pdbx_database_related.db_name        TargetDB 
_pdbx_database_related.db_id          NYSGXRC-10399l 
_pdbx_database_related.details        . 
_pdbx_database_related.content_type   unspecified 
# 
loop_
_audit_author.name 
_audit_author.pdbx_ordinal 
_audit_author.identifier_ORCID 
'Agarwal, R.'                                                    1 ?                   
'Burley, S.K.'                                                   2 0000-0002-2487-9713 
'Swaminathan, S.'                                                3 ?                   
'New York SGX Research Center for Structural Genomics (NYSGXRC)' 4 ?                   
# 
_citation.id                        primary 
_citation.title                     
'Crystal structure of a putative Fe-S biosynthesis protein from Lactobacillus salivarius with novel protein fold' 
_citation.journal_abbrev            'To be Published' 
_citation.journal_volume            ? 
_citation.page_first                ? 
_citation.page_last                 ? 
_citation.year                      ? 
_citation.journal_id_ASTM           ? 
_citation.country                   ? 
_citation.journal_id_ISSN           ? 
_citation.journal_id_CSD            0353 
_citation.book_publisher            ? 
_citation.pdbx_database_id_PubMed   ? 
_citation.pdbx_database_id_DOI      ? 
# 
loop_
_citation_author.citation_id 
_citation_author.name 
_citation_author.ordinal 
_citation_author.identifier_ORCID 
primary 'Agarwal, R.'     1 ?                   
primary 'Burley, S.K.'    2 0000-0002-2487-9713 
primary 'Swaminathan, S.' 3 ?                   
# 
loop_
_entity.id 
_entity.type 
_entity.src_method 
_entity.pdbx_description 
_entity.formula_weight 
_entity.pdbx_number_of_molecules 
_entity.pdbx_ec 
_entity.pdbx_mutation 
_entity.pdbx_fragment 
_entity.details 
1 polymer man 'Putative Fe-S biosynthesis protein' 14826.751 1  ? ? ? ? 
2 water   nat water                                18.015    30 ? ? ? ? 
# 
_entity_name_com.entity_id   1 
_entity_name_com.name        'Putative Fe-S cluster assembly protein' 
# 
_entity_poly.entity_id                      1 
_entity_poly.type                           'polypeptide(L)' 
_entity_poly.nstd_linkage                   no 
_entity_poly.nstd_monomer                   yes 
_entity_poly.pdbx_seq_one_letter_code       
;(MSE)SLKITVTDDAAKKLQRYTDDSNAVLLLDFDDGVGALSKVGVCSLNSDFRILVVSKD(MSE)DYKKDYNEVIDSNI
GKFYYKGYSK(MSE)Y(MSE)DDN(MSE)KISLNTNNSLLRLTGDNSGEL(MSE)PALSIQDFREGHHHHHH
;
_entity_poly.pdbx_seq_one_letter_code_can   
;MSLKITVTDDAAKKLQRYTDDSNAVLLLDFDDGVGALSKVGVCSLNSDFRILVVSKDMDYKKDYNEVIDSNIGKFYYKGY
SKMYMDDNMKISLNTNNSLLRLTGDNSGELMPALSIQDFREGHHHHHH
;
_entity_poly.pdbx_strand_id                 A 
_entity_poly.pdbx_target_identifier         NYSGXRC-10399l 
# 
_pdbx_entity_nonpoly.entity_id   2 
_pdbx_entity_nonpoly.name        water 
_pdbx_entity_nonpoly.comp_id     HOH 
# 
loop_
_entity_poly_seq.entity_id 
_entity_poly_seq.num 
_entity_poly_seq.mon_id 
_entity_poly_seq.hetero 
1 1   MSE n 
1 2   SER n 
1 3   LEU n 
1 4   LYS n 
1 5   ILE n 
1 6   THR n 
1 7   VAL n 
1 8   THR n 
1 9   ASP n 
1 10  ASP n 
1 11  ALA n 
1 12  ALA n 
1 13  LYS n 
1 14  LYS n 
1 15  LEU n 
1 16  GLN n 
1 17  ARG n 
1 18  TYR n 
1 19  THR n 
1 20  ASP n 
1 21  ASP n 
1 22  SER n 
1 23  ASN n 
1 24  ALA n 
1 25  VAL n 
1 26  LEU n 
1 27  LEU n 
1 28  LEU n 
1 29  ASP n 
1 30  PHE n 
1 31  ASP n 
1 32  ASP n 
1 33  GLY n 
1 34  VAL n 
1 35  GLY n 
1 36  ALA n 
1 37  LEU n 
1 38  SER n 
1 39  LYS n 
1 40  VAL n 
1 41  GLY n 
1 42  VAL n 
1 43  CYS n 
1 44  SER n 
1 45  LEU n 
1 46  ASN n 
1 47  SER n 
1 48  ASP n 
1 49  PHE n 
1 50  ARG n 
1 51  ILE n 
1 52  LEU n 
1 53  VAL n 
1 54  VAL n 
1 55  SER n 
1 56  LYS n 
1 57  ASP n 
1 58  MSE n 
1 59  ASP n 
1 60  TYR n 
1 61  LYS n 
1 62  LYS n 
1 63  ASP n 
1 64  TYR n 
1 65  ASN n 
1 66  GLU n 
1 67  VAL n 
1 68  ILE n 
1 69  ASP n 
1 70  SER n 
1 71  ASN n 
1 72  ILE n 
1 73  GLY n 
1 74  LYS n 
1 75  PHE n 
1 76  TYR n 
1 77  TYR n 
1 78  LYS n 
1 79  GLY n 
1 80  TYR n 
1 81  SER n 
1 82  LYS n 
1 83  MSE n 
1 84  TYR n 
1 85  MSE n 
1 86  ASP n 
1 87  ASP n 
1 88  ASN n 
1 89  MSE n 
1 90  LYS n 
1 91  ILE n 
1 92  SER n 
1 93  LEU n 
1 94  ASN n 
1 95  THR n 
1 96  ASN n 
1 97  ASN n 
1 98  SER n 
1 99  LEU n 
1 100 LEU n 
1 101 ARG n 
1 102 LEU n 
1 103 THR n 
1 104 GLY n 
1 105 ASP n 
1 106 ASN n 
1 107 SER n 
1 108 GLY n 
1 109 GLU n 
1 110 LEU n 
1 111 MSE n 
1 112 PRO n 
1 113 ALA n 
1 114 LEU n 
1 115 SER n 
1 116 ILE n 
1 117 GLN n 
1 118 ASP n 
1 119 PHE n 
1 120 ARG n 
1 121 GLU n 
1 122 GLY n 
1 123 HIS n 
1 124 HIS n 
1 125 HIS n 
1 126 HIS n 
1 127 HIS n 
1 128 HIS n 
# 
_entity_src_gen.entity_id                          1 
_entity_src_gen.pdbx_src_id                        1 
_entity_src_gen.pdbx_alt_source_flag               sample 
_entity_src_gen.pdbx_seq_type                      ? 
_entity_src_gen.pdbx_beg_seq_num                   ? 
_entity_src_gen.pdbx_end_seq_num                   ? 
_entity_src_gen.gene_src_common_name               ? 
_entity_src_gen.gene_src_genus                     Lactobacillus 
_entity_src_gen.pdbx_gene_src_gene                 LSL_1730 
_entity_src_gen.gene_src_species                   'Lactobacillus salivarius' 
_entity_src_gen.gene_src_strain                    UCC118 
_entity_src_gen.gene_src_tissue                    ? 
_entity_src_gen.gene_src_tissue_fraction           ? 
_entity_src_gen.gene_src_details                   ? 
_entity_src_gen.pdbx_gene_src_fragment             ? 
_entity_src_gen.pdbx_gene_src_scientific_name      'Lactobacillus salivarius' 
_entity_src_gen.pdbx_gene_src_ncbi_taxonomy_id     362948 
_entity_src_gen.pdbx_gene_src_variant              ? 
_entity_src_gen.pdbx_gene_src_cell_line            ? 
_entity_src_gen.pdbx_gene_src_atcc                 ? 
_entity_src_gen.pdbx_gene_src_organ                ? 
_entity_src_gen.pdbx_gene_src_organelle            ? 
_entity_src_gen.pdbx_gene_src_cell                 ? 
_entity_src_gen.pdbx_gene_src_cellular_location    ? 
_entity_src_gen.host_org_common_name               ? 
_entity_src_gen.pdbx_host_org_scientific_name      'Escherichia coli' 
_entity_src_gen.pdbx_host_org_ncbi_taxonomy_id     562 
_entity_src_gen.host_org_genus                     Escherichia 
_entity_src_gen.pdbx_host_org_gene                 ? 
_entity_src_gen.pdbx_host_org_organ                ? 
_entity_src_gen.host_org_species                   ? 
_entity_src_gen.pdbx_host_org_tissue               ? 
_entity_src_gen.pdbx_host_org_tissue_fraction      ? 
_entity_src_gen.pdbx_host_org_strain               'BL21(DE3)codon+RIL' 
_entity_src_gen.pdbx_host_org_variant              ? 
_entity_src_gen.pdbx_host_org_cell_line            ? 
_entity_src_gen.pdbx_host_org_atcc                 ? 
_entity_src_gen.pdbx_host_org_culture_collection   ? 
_entity_src_gen.pdbx_host_org_cell                 ? 
_entity_src_gen.pdbx_host_org_organelle            ? 
_entity_src_gen.pdbx_host_org_cellular_location    ? 
_entity_src_gen.pdbx_host_org_vector_type          plasmid 
_entity_src_gen.pdbx_host_org_vector               ? 
_entity_src_gen.host_org_details                   ? 
_entity_src_gen.expression_system_id               ? 
_entity_src_gen.plasmid_name                       'PSGX3(BC)' 
_entity_src_gen.plasmid_details                    ? 
_entity_src_gen.pdbx_description                   ? 
# 
loop_
_chem_comp.id 
_chem_comp.type 
_chem_comp.mon_nstd_flag 
_chem_comp.name 
_chem_comp.pdbx_synonyms 
_chem_comp.formula 
_chem_comp.formula_weight 
ALA 'L-peptide linking' y ALANINE          ? 'C3 H7 N O2'     89.093  
ARG 'L-peptide linking' y ARGININE         ? 'C6 H15 N4 O2 1' 175.209 
ASN 'L-peptide linking' y ASPARAGINE       ? 'C4 H8 N2 O3'    132.118 
ASP 'L-peptide linking' y 'ASPARTIC ACID'  ? 'C4 H7 N O4'     133.103 
CYS 'L-peptide linking' y CYSTEINE         ? 'C3 H7 N O2 S'   121.158 
GLN 'L-peptide linking' y GLUTAMINE        ? 'C5 H10 N2 O3'   146.144 
GLU 'L-peptide linking' y 'GLUTAMIC ACID'  ? 'C5 H9 N O4'     147.129 
GLY 'peptide linking'   y GLYCINE          ? 'C2 H5 N O2'     75.067  
HIS 'L-peptide linking' y HISTIDINE        ? 'C6 H10 N3 O2 1' 156.162 
HOH non-polymer         . WATER            ? 'H2 O'           18.015  
ILE 'L-peptide linking' y ISOLEUCINE       ? 'C6 H13 N O2'    131.173 
LEU 'L-peptide linking' y LEUCINE          ? 'C6 H13 N O2'    131.173 
LYS 'L-peptide linking' y LYSINE           ? 'C6 H15 N2 O2 1' 147.195 
MET 'L-peptide linking' y METHIONINE       ? 'C5 H11 N O2 S'  149.211 
MSE 'L-peptide linking' n SELENOMETHIONINE ? 'C5 H11 N O2 Se' 196.106 
PHE 'L-peptide linking' y PHENYLALANINE    ? 'C9 H11 N O2'    165.189 
PRO 'L-peptide linking' y PROLINE          ? 'C5 H9 N O2'     115.130 
SER 'L-peptide linking' y SERINE           ? 'C3 H7 N O3'     105.093 
THR 'L-peptide linking' y THREONINE        ? 'C4 H9 N O3'     119.119 
TYR 'L-peptide linking' y TYROSINE         ? 'C9 H11 N O3'    181.189 
VAL 'L-peptide linking' y VALINE           ? 'C5 H11 N O2'    117.146 
# 
loop_
_pdbx_poly_seq_scheme.asym_id 
_pdbx_poly_seq_scheme.entity_id 
_pdbx_poly_seq_scheme.seq_id 
_pdbx_poly_seq_scheme.mon_id 
_pdbx_poly_seq_scheme.ndb_seq_num 
_pdbx_poly_seq_scheme.pdb_seq_num 
_pdbx_poly_seq_scheme.auth_seq_num 
_pdbx_poly_seq_scheme.pdb_mon_id 
_pdbx_poly_seq_scheme.auth_mon_id 
_pdbx_poly_seq_scheme.pdb_strand_id 
_pdbx_poly_seq_scheme.pdb_ins_code 
_pdbx_poly_seq_scheme.hetero 
A 1 1   MSE 1   1   ?   ?   ?   A . n 
A 1 2   SER 2   2   ?   ?   ?   A . n 
A 1 3   LEU 3   3   3   LEU LEU A . n 
A 1 4   LYS 4   4   4   LYS LYS A . n 
A 1 5   ILE 5   5   5   ILE ILE A . n 
A 1 6   THR 6   6   6   THR THR A . n 
A 1 7   VAL 7   7   7   VAL VAL A . n 
A 1 8   THR 8   8   8   THR THR A . n 
A 1 9   ASP 9   9   9   ASP ASP A . n 
A 1 10  ASP 10  10  10  ASP ASP A . n 
A 1 11  ALA 11  11  11  ALA ALA A . n 
A 1 12  ALA 12  12  12  ALA ALA A . n 
A 1 13  LYS 13  13  13  LYS LYS A . n 
A 1 14  LYS 14  14  14  LYS LYS A . n 
A 1 15  LEU 15  15  15  LEU LEU A . n 
A 1 16  GLN 16  16  16  GLN GLN A . n 
A 1 17  ARG 17  17  17  ARG ARG A . n 
A 1 18  TYR 18  18  18  TYR TYR A . n 
A 1 19  THR 19  19  19  THR THR A . n 
A 1 20  ASP 20  20  20  ASP ASP A . n 
A 1 21  ASP 21  21  21  ASP ASP A . n 
A 1 22  SER 22  22  22  SER SER A . n 
A 1 23  ASN 23  23  23  ASN ASN A . n 
A 1 24  ALA 24  24  24  ALA ALA A . n 
A 1 25  VAL 25  25  25  VAL VAL A . n 
A 1 26  LEU 26  26  26  LEU LEU A . n 
A 1 27  LEU 27  27  27  LEU LEU A . n 
A 1 28  LEU 28  28  28  LEU LEU A . n 
A 1 29  ASP 29  29  29  ASP ASP A . n 
A 1 30  PHE 30  30  30  PHE PHE A . n 
A 1 31  ASP 31  31  31  ASP ASP A . n 
A 1 32  ASP 32  32  32  ASP ASP A . n 
A 1 33  GLY 33  33  33  GLY GLY A . n 
A 1 34  VAL 34  34  34  VAL VAL A . n 
A 1 35  GLY 35  35  35  GLY GLY A . n 
A 1 36  ALA 36  36  36  ALA ALA A . n 
A 1 37  LEU 37  37  37  LEU LEU A . n 
A 1 38  SER 38  38  38  SER SER A . n 
A 1 39  LYS 39  39  39  LYS LYS A . n 
A 1 40  VAL 40  40  40  VAL VAL A . n 
A 1 41  GLY 41  41  41  GLY GLY A . n 
A 1 42  VAL 42  42  42  VAL VAL A . n 
A 1 43  CYS 43  43  43  CYS CYS A . n 
A 1 44  SER 44  44  44  SER SER A . n 
A 1 45  LEU 45  45  45  LEU LEU A . n 
A 1 46  ASN 46  46  46  ASN ASN A . n 
A 1 47  SER 47  47  47  SER SER A . n 
A 1 48  ASP 48  48  48  ASP ASP A . n 
A 1 49  PHE 49  49  49  PHE PHE A . n 
A 1 50  ARG 50  50  50  ARG ARG A . n 
A 1 51  ILE 51  51  51  ILE ILE A . n 
A 1 52  LEU 52  52  52  LEU LEU A . n 
A 1 53  VAL 53  53  53  VAL VAL A . n 
A 1 54  VAL 54  54  54  VAL VAL A . n 
A 1 55  SER 55  55  55  SER SER A . n 
A 1 56  LYS 56  56  56  LYS LYS A . n 
A 1 57  ASP 57  57  57  ASP ASP A . n 
A 1 58  MSE 58  58  58  MSE MSE A . n 
A 1 59  ASP 59  59  59  ASP ASP A . n 
A 1 60  TYR 60  60  60  TYR TYR A . n 
A 1 61  LYS 61  61  61  LYS LYS A . n 
A 1 62  LYS 62  62  62  LYS LYS A . n 
A 1 63  ASP 63  63  63  ASP ASP A . n 
A 1 64  TYR 64  64  64  TYR TYR A . n 
A 1 65  ASN 65  65  65  ASN ASN A . n 
A 1 66  GLU 66  66  66  GLU GLU A . n 
A 1 67  VAL 67  67  67  VAL VAL A . n 
A 1 68  ILE 68  68  68  ILE ILE A . n 
A 1 69  ASP 69  69  69  ASP ASP A . n 
A 1 70  SER 70  70  70  SER SER A . n 
A 1 71  ASN 71  71  71  ASN ASN A . n 
A 1 72  ILE 72  72  72  ILE ILE A . n 
A 1 73  GLY 73  73  73  GLY GLY A . n 
A 1 74  LYS 74  74  74  LYS LYS A . n 
A 1 75  PHE 75  75  75  PHE PHE A . n 
A 1 76  TYR 76  76  76  TYR TYR A . n 
A 1 77  TYR 77  77  77  TYR TYR A . n 
A 1 78  LYS 78  78  78  LYS LYS A . n 
A 1 79  GLY 79  79  79  GLY GLY A . n 
A 1 80  TYR 80  80  80  TYR TYR A . n 
A 1 81  SER 81  81  81  SER SER A . n 
A 1 82  LYS 82  82  82  LYS LYS A . n 
A 1 83  MSE 83  83  83  MSE MSE A . n 
A 1 84  TYR 84  84  84  TYR TYR A . n 
A 1 85  MSE 85  85  85  MSE MSE A . n 
A 1 86  ASP 86  86  86  ASP ASP A . n 
A 1 87  ASP 87  87  87  ASP ASP A . n 
A 1 88  ASN 88  88  88  ASN ASN A . n 
A 1 89  MSE 89  89  89  MSE MSE A . n 
A 1 90  LYS 90  90  90  LYS LYS A . n 
A 1 91  ILE 91  91  91  ILE ILE A . n 
A 1 92  SER 92  92  92  SER SER A . n 
A 1 93  LEU 93  93  93  LEU LEU A . n 
A 1 94  ASN 94  94  94  ASN ASN A . n 
A 1 95  THR 95  95  95  THR THR A . n 
A 1 96  ASN 96  96  96  ASN ASN A . n 
A 1 97  ASN 97  97  97  ASN ASN A . n 
A 1 98  SER 98  98  98  SER SER A . n 
A 1 99  LEU 99  99  99  LEU LEU A . n 
A 1 100 LEU 100 100 100 LEU LEU A . n 
A 1 101 ARG 101 101 101 ARG ARG A . n 
A 1 102 LEU 102 102 102 LEU LEU A . n 
A 1 103 THR 103 103 103 THR THR A . n 
A 1 104 GLY 104 104 104 GLY GLY A . n 
A 1 105 ASP 105 105 105 ASP ASP A . n 
A 1 106 ASN 106 106 106 ASN ASN A . n 
A 1 107 SER 107 107 107 SER SER A . n 
A 1 108 GLY 108 108 108 GLY GLY A . n 
A 1 109 GLU 109 109 109 GLU GLU A . n 
A 1 110 LEU 110 110 110 LEU LEU A . n 
A 1 111 MSE 111 111 111 MSE MSE A . n 
A 1 112 PRO 112 112 112 PRO PRO A . n 
A 1 113 ALA 113 113 113 ALA ALA A . n 
A 1 114 LEU 114 114 114 LEU LEU A . n 
A 1 115 SER 115 115 115 SER SER A . n 
A 1 116 ILE 116 116 116 ILE ILE A . n 
A 1 117 GLN 117 117 117 GLN GLN A . n 
A 1 118 ASP 118 118 118 ASP ASP A . n 
A 1 119 PHE 119 119 119 PHE PHE A . n 
A 1 120 ARG 120 120 120 ARG ARG A . n 
A 1 121 GLU 121 121 121 GLU GLU A . n 
A 1 122 GLY 122 122 ?   ?   ?   A . n 
A 1 123 HIS 123 123 ?   ?   ?   A . n 
A 1 124 HIS 124 124 ?   ?   ?   A . n 
A 1 125 HIS 125 125 ?   ?   ?   A . n 
A 1 126 HIS 126 126 ?   ?   ?   A . n 
A 1 127 HIS 127 127 ?   ?   ?   A . n 
A 1 128 HIS 128 128 ?   ?   ?   A . n 
# 
loop_
_pdbx_nonpoly_scheme.asym_id 
_pdbx_nonpoly_scheme.entity_id 
_pdbx_nonpoly_scheme.mon_id 
_pdbx_nonpoly_scheme.ndb_seq_num 
_pdbx_nonpoly_scheme.pdb_seq_num 
_pdbx_nonpoly_scheme.auth_seq_num 
_pdbx_nonpoly_scheme.pdb_mon_id 
_pdbx_nonpoly_scheme.auth_mon_id 
_pdbx_nonpoly_scheme.pdb_strand_id 
_pdbx_nonpoly_scheme.pdb_ins_code 
B 2 HOH 1  129 1  HOH TIP A . 
B 2 HOH 2  130 2  HOH TIP A . 
B 2 HOH 3  131 3  HOH TIP A . 
B 2 HOH 4  132 4  HOH TIP A . 
B 2 HOH 5  133 5  HOH TIP A . 
B 2 HOH 6  134 6  HOH TIP A . 
B 2 HOH 7  135 7  HOH TIP A . 
B 2 HOH 8  136 8  HOH TIP A . 
B 2 HOH 9  137 9  HOH TIP A . 
B 2 HOH 10 138 10 HOH TIP A . 
B 2 HOH 11 139 11 HOH TIP A . 
B 2 HOH 12 140 12 HOH TIP A . 
B 2 HOH 13 141 13 HOH TIP A . 
B 2 HOH 14 142 15 HOH TIP A . 
B 2 HOH 15 143 16 HOH TIP A . 
B 2 HOH 16 144 18 HOH TIP A . 
B 2 HOH 17 145 19 HOH TIP A . 
B 2 HOH 18 146 20 HOH TIP A . 
B 2 HOH 19 147 29 HOH TIP A . 
B 2 HOH 20 148 30 HOH TIP A . 
B 2 HOH 21 149 31 HOH TIP A . 
B 2 HOH 22 150 32 HOH TIP A . 
B 2 HOH 23 151 34 HOH TIP A . 
B 2 HOH 24 152 39 HOH TIP A . 
B 2 HOH 25 153 42 HOH TIP A . 
B 2 HOH 26 154 43 HOH TIP A . 
B 2 HOH 27 155 44 HOH TIP A . 
B 2 HOH 28 156 45 HOH TIP A . 
B 2 HOH 29 157 56 HOH TIP A . 
B 2 HOH 30 158 66 HOH TIP A . 
# 
loop_
_software.name 
_software.classification 
_software.version 
_software.citation_id 
_software.pdbx_ordinal 
CNS      refinement        1.1 ? 1 
CBASS    'data collection' .   ? 2 
HKL-2000 'data reduction'  .   ? 3 
HKL-2000 'data scaling'    .   ? 4 
SHELXD   phasing           .   ? 5 
SHARP    phasing           .   ? 6 
# 
_cell.entry_id           2P2E 
_cell.length_a           94.577 
_cell.length_b           94.577 
_cell.length_c           36.854 
_cell.angle_alpha        90.00 
_cell.angle_beta         90.00 
_cell.angle_gamma        120.00 
_cell.Z_PDB              6 
_cell.pdbx_unique_axis   ? 
_cell.length_a_esd       ? 
_cell.length_b_esd       ? 
_cell.length_c_esd       ? 
_cell.angle_alpha_esd    ? 
_cell.angle_beta_esd     ? 
_cell.angle_gamma_esd    ? 
# 
_symmetry.entry_id                         2P2E 
_symmetry.space_group_name_H-M             'P 31 2 1' 
_symmetry.pdbx_full_space_group_name_H-M   ? 
_symmetry.cell_setting                     ? 
_symmetry.Int_Tables_number                152 
_symmetry.space_group_name_Hall            ? 
# 
_exptl.entry_id          2P2E 
_exptl.method            'X-RAY DIFFRACTION' 
_exptl.crystals_number   1 
# 
_exptl_crystal.id                    1 
_exptl_crystal.density_meas          ? 
_exptl_crystal.density_Matthews      3.21 
_exptl_crystal.density_percent_sol   61.67 
_exptl_crystal.description           ? 
_exptl_crystal.F_000                 ? 
_exptl_crystal.preparation           ? 
# 
_exptl_crystal_grow.crystal_id      1 
_exptl_crystal_grow.method          'VAPOR DIFFUSION, SITTING DROP' 
_exptl_crystal_grow.temp            278 
_exptl_crystal_grow.temp_details    ? 
_exptl_crystal_grow.pH              4.6 
_exptl_crystal_grow.pdbx_details    
'0.1M Ammonium acetate, 0.1M Sodium acetate, 25% PEG 4000, pH 4.6, VAPOR DIFFUSION, SITTING DROP, temperature 278K' 
_exptl_crystal_grow.pdbx_pH_range   . 
# 
_diffrn.id                     1 
_diffrn.ambient_temp           100 
_diffrn.ambient_temp_details   ? 
_diffrn.crystal_id             1 
# 
_diffrn_detector.diffrn_id              1 
_diffrn_detector.detector               CCD 
_diffrn_detector.type                   'ADSC QUANTUM 315' 
_diffrn_detector.pdbx_collection_date   2007-03-02 
_diffrn_detector.details                mirrors 
# 
_diffrn_radiation.diffrn_id                        1 
_diffrn_radiation.wavelength_id                    1 
_diffrn_radiation.pdbx_monochromatic_or_laue_m_l   M 
_diffrn_radiation.monochromator                    Si-III 
_diffrn_radiation.pdbx_diffrn_protocol             'SINGLE WAVELENGTH' 
_diffrn_radiation.pdbx_scattering_type             x-ray 
# 
_diffrn_radiation_wavelength.id           1 
_diffrn_radiation_wavelength.wavelength   0.97920 
_diffrn_radiation_wavelength.wt           1.0 
# 
_diffrn_source.diffrn_id                   1 
_diffrn_source.source                      SYNCHROTRON 
_diffrn_source.type                        'NSLS BEAMLINE X29A' 
_diffrn_source.pdbx_synchrotron_site       NSLS 
_diffrn_source.pdbx_synchrotron_beamline   X29A 
_diffrn_source.pdbx_wavelength             ? 
_diffrn_source.pdbx_wavelength_list        0.97920 
# 
_reflns.entry_id                     2P2E 
_reflns.observed_criterion_sigma_I   0 
_reflns.observed_criterion_sigma_F   0 
_reflns.d_resolution_low             50.0 
_reflns.d_resolution_high            2.48 
_reflns.number_obs                   6368 
_reflns.number_all                   6368 
_reflns.percent_possible_obs         91.8 
_reflns.pdbx_Rmerge_I_obs            0.09 
_reflns.pdbx_Rsym_value              ? 
_reflns.pdbx_netI_over_sigmaI        7.6 
_reflns.B_iso_Wilson_estimate        30.1 
_reflns.pdbx_redundancy              16.4 
_reflns.R_free_details               ? 
_reflns.limit_h_max                  ? 
_reflns.limit_h_min                  ? 
_reflns.limit_k_max                  ? 
_reflns.limit_k_min                  ? 
_reflns.limit_l_max                  ? 
_reflns.limit_l_min                  ? 
_reflns.observed_criterion_F_max     ? 
_reflns.observed_criterion_F_min     ? 
_reflns.pdbx_chi_squared             ? 
_reflns.pdbx_scaling_rejects         ? 
_reflns.pdbx_ordinal                 1 
_reflns.pdbx_diffrn_id               1 
# 
_reflns_shell.d_res_high             2.48 
_reflns_shell.d_res_low              2.57 
_reflns_shell.percent_possible_all   52.1 
_reflns_shell.Rmerge_I_obs           0.34 
_reflns_shell.pdbx_Rsym_value        ? 
_reflns_shell.meanI_over_sigI_obs    1.0 
_reflns_shell.pdbx_redundancy        3 
_reflns_shell.percent_possible_obs   ? 
_reflns_shell.number_unique_all      352 
_reflns_shell.number_measured_all    ? 
_reflns_shell.number_measured_obs    ? 
_reflns_shell.number_unique_obs      ? 
_reflns_shell.pdbx_chi_squared       ? 
_reflns_shell.pdbx_ordinal           1 
_reflns_shell.pdbx_diffrn_id         1 
# 
_refine.entry_id                                 2P2E 
_refine.ls_number_reflns_obs                     6133 
_refine.ls_number_reflns_all                     6133 
_refine.pdbx_ls_sigma_I                          ? 
_refine.pdbx_ls_sigma_F                          0.0 
_refine.pdbx_data_cutoff_high_absF               45461.85 
_refine.pdbx_data_cutoff_low_absF                0.000000 
_refine.pdbx_data_cutoff_high_rms_absF           ? 
_refine.ls_d_res_low                             47.29 
_refine.ls_d_res_high                            2.48 
_refine.ls_percent_reflns_obs                    88.6 
_refine.ls_R_factor_obs                          0.229 
_refine.ls_R_factor_all                          0.229 
_refine.ls_R_factor_R_work                       0.229 
_refine.ls_R_factor_R_free                       0.273 
_refine.ls_R_factor_R_free_error                 0.019 
_refine.ls_R_factor_R_free_error_details         ? 
_refine.ls_percent_reflns_R_free                 3.2 
_refine.ls_number_reflns_R_free                  198 
_refine.ls_number_parameters                     ? 
_refine.ls_number_restraints                     ? 
_refine.occupancy_min                            ? 
_refine.occupancy_max                            ? 
_refine.correlation_coeff_Fo_to_Fc               ? 
_refine.correlation_coeff_Fo_to_Fc_free          ? 
_refine.B_iso_mean                               28.1 
_refine.aniso_B[1][1]                            0.62 
_refine.aniso_B[2][2]                            0.62 
_refine.aniso_B[3][3]                            -1.23 
_refine.aniso_B[1][2]                            4.15 
_refine.aniso_B[1][3]                            0.00 
_refine.aniso_B[2][3]                            0.00 
_refine.solvent_model_details                    'FLAT MODEL' 
_refine.solvent_model_param_ksol                 0.366131 
_refine.solvent_model_param_bsol                 31.4843 
_refine.pdbx_solvent_vdw_probe_radii             ? 
_refine.pdbx_solvent_ion_probe_radii             ? 
_refine.pdbx_solvent_shrinkage_radii             ? 
_refine.pdbx_ls_cross_valid_method               THROUGHOUT 
_refine.details                                  ? 
_refine.pdbx_starting_model                      ? 
_refine.pdbx_method_to_determine_struct          SAD 
_refine.pdbx_isotropic_thermal_model             RESTRAINED 
_refine.pdbx_stereochemistry_target_values       'Engh & Huber' 
_refine.pdbx_stereochem_target_val_spec_case     ? 
_refine.pdbx_R_Free_selection_details            RANDOM 
_refine.pdbx_overall_ESU_R                       ? 
_refine.pdbx_overall_ESU_R_Free                  ? 
_refine.overall_SU_ML                            ? 
_refine.overall_SU_B                             ? 
_refine.ls_redundancy_reflns_obs                 ? 
_refine.B_iso_min                                ? 
_refine.B_iso_max                                ? 
_refine.overall_SU_R_Cruickshank_DPI             ? 
_refine.overall_SU_R_free                        ? 
_refine.ls_wR_factor_R_free                      ? 
_refine.ls_wR_factor_R_work                      ? 
_refine.overall_FOM_free_R_set                   ? 
_refine.overall_FOM_work_R_set                   ? 
_refine.pdbx_refine_id                           'X-RAY DIFFRACTION' 
_refine.pdbx_diffrn_id                           1 
_refine.pdbx_TLS_residual_ADP_flag               ? 
_refine.pdbx_overall_phase_error                 ? 
_refine.pdbx_overall_SU_R_free_Cruickshank_DPI   ? 
_refine.pdbx_overall_SU_R_Blow_DPI               ? 
_refine.pdbx_overall_SU_R_free_Blow_DPI          ? 
# 
_refine_analyze.entry_id                        2P2E 
_refine_analyze.Luzzati_coordinate_error_obs    0.32 
_refine_analyze.Luzzati_sigma_a_obs             0.34 
_refine_analyze.Luzzati_d_res_low_obs           5.00 
_refine_analyze.Luzzati_coordinate_error_free   0.35 
_refine_analyze.Luzzati_sigma_a_free            0.31 
_refine_analyze.Luzzati_d_res_low_free          ? 
_refine_analyze.number_disordered_residues      ? 
_refine_analyze.occupancy_sum_hydrogen          ? 
_refine_analyze.occupancy_sum_non_hydrogen      ? 
_refine_analyze.pdbx_Luzzati_d_res_high_obs     ? 
_refine_analyze.pdbx_refine_id                  'X-RAY DIFFRACTION' 
# 
_refine_hist.pdbx_refine_id                   'X-RAY DIFFRACTION' 
_refine_hist.cycle_id                         LAST 
_refine_hist.pdbx_number_atoms_protein        939 
_refine_hist.pdbx_number_atoms_nucleic_acid   0 
_refine_hist.pdbx_number_atoms_ligand         0 
_refine_hist.number_atoms_solvent             30 
_refine_hist.number_atoms_total               969 
_refine_hist.d_res_high                       2.48 
_refine_hist.d_res_low                        47.29 
# 
loop_
_refine_ls_restr.type 
_refine_ls_restr.dev_ideal 
_refine_ls_restr.dev_ideal_target 
_refine_ls_restr.weight 
_refine_ls_restr.number 
_refine_ls_restr.pdbx_refine_id 
_refine_ls_restr.pdbx_restraint_function 
c_bond_d           0.008 ? ? ? 'X-RAY DIFFRACTION' ? 
c_angle_deg        1.3   ? ? ? 'X-RAY DIFFRACTION' ? 
c_dihedral_angle_d 25.9  ? ? ? 'X-RAY DIFFRACTION' ? 
c_improper_angle_d 0.64  ? ? ? 'X-RAY DIFFRACTION' ? 
# 
_refine_ls_shell.pdbx_total_number_of_bins_used   6 
_refine_ls_shell.d_res_high                       2.48 
_refine_ls_shell.d_res_low                        2.64 
_refine_ls_shell.number_reflns_R_work             594 
_refine_ls_shell.R_factor_R_work                  0.308 
_refine_ls_shell.percent_reflns_obs               54.1 
_refine_ls_shell.R_factor_R_free                  0.327 
_refine_ls_shell.R_factor_R_free_error            0.068 
_refine_ls_shell.percent_reflns_R_free            3.7 
_refine_ls_shell.number_reflns_R_free             23 
_refine_ls_shell.number_reflns_all                ? 
_refine_ls_shell.R_factor_all                     ? 
_refine_ls_shell.number_reflns_obs                ? 
_refine_ls_shell.redundancy_reflns_obs            ? 
_refine_ls_shell.pdbx_refine_id                   'X-RAY DIFFRACTION' 
# 
loop_
_pdbx_xplor_file.serial_no 
_pdbx_xplor_file.param_file 
_pdbx_xplor_file.topol_file 
_pdbx_xplor_file.pdbx_refine_id 
1 protein_rep.param protein.top 'X-RAY DIFFRACTION' 
2 ion.param         ?           'X-RAY DIFFRACTION' 
3 water_rep.param   ?           'X-RAY DIFFRACTION' 
# 
_struct.entry_id                  2P2E 
_struct.title                     
'Crystal structure of a putative Fe-S biosynthesis protein from Lactobacillus salivarius with novel protein fold' 
_struct.pdbx_model_details        ? 
_struct.pdbx_CASP_flag            ? 
_struct.pdbx_model_type_details   ? 
# 
_struct_keywords.entry_id        2P2E 
_struct_keywords.pdbx_keywords   'STRUCTURAL GENOMICS, UNKNOWN FUNCTION' 
_struct_keywords.text            
;hypothetical protein, beta-barrel, Fe-S biosynthesis, 10399l, Structural Genomics, Protein Structure Initiative, PSI-2, New York SGX Research Center for Structural Genomics, NYSGXRC, UNKNOWN FUNCTION
;
# 
loop_
_struct_asym.id 
_struct_asym.pdbx_blank_PDB_chainid_flag 
_struct_asym.pdbx_modified 
_struct_asym.entity_id 
_struct_asym.details 
A N N 1 ? 
B N N 2 ? 
# 
_struct_ref.id                         1 
_struct_ref.db_name                    UNP 
_struct_ref.db_code                    Q1WRG6_LACS1 
_struct_ref.pdbx_db_accession          Q1WRG6 
_struct_ref.entity_id                  1 
_struct_ref.pdbx_seq_one_letter_code   
;KITVTDDAAKKLQRYTDDSNAVLLLDFDDGVGALSKVGVCSLNSDFRILVVSKDMDYKKDYNEVIDSNIGKFYYKGYSKM
YMDDNMKISLNTNNSLLRLTGDNSGELMPALSIQDFR
;
_struct_ref.pdbx_align_begin           2 
_struct_ref.pdbx_db_isoform            ? 
# 
_struct_ref_seq.align_id                      1 
_struct_ref_seq.ref_id                        1 
_struct_ref_seq.pdbx_PDB_id_code              2P2E 
_struct_ref_seq.pdbx_strand_id                A 
_struct_ref_seq.seq_align_beg                 4 
_struct_ref_seq.pdbx_seq_align_beg_ins_code   ? 
_struct_ref_seq.seq_align_end                 120 
_struct_ref_seq.pdbx_seq_align_end_ins_code   ? 
_struct_ref_seq.pdbx_db_accession             Q1WRG6 
_struct_ref_seq.db_align_beg                  2 
_struct_ref_seq.pdbx_db_align_beg_ins_code    ? 
_struct_ref_seq.db_align_end                  118 
_struct_ref_seq.pdbx_db_align_end_ins_code    ? 
_struct_ref_seq.pdbx_auth_seq_align_beg       4 
_struct_ref_seq.pdbx_auth_seq_align_end       120 
# 
loop_
_struct_ref_seq_dif.align_id 
_struct_ref_seq_dif.pdbx_pdb_id_code 
_struct_ref_seq_dif.mon_id 
_struct_ref_seq_dif.pdbx_pdb_strand_id 
_struct_ref_seq_dif.seq_num 
_struct_ref_seq_dif.pdbx_pdb_ins_code 
_struct_ref_seq_dif.pdbx_seq_db_name 
_struct_ref_seq_dif.pdbx_seq_db_accession_code 
_struct_ref_seq_dif.db_mon_id 
_struct_ref_seq_dif.pdbx_seq_db_seq_num 
_struct_ref_seq_dif.details 
_struct_ref_seq_dif.pdbx_auth_seq_num 
_struct_ref_seq_dif.pdbx_ordinal 
1 2P2E MSE A 1   ? UNP Q1WRG6 ?   ?   'cloning artifact' 1   1  
1 2P2E SER A 2   ? UNP Q1WRG6 ?   ?   'cloning artifact' 2   2  
1 2P2E LEU A 3   ? UNP Q1WRG6 ?   ?   'cloning artifact' 3   3  
1 2P2E MSE A 58  ? UNP Q1WRG6 MET 56  'modified residue' 58  4  
1 2P2E MSE A 83  ? UNP Q1WRG6 MET 81  'modified residue' 83  5  
1 2P2E MSE A 85  ? UNP Q1WRG6 MET 83  'modified residue' 85  6  
1 2P2E MSE A 89  ? UNP Q1WRG6 MET 87  'modified residue' 89  7  
1 2P2E MSE A 111 ? UNP Q1WRG6 MET 109 'modified residue' 111 8  
1 2P2E GLU A 121 ? UNP Q1WRG6 ?   ?   'cloning artifact' 121 9  
1 2P2E GLY A 122 ? UNP Q1WRG6 ?   ?   'cloning artifact' 122 10 
1 2P2E HIS A 123 ? UNP Q1WRG6 ?   ?   'cloning artifact' 123 11 
1 2P2E HIS A 124 ? UNP Q1WRG6 ?   ?   'cloning artifact' 124 12 
1 2P2E HIS A 125 ? UNP Q1WRG6 ?   ?   'cloning artifact' 125 13 
1 2P2E HIS A 126 ? UNP Q1WRG6 ?   ?   'cloning artifact' 126 14 
1 2P2E HIS A 127 ? UNP Q1WRG6 ?   ?   'cloning artifact' 127 15 
1 2P2E HIS A 128 ? UNP Q1WRG6 ?   ?   'cloning artifact' 128 16 
# 
_pdbx_struct_assembly.id                   1 
_pdbx_struct_assembly.details              author_defined_assembly 
_pdbx_struct_assembly.method_details       ? 
_pdbx_struct_assembly.oligomeric_details   monomeric 
_pdbx_struct_assembly.oligomeric_count     1 
# 
_pdbx_struct_assembly_gen.assembly_id       1 
_pdbx_struct_assembly_gen.oper_expression   1 
_pdbx_struct_assembly_gen.asym_id_list      A,B 
# 
_pdbx_struct_oper_list.id                   1 
_pdbx_struct_oper_list.type                 'identity operation' 
_pdbx_struct_oper_list.name                 1_555 
_pdbx_struct_oper_list.symmetry_operation   x,y,z 
_pdbx_struct_oper_list.matrix[1][1]         1.0000000000 
_pdbx_struct_oper_list.matrix[1][2]         0.0000000000 
_pdbx_struct_oper_list.matrix[1][3]         0.0000000000 
_pdbx_struct_oper_list.vector[1]            0.0000000000 
_pdbx_struct_oper_list.matrix[2][1]         0.0000000000 
_pdbx_struct_oper_list.matrix[2][2]         1.0000000000 
_pdbx_struct_oper_list.matrix[2][3]         0.0000000000 
_pdbx_struct_oper_list.vector[2]            0.0000000000 
_pdbx_struct_oper_list.matrix[3][1]         0.0000000000 
_pdbx_struct_oper_list.matrix[3][2]         0.0000000000 
_pdbx_struct_oper_list.matrix[3][3]         1.0000000000 
_pdbx_struct_oper_list.vector[3]            0.0000000000 
# 
_struct_biol.id   1 
# 
loop_
_struct_conf.conf_type_id 
_struct_conf.id 
_struct_conf.pdbx_PDB_helix_id 
_struct_conf.beg_label_comp_id 
_struct_conf.beg_label_asym_id 
_struct_conf.beg_label_seq_id 
_struct_conf.pdbx_beg_PDB_ins_code 
_struct_conf.end_label_comp_id 
_struct_conf.end_label_asym_id 
_struct_conf.end_label_seq_id 
_struct_conf.pdbx_end_PDB_ins_code 
_struct_conf.beg_auth_comp_id 
_struct_conf.beg_auth_asym_id 
_struct_conf.beg_auth_seq_id 
_struct_conf.end_auth_comp_id 
_struct_conf.end_auth_asym_id 
_struct_conf.end_auth_seq_id 
_struct_conf.pdbx_PDB_helix_class 
_struct_conf.details 
_struct_conf.pdbx_PDB_helix_length 
HELX_P HELX_P1 1 THR A 8  ? ASP A 20 ? THR A 8  ASP A 20 1 ? 13 
HELX_P HELX_P2 2 GLY A 35 ? VAL A 40 ? GLY A 35 VAL A 40 5 ? 6  
HELX_P HELX_P3 3 LYS A 78 ? MSE A 85 ? LYS A 78 MSE A 85 5 ? 8  
# 
_struct_conf_type.id          HELX_P 
_struct_conf_type.criteria    ? 
_struct_conf_type.reference   ? 
# 
loop_
_struct_conn.id 
_struct_conn.conn_type_id 
_struct_conn.pdbx_leaving_atom_flag 
_struct_conn.pdbx_PDB_id 
_struct_conn.ptnr1_label_asym_id 
_struct_conn.ptnr1_label_comp_id 
_struct_conn.ptnr1_label_seq_id 
_struct_conn.ptnr1_label_atom_id 
_struct_conn.pdbx_ptnr1_label_alt_id 
_struct_conn.pdbx_ptnr1_PDB_ins_code 
_struct_conn.pdbx_ptnr1_standard_comp_id 
_struct_conn.ptnr1_symmetry 
_struct_conn.ptnr2_label_asym_id 
_struct_conn.ptnr2_label_comp_id 
_struct_conn.ptnr2_label_seq_id 
_struct_conn.ptnr2_label_atom_id 
_struct_conn.pdbx_ptnr2_label_alt_id 
_struct_conn.pdbx_ptnr2_PDB_ins_code 
_struct_conn.ptnr1_auth_asym_id 
_struct_conn.ptnr1_auth_comp_id 
_struct_conn.ptnr1_auth_seq_id 
_struct_conn.ptnr2_auth_asym_id 
_struct_conn.ptnr2_auth_comp_id 
_struct_conn.ptnr2_auth_seq_id 
_struct_conn.ptnr2_symmetry 
_struct_conn.pdbx_ptnr3_label_atom_id 
_struct_conn.pdbx_ptnr3_label_seq_id 
_struct_conn.pdbx_ptnr3_label_comp_id 
_struct_conn.pdbx_ptnr3_label_asym_id 
_struct_conn.pdbx_ptnr3_label_alt_id 
_struct_conn.pdbx_ptnr3_PDB_ins_code 
_struct_conn.details 
_struct_conn.pdbx_dist_value 
_struct_conn.pdbx_value_order 
_struct_conn.pdbx_role 
covale1  covale both ? A ASP 57  C ? ? ? 1_555 A MSE 58  N ? ? A ASP 57  A MSE 58  1_555 ? ? ? ? ? ? ? 1.328 ? ? 
covale2  covale both ? A MSE 58  C ? ? ? 1_555 A ASP 59  N ? ? A MSE 58  A ASP 59  1_555 ? ? ? ? ? ? ? 1.326 ? ? 
covale3  covale both ? A LYS 82  C ? ? ? 1_555 A MSE 83  N ? ? A LYS 82  A MSE 83  1_555 ? ? ? ? ? ? ? 1.332 ? ? 
covale4  covale both ? A MSE 83  C ? ? ? 1_555 A TYR 84  N ? ? A MSE 83  A TYR 84  1_555 ? ? ? ? ? ? ? 1.329 ? ? 
covale5  covale both ? A TYR 84  C ? ? ? 1_555 A MSE 85  N ? ? A TYR 84  A MSE 85  1_555 ? ? ? ? ? ? ? 1.324 ? ? 
covale6  covale both ? A MSE 85  C ? ? ? 1_555 A ASP 86  N ? ? A MSE 85  A ASP 86  1_555 ? ? ? ? ? ? ? 1.324 ? ? 
covale7  covale both ? A ASN 88  C ? ? ? 1_555 A MSE 89  N ? ? A ASN 88  A MSE 89  1_555 ? ? ? ? ? ? ? 1.322 ? ? 
covale8  covale both ? A MSE 89  C ? ? ? 1_555 A LYS 90  N ? ? A MSE 89  A LYS 90  1_555 ? ? ? ? ? ? ? 1.321 ? ? 
covale9  covale both ? A LEU 110 C ? ? ? 1_555 A MSE 111 N ? ? A LEU 110 A MSE 111 1_555 ? ? ? ? ? ? ? 1.331 ? ? 
covale10 covale both ? A MSE 111 C ? ? ? 1_555 A PRO 112 N ? ? A MSE 111 A PRO 112 1_555 ? ? ? ? ? ? ? 1.336 ? ? 
# 
_struct_conn_type.id          covale 
_struct_conn_type.criteria    ? 
_struct_conn_type.reference   ? 
# 
loop_
_pdbx_modification_feature.ordinal 
_pdbx_modification_feature.label_comp_id 
_pdbx_modification_feature.label_asym_id 
_pdbx_modification_feature.label_seq_id 
_pdbx_modification_feature.label_alt_id 
_pdbx_modification_feature.modified_residue_label_comp_id 
_pdbx_modification_feature.modified_residue_label_asym_id 
_pdbx_modification_feature.modified_residue_label_seq_id 
_pdbx_modification_feature.modified_residue_label_alt_id 
_pdbx_modification_feature.auth_comp_id 
_pdbx_modification_feature.auth_asym_id 
_pdbx_modification_feature.auth_seq_id 
_pdbx_modification_feature.PDB_ins_code 
_pdbx_modification_feature.symmetry 
_pdbx_modification_feature.modified_residue_auth_comp_id 
_pdbx_modification_feature.modified_residue_auth_asym_id 
_pdbx_modification_feature.modified_residue_auth_seq_id 
_pdbx_modification_feature.modified_residue_PDB_ins_code 
_pdbx_modification_feature.modified_residue_symmetry 
_pdbx_modification_feature.comp_id_linking_atom 
_pdbx_modification_feature.modified_residue_id_linking_atom 
_pdbx_modification_feature.modified_residue_id 
_pdbx_modification_feature.ref_pcm_id 
_pdbx_modification_feature.ref_comp_id 
_pdbx_modification_feature.type 
_pdbx_modification_feature.category 
1 MSE A 58  ? . . . . MSE A 58  ? 1_555 . . . . . . . MET 1 MSE Selenomethionine 'Named protein modification' 
2 MSE A 83  ? . . . . MSE A 83  ? 1_555 . . . . . . . MET 1 MSE Selenomethionine 'Named protein modification' 
3 MSE A 85  ? . . . . MSE A 85  ? 1_555 . . . . . . . MET 1 MSE Selenomethionine 'Named protein modification' 
4 MSE A 89  ? . . . . MSE A 89  ? 1_555 . . . . . . . MET 1 MSE Selenomethionine 'Named protein modification' 
5 MSE A 111 ? . . . . MSE A 111 ? 1_555 . . . . . . . MET 1 MSE Selenomethionine 'Named protein modification' 
# 
_struct_sheet.id               A 
_struct_sheet.type             ? 
_struct_sheet.number_strands   9 
_struct_sheet.details          ? 
# 
loop_
_struct_sheet_order.sheet_id 
_struct_sheet_order.range_id_1 
_struct_sheet_order.range_id_2 
_struct_sheet_order.offset 
_struct_sheet_order.sense 
A 1 2 ? anti-parallel 
A 2 3 ? anti-parallel 
A 3 4 ? parallel      
A 4 5 ? parallel      
A 5 6 ? anti-parallel 
A 6 7 ? parallel      
A 7 8 ? anti-parallel 
A 8 9 ? parallel      
# 
loop_
_struct_sheet_range.sheet_id 
_struct_sheet_range.id 
_struct_sheet_range.beg_label_comp_id 
_struct_sheet_range.beg_label_asym_id 
_struct_sheet_range.beg_label_seq_id 
_struct_sheet_range.pdbx_beg_PDB_ins_code 
_struct_sheet_range.end_label_comp_id 
_struct_sheet_range.end_label_asym_id 
_struct_sheet_range.end_label_seq_id 
_struct_sheet_range.pdbx_end_PDB_ins_code 
_struct_sheet_range.beg_auth_comp_id 
_struct_sheet_range.beg_auth_asym_id 
_struct_sheet_range.beg_auth_seq_id 
_struct_sheet_range.end_auth_comp_id 
_struct_sheet_range.end_auth_asym_id 
_struct_sheet_range.end_auth_seq_id 
A 1 GLY A 108 ? LEU A 114 ? GLY A 108 LEU A 114 
A 2 LEU A 100 ? GLY A 104 ? LEU A 100 GLY A 104 
A 3 ASN A 88  ? LEU A 93  ? ASN A 88  LEU A 93  
A 4 LYS A 4   ? VAL A 7   ? LYS A 4   VAL A 7   
A 5 GLU A 66  ? SER A 70  ? GLU A 66  SER A 70  
A 6 PHE A 75  ? TYR A 77  ? PHE A 75  TYR A 77  
A 7 ALA A 24  ? PHE A 30  ? ALA A 24  PHE A 30  
A 8 PHE A 49  ? SER A 55  ? PHE A 49  SER A 55  
A 9 ILE A 116 ? ASP A 118 ? ILE A 116 ASP A 118 
# 
loop_
_pdbx_struct_sheet_hbond.sheet_id 
_pdbx_struct_sheet_hbond.range_id_1 
_pdbx_struct_sheet_hbond.range_id_2 
_pdbx_struct_sheet_hbond.range_1_label_atom_id 
_pdbx_struct_sheet_hbond.range_1_label_comp_id 
_pdbx_struct_sheet_hbond.range_1_label_asym_id 
_pdbx_struct_sheet_hbond.range_1_label_seq_id 
_pdbx_struct_sheet_hbond.range_1_PDB_ins_code 
_pdbx_struct_sheet_hbond.range_1_auth_atom_id 
_pdbx_struct_sheet_hbond.range_1_auth_comp_id 
_pdbx_struct_sheet_hbond.range_1_auth_asym_id 
_pdbx_struct_sheet_hbond.range_1_auth_seq_id 
_pdbx_struct_sheet_hbond.range_2_label_atom_id 
_pdbx_struct_sheet_hbond.range_2_label_comp_id 
_pdbx_struct_sheet_hbond.range_2_label_asym_id 
_pdbx_struct_sheet_hbond.range_2_label_seq_id 
_pdbx_struct_sheet_hbond.range_2_PDB_ins_code 
_pdbx_struct_sheet_hbond.range_2_auth_atom_id 
_pdbx_struct_sheet_hbond.range_2_auth_comp_id 
_pdbx_struct_sheet_hbond.range_2_auth_asym_id 
_pdbx_struct_sheet_hbond.range_2_auth_seq_id 
A 1 2 O LEU A 114 ? O LEU A 114 N LEU A 100 ? N LEU A 100 
A 2 3 O THR A 103 ? O THR A 103 N LYS A 90  ? N LYS A 90  
A 3 4 O MSE A 89  ? O MSE A 89  N LYS A 4   ? N LYS A 4   
A 4 5 N ILE A 5   ? N ILE A 5   O ASP A 69  ? O ASP A 69  
A 5 6 N ILE A 68  ? N ILE A 68  O PHE A 75  ? O PHE A 75  
A 6 7 O TYR A 76  ? O TYR A 76  N LEU A 26  ? N LEU A 26  
A 7 8 N LEU A 27  ? N LEU A 27  O LEU A 52  ? O LEU A 52  
A 8 9 N ILE A 51  ? N ILE A 51  O GLN A 117 ? O GLN A 117 
# 
_pdbx_entry_details.entry_id                   2P2E 
_pdbx_entry_details.compound_details           ? 
_pdbx_entry_details.source_details             ? 
_pdbx_entry_details.nonpolymer_details         ? 
_pdbx_entry_details.sequence_details           ? 
_pdbx_entry_details.has_ligand_of_interest     ? 
_pdbx_entry_details.has_protein_modification   Y 
# 
loop_
_pdbx_validate_torsion.id 
_pdbx_validate_torsion.PDB_model_num 
_pdbx_validate_torsion.auth_comp_id 
_pdbx_validate_torsion.auth_asym_id 
_pdbx_validate_torsion.auth_seq_id 
_pdbx_validate_torsion.PDB_ins_code 
_pdbx_validate_torsion.label_alt_id 
_pdbx_validate_torsion.phi 
_pdbx_validate_torsion.psi 
1 1 ASP A 31 ? ? -69.23 85.29  
2 1 VAL A 42 ? ? -47.60 152.49 
3 1 LEU A 45 ? ? -65.75 47.21  
4 1 LYS A 56 ? ? -66.83 1.41   
# 
_pdbx_SG_project.id                    1 
_pdbx_SG_project.project_name          'PSI, Protein Structure Initiative' 
_pdbx_SG_project.full_name_of_center   'New York SGX Research Center for Structural Genomics' 
_pdbx_SG_project.initial_of_center     NYSGXRC 
# 
loop_
_pdbx_struct_mod_residue.id 
_pdbx_struct_mod_residue.label_asym_id 
_pdbx_struct_mod_residue.label_comp_id 
_pdbx_struct_mod_residue.label_seq_id 
_pdbx_struct_mod_residue.auth_asym_id 
_pdbx_struct_mod_residue.auth_comp_id 
_pdbx_struct_mod_residue.auth_seq_id 
_pdbx_struct_mod_residue.PDB_ins_code 
_pdbx_struct_mod_residue.parent_comp_id 
_pdbx_struct_mod_residue.details 
1 A MSE 58  A MSE 58  ? MET SELENOMETHIONINE 
2 A MSE 83  A MSE 83  ? MET SELENOMETHIONINE 
3 A MSE 85  A MSE 85  ? MET SELENOMETHIONINE 
4 A MSE 89  A MSE 89  ? MET SELENOMETHIONINE 
5 A MSE 111 A MSE 111 ? MET SELENOMETHIONINE 
# 
loop_
_pdbx_unobs_or_zero_occ_residues.id 
_pdbx_unobs_or_zero_occ_residues.PDB_model_num 
_pdbx_unobs_or_zero_occ_residues.polymer_flag 
_pdbx_unobs_or_zero_occ_residues.occupancy_flag 
_pdbx_unobs_or_zero_occ_residues.auth_asym_id 
_pdbx_unobs_or_zero_occ_residues.auth_comp_id 
_pdbx_unobs_or_zero_occ_residues.auth_seq_id 
_pdbx_unobs_or_zero_occ_residues.PDB_ins_code 
_pdbx_unobs_or_zero_occ_residues.label_asym_id 
_pdbx_unobs_or_zero_occ_residues.label_comp_id 
_pdbx_unobs_or_zero_occ_residues.label_seq_id 
1 1 Y 1 A MSE 1   ? A MSE 1   
2 1 Y 1 A SER 2   ? A SER 2   
3 1 Y 1 A GLY 122 ? A GLY 122 
4 1 Y 1 A HIS 123 ? A HIS 123 
5 1 Y 1 A HIS 124 ? A HIS 124 
6 1 Y 1 A HIS 125 ? A HIS 125 
7 1 Y 1 A HIS 126 ? A HIS 126 
8 1 Y 1 A HIS 127 ? A HIS 127 
9 1 Y 1 A HIS 128 ? A HIS 128 
# 
loop_
_chem_comp_atom.comp_id 
_chem_comp_atom.atom_id 
_chem_comp_atom.type_symbol 
_chem_comp_atom.pdbx_aromatic_flag 
_chem_comp_atom.pdbx_stereo_config 
_chem_comp_atom.pdbx_ordinal 
ALA N    N  N N 1   
ALA CA   C  N S 2   
ALA C    C  N N 3   
ALA O    O  N N 4   
ALA CB   C  N N 5   
ALA OXT  O  N N 6   
ALA H    H  N N 7   
ALA H2   H  N N 8   
ALA HA   H  N N 9   
ALA HB1  H  N N 10  
ALA HB2  H  N N 11  
ALA HB3  H  N N 12  
ALA HXT  H  N N 13  
ARG N    N  N N 14  
ARG CA   C  N S 15  
ARG C    C  N N 16  
ARG O    O  N N 17  
ARG CB   C  N N 18  
ARG CG   C  N N 19  
ARG CD   C  N N 20  
ARG NE   N  N N 21  
ARG CZ   C  N N 22  
ARG NH1  N  N N 23  
ARG NH2  N  N N 24  
ARG OXT  O  N N 25  
ARG H    H  N N 26  
ARG H2   H  N N 27  
ARG HA   H  N N 28  
ARG HB2  H  N N 29  
ARG HB3  H  N N 30  
ARG HG2  H  N N 31  
ARG HG3  H  N N 32  
ARG HD2  H  N N 33  
ARG HD3  H  N N 34  
ARG HE   H  N N 35  
ARG HH11 H  N N 36  
ARG HH12 H  N N 37  
ARG HH21 H  N N 38  
ARG HH22 H  N N 39  
ARG HXT  H  N N 40  
ASN N    N  N N 41  
ASN CA   C  N S 42  
ASN C    C  N N 43  
ASN O    O  N N 44  
ASN CB   C  N N 45  
ASN CG   C  N N 46  
ASN OD1  O  N N 47  
ASN ND2  N  N N 48  
ASN OXT  O  N N 49  
ASN H    H  N N 50  
ASN H2   H  N N 51  
ASN HA   H  N N 52  
ASN HB2  H  N N 53  
ASN HB3  H  N N 54  
ASN HD21 H  N N 55  
ASN HD22 H  N N 56  
ASN HXT  H  N N 57  
ASP N    N  N N 58  
ASP CA   C  N S 59  
ASP C    C  N N 60  
ASP O    O  N N 61  
ASP CB   C  N N 62  
ASP CG   C  N N 63  
ASP OD1  O  N N 64  
ASP OD2  O  N N 65  
ASP OXT  O  N N 66  
ASP H    H  N N 67  
ASP H2   H  N N 68  
ASP HA   H  N N 69  
ASP HB2  H  N N 70  
ASP HB3  H  N N 71  
ASP HD2  H  N N 72  
ASP HXT  H  N N 73  
CYS N    N  N N 74  
CYS CA   C  N R 75  
CYS C    C  N N 76  
CYS O    O  N N 77  
CYS CB   C  N N 78  
CYS SG   S  N N 79  
CYS OXT  O  N N 80  
CYS H    H  N N 81  
CYS H2   H  N N 82  
CYS HA   H  N N 83  
CYS HB2  H  N N 84  
CYS HB3  H  N N 85  
CYS HG   H  N N 86  
CYS HXT  H  N N 87  
GLN N    N  N N 88  
GLN CA   C  N S 89  
GLN C    C  N N 90  
GLN O    O  N N 91  
GLN CB   C  N N 92  
GLN CG   C  N N 93  
GLN CD   C  N N 94  
GLN OE1  O  N N 95  
GLN NE2  N  N N 96  
GLN OXT  O  N N 97  
GLN H    H  N N 98  
GLN H2   H  N N 99  
GLN HA   H  N N 100 
GLN HB2  H  N N 101 
GLN HB3  H  N N 102 
GLN HG2  H  N N 103 
GLN HG3  H  N N 104 
GLN HE21 H  N N 105 
GLN HE22 H  N N 106 
GLN HXT  H  N N 107 
GLU N    N  N N 108 
GLU CA   C  N S 109 
GLU C    C  N N 110 
GLU O    O  N N 111 
GLU CB   C  N N 112 
GLU CG   C  N N 113 
GLU CD   C  N N 114 
GLU OE1  O  N N 115 
GLU OE2  O  N N 116 
GLU OXT  O  N N 117 
GLU H    H  N N 118 
GLU H2   H  N N 119 
GLU HA   H  N N 120 
GLU HB2  H  N N 121 
GLU HB3  H  N N 122 
GLU HG2  H  N N 123 
GLU HG3  H  N N 124 
GLU HE2  H  N N 125 
GLU HXT  H  N N 126 
GLY N    N  N N 127 
GLY CA   C  N N 128 
GLY C    C  N N 129 
GLY O    O  N N 130 
GLY OXT  O  N N 131 
GLY H    H  N N 132 
GLY H2   H  N N 133 
GLY HA2  H  N N 134 
GLY HA3  H  N N 135 
GLY HXT  H  N N 136 
HIS N    N  N N 137 
HIS CA   C  N S 138 
HIS C    C  N N 139 
HIS O    O  N N 140 
HIS CB   C  N N 141 
HIS CG   C  Y N 142 
HIS ND1  N  Y N 143 
HIS CD2  C  Y N 144 
HIS CE1  C  Y N 145 
HIS NE2  N  Y N 146 
HIS OXT  O  N N 147 
HIS H    H  N N 148 
HIS H2   H  N N 149 
HIS HA   H  N N 150 
HIS HB2  H  N N 151 
HIS HB3  H  N N 152 
HIS HD1  H  N N 153 
HIS HD2  H  N N 154 
HIS HE1  H  N N 155 
HIS HE2  H  N N 156 
HIS HXT  H  N N 157 
HOH O    O  N N 158 
HOH H1   H  N N 159 
HOH H2   H  N N 160 
ILE N    N  N N 161 
ILE CA   C  N S 162 
ILE C    C  N N 163 
ILE O    O  N N 164 
ILE CB   C  N S 165 
ILE CG1  C  N N 166 
ILE CG2  C  N N 167 
ILE CD1  C  N N 168 
ILE OXT  O  N N 169 
ILE H    H  N N 170 
ILE H2   H  N N 171 
ILE HA   H  N N 172 
ILE HB   H  N N 173 
ILE HG12 H  N N 174 
ILE HG13 H  N N 175 
ILE HG21 H  N N 176 
ILE HG22 H  N N 177 
ILE HG23 H  N N 178 
ILE HD11 H  N N 179 
ILE HD12 H  N N 180 
ILE HD13 H  N N 181 
ILE HXT  H  N N 182 
LEU N    N  N N 183 
LEU CA   C  N S 184 
LEU C    C  N N 185 
LEU O    O  N N 186 
LEU CB   C  N N 187 
LEU CG   C  N N 188 
LEU CD1  C  N N 189 
LEU CD2  C  N N 190 
LEU OXT  O  N N 191 
LEU H    H  N N 192 
LEU H2   H  N N 193 
LEU HA   H  N N 194 
LEU HB2  H  N N 195 
LEU HB3  H  N N 196 
LEU HG   H  N N 197 
LEU HD11 H  N N 198 
LEU HD12 H  N N 199 
LEU HD13 H  N N 200 
LEU HD21 H  N N 201 
LEU HD22 H  N N 202 
LEU HD23 H  N N 203 
LEU HXT  H  N N 204 
LYS N    N  N N 205 
LYS CA   C  N S 206 
LYS C    C  N N 207 
LYS O    O  N N 208 
LYS CB   C  N N 209 
LYS CG   C  N N 210 
LYS CD   C  N N 211 
LYS CE   C  N N 212 
LYS NZ   N  N N 213 
LYS OXT  O  N N 214 
LYS H    H  N N 215 
LYS H2   H  N N 216 
LYS HA   H  N N 217 
LYS HB2  H  N N 218 
LYS HB3  H  N N 219 
LYS HG2  H  N N 220 
LYS HG3  H  N N 221 
LYS HD2  H  N N 222 
LYS HD3  H  N N 223 
LYS HE2  H  N N 224 
LYS HE3  H  N N 225 
LYS HZ1  H  N N 226 
LYS HZ2  H  N N 227 
LYS HZ3  H  N N 228 
LYS HXT  H  N N 229 
MET N    N  N N 230 
MET CA   C  N S 231 
MET C    C  N N 232 
MET O    O  N N 233 
MET CB   C  N N 234 
MET CG   C  N N 235 
MET SD   S  N N 236 
MET CE   C  N N 237 
MET OXT  O  N N 238 
MET H    H  N N 239 
MET H2   H  N N 240 
MET HA   H  N N 241 
MET HB2  H  N N 242 
MET HB3  H  N N 243 
MET HG2  H  N N 244 
MET HG3  H  N N 245 
MET HE1  H  N N 246 
MET HE2  H  N N 247 
MET HE3  H  N N 248 
MET HXT  H  N N 249 
MSE N    N  N N 250 
MSE CA   C  N S 251 
MSE C    C  N N 252 
MSE O    O  N N 253 
MSE OXT  O  N N 254 
MSE CB   C  N N 255 
MSE CG   C  N N 256 
MSE SE   SE N N 257 
MSE CE   C  N N 258 
MSE H    H  N N 259 
MSE H2   H  N N 260 
MSE HA   H  N N 261 
MSE HXT  H  N N 262 
MSE HB2  H  N N 263 
MSE HB3  H  N N 264 
MSE HG2  H  N N 265 
MSE HG3  H  N N 266 
MSE HE1  H  N N 267 
MSE HE2  H  N N 268 
MSE HE3  H  N N 269 
PHE N    N  N N 270 
PHE CA   C  N S 271 
PHE C    C  N N 272 
PHE O    O  N N 273 
PHE CB   C  N N 274 
PHE CG   C  Y N 275 
PHE CD1  C  Y N 276 
PHE CD2  C  Y N 277 
PHE CE1  C  Y N 278 
PHE CE2  C  Y N 279 
PHE CZ   C  Y N 280 
PHE OXT  O  N N 281 
PHE H    H  N N 282 
PHE H2   H  N N 283 
PHE HA   H  N N 284 
PHE HB2  H  N N 285 
PHE HB3  H  N N 286 
PHE HD1  H  N N 287 
PHE HD2  H  N N 288 
PHE HE1  H  N N 289 
PHE HE2  H  N N 290 
PHE HZ   H  N N 291 
PHE HXT  H  N N 292 
PRO N    N  N N 293 
PRO CA   C  N S 294 
PRO C    C  N N 295 
PRO O    O  N N 296 
PRO CB   C  N N 297 
PRO CG   C  N N 298 
PRO CD   C  N N 299 
PRO OXT  O  N N 300 
PRO H    H  N N 301 
PRO HA   H  N N 302 
PRO HB2  H  N N 303 
PRO HB3  H  N N 304 
PRO HG2  H  N N 305 
PRO HG3  H  N N 306 
PRO HD2  H  N N 307 
PRO HD3  H  N N 308 
PRO HXT  H  N N 309 
SER N    N  N N 310 
SER CA   C  N S 311 
SER C    C  N N 312 
SER O    O  N N 313 
SER CB   C  N N 314 
SER OG   O  N N 315 
SER OXT  O  N N 316 
SER H    H  N N 317 
SER H2   H  N N 318 
SER HA   H  N N 319 
SER HB2  H  N N 320 
SER HB3  H  N N 321 
SER HG   H  N N 322 
SER HXT  H  N N 323 
THR N    N  N N 324 
THR CA   C  N S 325 
THR C    C  N N 326 
THR O    O  N N 327 
THR CB   C  N R 328 
THR OG1  O  N N 329 
THR CG2  C  N N 330 
THR OXT  O  N N 331 
THR H    H  N N 332 
THR H2   H  N N 333 
THR HA   H  N N 334 
THR HB   H  N N 335 
THR HG1  H  N N 336 
THR HG21 H  N N 337 
THR HG22 H  N N 338 
THR HG23 H  N N 339 
THR HXT  H  N N 340 
TYR N    N  N N 341 
TYR CA   C  N S 342 
TYR C    C  N N 343 
TYR O    O  N N 344 
TYR CB   C  N N 345 
TYR CG   C  Y N 346 
TYR CD1  C  Y N 347 
TYR CD2  C  Y N 348 
TYR CE1  C  Y N 349 
TYR CE2  C  Y N 350 
TYR CZ   C  Y N 351 
TYR OH   O  N N 352 
TYR OXT  O  N N 353 
TYR H    H  N N 354 
TYR H2   H  N N 355 
TYR HA   H  N N 356 
TYR HB2  H  N N 357 
TYR HB3  H  N N 358 
TYR HD1  H  N N 359 
TYR HD2  H  N N 360 
TYR HE1  H  N N 361 
TYR HE2  H  N N 362 
TYR HH   H  N N 363 
TYR HXT  H  N N 364 
VAL N    N  N N 365 
VAL CA   C  N S 366 
VAL C    C  N N 367 
VAL O    O  N N 368 
VAL CB   C  N N 369 
VAL CG1  C  N N 370 
VAL CG2  C  N N 371 
VAL OXT  O  N N 372 
VAL H    H  N N 373 
VAL H2   H  N N 374 
VAL HA   H  N N 375 
VAL HB   H  N N 376 
VAL HG11 H  N N 377 
VAL HG12 H  N N 378 
VAL HG13 H  N N 379 
VAL HG21 H  N N 380 
VAL HG22 H  N N 381 
VAL HG23 H  N N 382 
VAL HXT  H  N N 383 
# 
loop_
_chem_comp_bond.comp_id 
_chem_comp_bond.atom_id_1 
_chem_comp_bond.atom_id_2 
_chem_comp_bond.value_order 
_chem_comp_bond.pdbx_aromatic_flag 
_chem_comp_bond.pdbx_stereo_config 
_chem_comp_bond.pdbx_ordinal 
ALA N   CA   sing N N 1   
ALA N   H    sing N N 2   
ALA N   H2   sing N N 3   
ALA CA  C    sing N N 4   
ALA CA  CB   sing N N 5   
ALA CA  HA   sing N N 6   
ALA C   O    doub N N 7   
ALA C   OXT  sing N N 8   
ALA CB  HB1  sing N N 9   
ALA CB  HB2  sing N N 10  
ALA CB  HB3  sing N N 11  
ALA OXT HXT  sing N N 12  
ARG N   CA   sing N N 13  
ARG N   H    sing N N 14  
ARG N   H2   sing N N 15  
ARG CA  C    sing N N 16  
ARG CA  CB   sing N N 17  
ARG CA  HA   sing N N 18  
ARG C   O    doub N N 19  
ARG C   OXT  sing N N 20  
ARG CB  CG   sing N N 21  
ARG CB  HB2  sing N N 22  
ARG CB  HB3  sing N N 23  
ARG CG  CD   sing N N 24  
ARG CG  HG2  sing N N 25  
ARG CG  HG3  sing N N 26  
ARG CD  NE   sing N N 27  
ARG CD  HD2  sing N N 28  
ARG CD  HD3  sing N N 29  
ARG NE  CZ   sing N N 30  
ARG NE  HE   sing N N 31  
ARG CZ  NH1  sing N N 32  
ARG CZ  NH2  doub N N 33  
ARG NH1 HH11 sing N N 34  
ARG NH1 HH12 sing N N 35  
ARG NH2 HH21 sing N N 36  
ARG NH2 HH22 sing N N 37  
ARG OXT HXT  sing N N 38  
ASN N   CA   sing N N 39  
ASN N   H    sing N N 40  
ASN N   H2   sing N N 41  
ASN CA  C    sing N N 42  
ASN CA  CB   sing N N 43  
ASN CA  HA   sing N N 44  
ASN C   O    doub N N 45  
ASN C   OXT  sing N N 46  
ASN CB  CG   sing N N 47  
ASN CB  HB2  sing N N 48  
ASN CB  HB3  sing N N 49  
ASN CG  OD1  doub N N 50  
ASN CG  ND2  sing N N 51  
ASN ND2 HD21 sing N N 52  
ASN ND2 HD22 sing N N 53  
ASN OXT HXT  sing N N 54  
ASP N   CA   sing N N 55  
ASP N   H    sing N N 56  
ASP N   H2   sing N N 57  
ASP CA  C    sing N N 58  
ASP CA  CB   sing N N 59  
ASP CA  HA   sing N N 60  
ASP C   O    doub N N 61  
ASP C   OXT  sing N N 62  
ASP CB  CG   sing N N 63  
ASP CB  HB2  sing N N 64  
ASP CB  HB3  sing N N 65  
ASP CG  OD1  doub N N 66  
ASP CG  OD2  sing N N 67  
ASP OD2 HD2  sing N N 68  
ASP OXT HXT  sing N N 69  
CYS N   CA   sing N N 70  
CYS N   H    sing N N 71  
CYS N   H2   sing N N 72  
CYS CA  C    sing N N 73  
CYS CA  CB   sing N N 74  
CYS CA  HA   sing N N 75  
CYS C   O    doub N N 76  
CYS C   OXT  sing N N 77  
CYS CB  SG   sing N N 78  
CYS CB  HB2  sing N N 79  
CYS CB  HB3  sing N N 80  
CYS SG  HG   sing N N 81  
CYS OXT HXT  sing N N 82  
GLN N   CA   sing N N 83  
GLN N   H    sing N N 84  
GLN N   H2   sing N N 85  
GLN CA  C    sing N N 86  
GLN CA  CB   sing N N 87  
GLN CA  HA   sing N N 88  
GLN C   O    doub N N 89  
GLN C   OXT  sing N N 90  
GLN CB  CG   sing N N 91  
GLN CB  HB2  sing N N 92  
GLN CB  HB3  sing N N 93  
GLN CG  CD   sing N N 94  
GLN CG  HG2  sing N N 95  
GLN CG  HG3  sing N N 96  
GLN CD  OE1  doub N N 97  
GLN CD  NE2  sing N N 98  
GLN NE2 HE21 sing N N 99  
GLN NE2 HE22 sing N N 100 
GLN OXT HXT  sing N N 101 
GLU N   CA   sing N N 102 
GLU N   H    sing N N 103 
GLU N   H2   sing N N 104 
GLU CA  C    sing N N 105 
GLU CA  CB   sing N N 106 
GLU CA  HA   sing N N 107 
GLU C   O    doub N N 108 
GLU C   OXT  sing N N 109 
GLU CB  CG   sing N N 110 
GLU CB  HB2  sing N N 111 
GLU CB  HB3  sing N N 112 
GLU CG  CD   sing N N 113 
GLU CG  HG2  sing N N 114 
GLU CG  HG3  sing N N 115 
GLU CD  OE1  doub N N 116 
GLU CD  OE2  sing N N 117 
GLU OE2 HE2  sing N N 118 
GLU OXT HXT  sing N N 119 
GLY N   CA   sing N N 120 
GLY N   H    sing N N 121 
GLY N   H2   sing N N 122 
GLY CA  C    sing N N 123 
GLY CA  HA2  sing N N 124 
GLY CA  HA3  sing N N 125 
GLY C   O    doub N N 126 
GLY C   OXT  sing N N 127 
GLY OXT HXT  sing N N 128 
HIS N   CA   sing N N 129 
HIS N   H    sing N N 130 
HIS N   H2   sing N N 131 
HIS CA  C    sing N N 132 
HIS CA  CB   sing N N 133 
HIS CA  HA   sing N N 134 
HIS C   O    doub N N 135 
HIS C   OXT  sing N N 136 
HIS CB  CG   sing N N 137 
HIS CB  HB2  sing N N 138 
HIS CB  HB3  sing N N 139 
HIS CG  ND1  sing Y N 140 
HIS CG  CD2  doub Y N 141 
HIS ND1 CE1  doub Y N 142 
HIS ND1 HD1  sing N N 143 
HIS CD2 NE2  sing Y N 144 
HIS CD2 HD2  sing N N 145 
HIS CE1 NE2  sing Y N 146 
HIS CE1 HE1  sing N N 147 
HIS NE2 HE2  sing N N 148 
HIS OXT HXT  sing N N 149 
HOH O   H1   sing N N 150 
HOH O   H2   sing N N 151 
ILE N   CA   sing N N 152 
ILE N   H    sing N N 153 
ILE N   H2   sing N N 154 
ILE CA  C    sing N N 155 
ILE CA  CB   sing N N 156 
ILE CA  HA   sing N N 157 
ILE C   O    doub N N 158 
ILE C   OXT  sing N N 159 
ILE CB  CG1  sing N N 160 
ILE CB  CG2  sing N N 161 
ILE CB  HB   sing N N 162 
ILE CG1 CD1  sing N N 163 
ILE CG1 HG12 sing N N 164 
ILE CG1 HG13 sing N N 165 
ILE CG2 HG21 sing N N 166 
ILE CG2 HG22 sing N N 167 
ILE CG2 HG23 sing N N 168 
ILE CD1 HD11 sing N N 169 
ILE CD1 HD12 sing N N 170 
ILE CD1 HD13 sing N N 171 
ILE OXT HXT  sing N N 172 
LEU N   CA   sing N N 173 
LEU N   H    sing N N 174 
LEU N   H2   sing N N 175 
LEU CA  C    sing N N 176 
LEU CA  CB   sing N N 177 
LEU CA  HA   sing N N 178 
LEU C   O    doub N N 179 
LEU C   OXT  sing N N 180 
LEU CB  CG   sing N N 181 
LEU CB  HB2  sing N N 182 
LEU CB  HB3  sing N N 183 
LEU CG  CD1  sing N N 184 
LEU CG  CD2  sing N N 185 
LEU CG  HG   sing N N 186 
LEU CD1 HD11 sing N N 187 
LEU CD1 HD12 sing N N 188 
LEU CD1 HD13 sing N N 189 
LEU CD2 HD21 sing N N 190 
LEU CD2 HD22 sing N N 191 
LEU CD2 HD23 sing N N 192 
LEU OXT HXT  sing N N 193 
LYS N   CA   sing N N 194 
LYS N   H    sing N N 195 
LYS N   H2   sing N N 196 
LYS CA  C    sing N N 197 
LYS CA  CB   sing N N 198 
LYS CA  HA   sing N N 199 
LYS C   O    doub N N 200 
LYS C   OXT  sing N N 201 
LYS CB  CG   sing N N 202 
LYS CB  HB2  sing N N 203 
LYS CB  HB3  sing N N 204 
LYS CG  CD   sing N N 205 
LYS CG  HG2  sing N N 206 
LYS CG  HG3  sing N N 207 
LYS CD  CE   sing N N 208 
LYS CD  HD2  sing N N 209 
LYS CD  HD3  sing N N 210 
LYS CE  NZ   sing N N 211 
LYS CE  HE2  sing N N 212 
LYS CE  HE3  sing N N 213 
LYS NZ  HZ1  sing N N 214 
LYS NZ  HZ2  sing N N 215 
LYS NZ  HZ3  sing N N 216 
LYS OXT HXT  sing N N 217 
MET N   CA   sing N N 218 
MET N   H    sing N N 219 
MET N   H2   sing N N 220 
MET CA  C    sing N N 221 
MET CA  CB   sing N N 222 
MET CA  HA   sing N N 223 
MET C   O    doub N N 224 
MET C   OXT  sing N N 225 
MET CB  CG   sing N N 226 
MET CB  HB2  sing N N 227 
MET CB  HB3  sing N N 228 
MET CG  SD   sing N N 229 
MET CG  HG2  sing N N 230 
MET CG  HG3  sing N N 231 
MET SD  CE   sing N N 232 
MET CE  HE1  sing N N 233 
MET CE  HE2  sing N N 234 
MET CE  HE3  sing N N 235 
MET OXT HXT  sing N N 236 
MSE N   CA   sing N N 237 
MSE N   H    sing N N 238 
MSE N   H2   sing N N 239 
MSE CA  C    sing N N 240 
MSE CA  CB   sing N N 241 
MSE CA  HA   sing N N 242 
MSE C   O    doub N N 243 
MSE C   OXT  sing N N 244 
MSE OXT HXT  sing N N 245 
MSE CB  CG   sing N N 246 
MSE CB  HB2  sing N N 247 
MSE CB  HB3  sing N N 248 
MSE CG  SE   sing N N 249 
MSE CG  HG2  sing N N 250 
MSE CG  HG3  sing N N 251 
MSE SE  CE   sing N N 252 
MSE CE  HE1  sing N N 253 
MSE CE  HE2  sing N N 254 
MSE CE  HE3  sing N N 255 
PHE N   CA   sing N N 256 
PHE N   H    sing N N 257 
PHE N   H2   sing N N 258 
PHE CA  C    sing N N 259 
PHE CA  CB   sing N N 260 
PHE CA  HA   sing N N 261 
PHE C   O    doub N N 262 
PHE C   OXT  sing N N 263 
PHE CB  CG   sing N N 264 
PHE CB  HB2  sing N N 265 
PHE CB  HB3  sing N N 266 
PHE CG  CD1  doub Y N 267 
PHE CG  CD2  sing Y N 268 
PHE CD1 CE1  sing Y N 269 
PHE CD1 HD1  sing N N 270 
PHE CD2 CE2  doub Y N 271 
PHE CD2 HD2  sing N N 272 
PHE CE1 CZ   doub Y N 273 
PHE CE1 HE1  sing N N 274 
PHE CE2 CZ   sing Y N 275 
PHE CE2 HE2  sing N N 276 
PHE CZ  HZ   sing N N 277 
PHE OXT HXT  sing N N 278 
PRO N   CA   sing N N 279 
PRO N   CD   sing N N 280 
PRO N   H    sing N N 281 
PRO CA  C    sing N N 282 
PRO CA  CB   sing N N 283 
PRO CA  HA   sing N N 284 
PRO C   O    doub N N 285 
PRO C   OXT  sing N N 286 
PRO CB  CG   sing N N 287 
PRO CB  HB2  sing N N 288 
PRO CB  HB3  sing N N 289 
PRO CG  CD   sing N N 290 
PRO CG  HG2  sing N N 291 
PRO CG  HG3  sing N N 292 
PRO CD  HD2  sing N N 293 
PRO CD  HD3  sing N N 294 
PRO OXT HXT  sing N N 295 
SER N   CA   sing N N 296 
SER N   H    sing N N 297 
SER N   H2   sing N N 298 
SER CA  C    sing N N 299 
SER CA  CB   sing N N 300 
SER CA  HA   sing N N 301 
SER C   O    doub N N 302 
SER C   OXT  sing N N 303 
SER CB  OG   sing N N 304 
SER CB  HB2  sing N N 305 
SER CB  HB3  sing N N 306 
SER OG  HG   sing N N 307 
SER OXT HXT  sing N N 308 
THR N   CA   sing N N 309 
THR N   H    sing N N 310 
THR N   H2   sing N N 311 
THR CA  C    sing N N 312 
THR CA  CB   sing N N 313 
THR CA  HA   sing N N 314 
THR C   O    doub N N 315 
THR C   OXT  sing N N 316 
THR CB  OG1  sing N N 317 
THR CB  CG2  sing N N 318 
THR CB  HB   sing N N 319 
THR OG1 HG1  sing N N 320 
THR CG2 HG21 sing N N 321 
THR CG2 HG22 sing N N 322 
THR CG2 HG23 sing N N 323 
THR OXT HXT  sing N N 324 
TYR N   CA   sing N N 325 
TYR N   H    sing N N 326 
TYR N   H2   sing N N 327 
TYR CA  C    sing N N 328 
TYR CA  CB   sing N N 329 
TYR CA  HA   sing N N 330 
TYR C   O    doub N N 331 
TYR C   OXT  sing N N 332 
TYR CB  CG   sing N N 333 
TYR CB  HB2  sing N N 334 
TYR CB  HB3  sing N N 335 
TYR CG  CD1  doub Y N 336 
TYR CG  CD2  sing Y N 337 
TYR CD1 CE1  sing Y N 338 
TYR CD1 HD1  sing N N 339 
TYR CD2 CE2  doub Y N 340 
TYR CD2 HD2  sing N N 341 
TYR CE1 CZ   doub Y N 342 
TYR CE1 HE1  sing N N 343 
TYR CE2 CZ   sing Y N 344 
TYR CE2 HE2  sing N N 345 
TYR CZ  OH   sing N N 346 
TYR OH  HH   sing N N 347 
TYR OXT HXT  sing N N 348 
VAL N   CA   sing N N 349 
VAL N   H    sing N N 350 
VAL N   H2   sing N N 351 
VAL CA  C    sing N N 352 
VAL CA  CB   sing N N 353 
VAL CA  HA   sing N N 354 
VAL C   O    doub N N 355 
VAL C   OXT  sing N N 356 
VAL CB  CG1  sing N N 357 
VAL CB  CG2  sing N N 358 
VAL CB  HB   sing N N 359 
VAL CG1 HG11 sing N N 360 
VAL CG1 HG12 sing N N 361 
VAL CG1 HG13 sing N N 362 
VAL CG2 HG21 sing N N 363 
VAL CG2 HG22 sing N N 364 
VAL CG2 HG23 sing N N 365 
VAL OXT HXT  sing N N 366 
# 
_atom_sites.entry_id                    2P2E 
_atom_sites.fract_transf_matrix[1][1]   0.00352498 
_atom_sites.fract_transf_matrix[1][2]   -0.01135904 
_atom_sites.fract_transf_matrix[1][3]   -0.00275790 
_atom_sites.fract_transf_matrix[2][1]   -0.00700566 
_atom_sites.fract_transf_matrix[2][2]   -0.00949609 
_atom_sites.fract_transf_matrix[2][3]   0.00313126 
_atom_sites.fract_transf_matrix[3][1]   -0.01298150 
_atom_sites.fract_transf_matrix[3][2]   0.00174116 
_atom_sites.fract_transf_matrix[3][3]   -0.02376348 
_atom_sites.fract_transf_vector[1]      0.849991 
_atom_sites.fract_transf_vector[2]      0.445281 
_atom_sites.fract_transf_vector[3]      0.007215 
# 
loop_
_atom_type.symbol 
C  
N  
O  
S  
SE 
# 
loop_
_atom_site.group_PDB 
_atom_site.id 
_atom_site.type_symbol 
_atom_site.label_atom_id 
_atom_site.label_alt_id 
_atom_site.label_comp_id 
_atom_site.label_asym_id 
_atom_site.label_entity_id 
_atom_site.label_seq_id 
_atom_site.pdbx_PDB_ins_code 
_atom_site.Cartn_x 
_atom_site.Cartn_y 
_atom_site.Cartn_z 
_atom_site.occupancy 
_atom_site.B_iso_or_equiv 
_atom_site.pdbx_formal_charge 
_atom_site.auth_seq_id 
_atom_site.auth_comp_id 
_atom_site.auth_asym_id 
_atom_site.auth_atom_id 
_atom_site.pdbx_PDB_model_num 
ATOM   1   N  N   . LEU A 1 3   ? -7.254  -5.200  -10.525 1.00 15.29 ? 3   LEU A N   1 
ATOM   2   C  CA  . LEU A 1 3   ? -6.020  -4.360  -10.408 1.00 16.84 ? 3   LEU A CA  1 
ATOM   3   C  C   . LEU A 1 3   ? -4.768  -5.189  -10.193 1.00 17.35 ? 3   LEU A C   1 
ATOM   4   O  O   . LEU A 1 3   ? -4.775  -6.171  -9.457  1.00 16.95 ? 3   LEU A O   1 
ATOM   5   C  CB  . LEU A 1 3   ? -6.165  -3.360  -9.259  1.00 14.66 ? 3   LEU A CB  1 
ATOM   6   C  CG  . LEU A 1 3   ? -6.778  -2.010  -9.618  1.00 15.90 ? 3   LEU A CG  1 
ATOM   7   C  CD1 . LEU A 1 3   ? -7.914  -2.177  -10.616 1.00 13.16 ? 3   LEU A CD1 1 
ATOM   8   C  CD2 . LEU A 1 3   ? -7.246  -1.336  -8.341  1.00 17.12 ? 3   LEU A CD2 1 
ATOM   9   N  N   . LYS A 1 4   ? -3.684  -4.777  -10.831 1.00 18.53 ? 4   LYS A N   1 
ATOM   10  C  CA  . LYS A 1 4   ? -2.424  -5.486  -10.711 1.00 18.29 ? 4   LYS A CA  1 
ATOM   11  C  C   . LYS A 1 4   ? -1.271  -4.540  -10.417 1.00 17.98 ? 4   LYS A C   1 
ATOM   12  O  O   . LYS A 1 4   ? -1.267  -3.387  -10.850 1.00 17.25 ? 4   LYS A O   1 
ATOM   13  C  CB  . LYS A 1 4   ? -2.153  -6.274  -11.992 1.00 18.97 ? 4   LYS A CB  1 
ATOM   14  C  CG  . LYS A 1 4   ? -3.182  -7.358  -12.236 1.00 23.61 ? 4   LYS A CG  1 
ATOM   15  C  CD  . LYS A 1 4   ? -2.947  -8.124  -13.528 1.00 28.03 ? 4   LYS A CD  1 
ATOM   16  C  CE  . LYS A 1 4   ? -3.184  -7.269  -14.783 1.00 31.06 ? 4   LYS A CE  1 
ATOM   17  N  NZ  . LYS A 1 4   ? -4.600  -6.786  -14.974 1.00 32.93 ? 4   LYS A NZ  1 
ATOM   18  N  N   . ILE A 1 5   ? -0.296  -5.042  -9.671  1.00 16.30 ? 5   ILE A N   1 
ATOM   19  C  CA  . ILE A 1 5   ? 0.872   -4.257  -9.312  1.00 15.13 ? 5   ILE A CA  1 
ATOM   20  C  C   . ILE A 1 5   ? 2.154   -5.048  -9.477  1.00 15.84 ? 5   ILE A C   1 
ATOM   21  O  O   . ILE A 1 5   ? 2.245   -6.195  -9.050  1.00 14.40 ? 5   ILE A O   1 
ATOM   22  C  CB  . ILE A 1 5   ? 0.806   -3.768  -7.848  1.00 14.31 ? 5   ILE A CB  1 
ATOM   23  C  CG1 . ILE A 1 5   ? -0.257  -2.684  -7.701  1.00 15.94 ? 5   ILE A CG1 1 
ATOM   24  C  CG2 . ILE A 1 5   ? 2.151   -3.217  -7.413  1.00 11.90 ? 5   ILE A CG2 1 
ATOM   25  C  CD1 . ILE A 1 5   ? -0.330  -2.126  -6.300  1.00 14.41 ? 5   ILE A CD1 1 
ATOM   26  N  N   . THR A 1 6   ? 3.147   -4.416  -10.093 1.00 14.80 ? 6   THR A N   1 
ATOM   27  C  CA  . THR A 1 6   ? 4.446   -5.030  -10.296 1.00 13.92 ? 6   THR A CA  1 
ATOM   28  C  C   . THR A 1 6   ? 5.424   -4.362  -9.344  1.00 15.37 ? 6   THR A C   1 
ATOM   29  O  O   . THR A 1 6   ? 5.529   -3.144  -9.333  1.00 17.47 ? 6   THR A O   1 
ATOM   30  C  CB  . THR A 1 6   ? 4.931   -4.834  -11.743 1.00 12.95 ? 6   THR A CB  1 
ATOM   31  O  OG1 . THR A 1 6   ? 4.048   -5.520  -12.634 1.00 12.70 ? 6   THR A OG1 1 
ATOM   32  C  CG2 . THR A 1 6   ? 6.335   -5.375  -11.917 1.00 9.72  ? 6   THR A CG2 1 
ATOM   33  N  N   . VAL A 1 7   ? 6.125   -5.156  -8.543  1.00 15.47 ? 7   VAL A N   1 
ATOM   34  C  CA  . VAL A 1 7   ? 7.101   -4.628  -7.588  1.00 15.39 ? 7   VAL A CA  1 
ATOM   35  C  C   . VAL A 1 7   ? 8.524   -4.967  -8.054  1.00 17.67 ? 7   VAL A C   1 
ATOM   36  O  O   . VAL A 1 7   ? 8.863   -6.135  -8.203  1.00 17.98 ? 7   VAL A O   1 
ATOM   37  C  CB  . VAL A 1 7   ? 6.855   -5.235  -6.184  1.00 15.43 ? 7   VAL A CB  1 
ATOM   38  C  CG1 . VAL A 1 7   ? 7.820   -4.648  -5.168  1.00 13.60 ? 7   VAL A CG1 1 
ATOM   39  C  CG2 . VAL A 1 7   ? 5.413   -4.987  -5.764  1.00 14.59 ? 7   VAL A CG2 1 
ATOM   40  N  N   . THR A 1 8   ? 9.349   -3.948  -8.289  1.00 18.30 ? 8   THR A N   1 
ATOM   41  C  CA  . THR A 1 8   ? 10.724  -4.173  -8.744  1.00 17.30 ? 8   THR A CA  1 
ATOM   42  C  C   . THR A 1 8   ? 11.505  -4.952  -7.702  1.00 19.18 ? 8   THR A C   1 
ATOM   43  O  O   . THR A 1 8   ? 11.055  -5.097  -6.567  1.00 19.31 ? 8   THR A O   1 
ATOM   44  C  CB  . THR A 1 8   ? 11.471  -2.844  -9.019  1.00 16.37 ? 8   THR A CB  1 
ATOM   45  O  OG1 . THR A 1 8   ? 11.623  -2.111  -7.799  1.00 18.55 ? 8   THR A OG1 1 
ATOM   46  C  CG2 . THR A 1 8   ? 10.706  -2.005  -10.008 1.00 12.18 ? 8   THR A CG2 1 
ATOM   47  N  N   . ASP A 1 9   ? 12.673  -5.459  -8.086  1.00 22.05 ? 9   ASP A N   1 
ATOM   48  C  CA  . ASP A 1 9   ? 13.503  -6.215  -7.157  1.00 24.47 ? 9   ASP A CA  1 
ATOM   49  C  C   . ASP A 1 9   ? 13.948  -5.374  -5.962  1.00 24.74 ? 9   ASP A C   1 
ATOM   50  O  O   . ASP A 1 9   ? 13.856  -5.818  -4.825  1.00 26.02 ? 9   ASP A O   1 
ATOM   51  C  CB  . ASP A 1 9   ? 14.727  -6.794  -7.874  1.00 28.51 ? 9   ASP A CB  1 
ATOM   52  C  CG  . ASP A 1 9   ? 14.367  -7.931  -8.827  1.00 32.59 ? 9   ASP A CG  1 
ATOM   53  O  OD1 . ASP A 1 9   ? 13.457  -8.724  -8.501  1.00 33.24 ? 9   ASP A OD1 1 
ATOM   54  O  OD2 . ASP A 1 9   ? 15.002  -8.045  -9.900  1.00 36.79 ? 9   ASP A OD2 1 
ATOM   55  N  N   . ASP A 1 10  ? 14.417  -4.158  -6.208  1.00 25.40 ? 10  ASP A N   1 
ATOM   56  C  CA  . ASP A 1 10  ? 14.849  -3.292  -5.115  1.00 25.43 ? 10  ASP A CA  1 
ATOM   57  C  C   . ASP A 1 10  ? 13.719  -2.973  -4.149  1.00 23.17 ? 10  ASP A C   1 
ATOM   58  O  O   . ASP A 1 10  ? 13.935  -2.866  -2.948  1.00 22.29 ? 10  ASP A O   1 
ATOM   59  C  CB  . ASP A 1 10  ? 15.413  -1.989  -5.661  1.00 28.77 ? 10  ASP A CB  1 
ATOM   60  C  CG  . ASP A 1 10  ? 16.655  -2.203  -6.486  1.00 33.51 ? 10  ASP A CG  1 
ATOM   61  O  OD1 . ASP A 1 10  ? 17.582  -2.881  -5.983  1.00 35.28 ? 10  ASP A OD1 1 
ATOM   62  O  OD2 . ASP A 1 10  ? 16.707  -1.691  -7.632  1.00 36.93 ? 10  ASP A OD2 1 
ATOM   63  N  N   . ALA A 1 11  ? 12.515  -2.812  -4.679  1.00 21.31 ? 11  ALA A N   1 
ATOM   64  C  CA  . ALA A 1 11  ? 11.358  -2.496  -3.855  1.00 19.53 ? 11  ALA A CA  1 
ATOM   65  C  C   . ALA A 1 11  ? 10.893  -3.696  -3.042  1.00 18.95 ? 11  ALA A C   1 
ATOM   66  O  O   . ALA A 1 11  ? 10.513  -3.565  -1.884  1.00 18.10 ? 11  ALA A O   1 
ATOM   67  C  CB  . ALA A 1 11  ? 10.221  -1.983  -4.729  1.00 17.90 ? 11  ALA A CB  1 
ATOM   68  N  N   . ALA A 1 12  ? 10.911  -4.870  -3.652  1.00 19.47 ? 12  ALA A N   1 
ATOM   69  C  CA  . ALA A 1 12  ? 10.487  -6.067  -2.944  1.00 20.48 ? 12  ALA A CA  1 
ATOM   70  C  C   . ALA A 1 12  ? 11.455  -6.318  -1.802  1.00 21.37 ? 12  ALA A C   1 
ATOM   71  O  O   . ALA A 1 12  ? 11.053  -6.640  -0.698  1.00 21.78 ? 12  ALA A O   1 
ATOM   72  C  CB  . ALA A 1 12  ? 10.469  -7.256  -3.886  1.00 18.43 ? 12  ALA A CB  1 
ATOM   73  N  N   . LYS A 1 13  ? 12.739  -6.153  -2.075  1.00 24.24 ? 13  LYS A N   1 
ATOM   74  C  CA  . LYS A 1 13  ? 13.752  -6.364  -1.058  1.00 26.87 ? 13  LYS A CA  1 
ATOM   75  C  C   . LYS A 1 13  ? 13.487  -5.476  0.147   1.00 26.76 ? 13  LYS A C   1 
ATOM   76  O  O   . LYS A 1 13  ? 13.587  -5.930  1.281   1.00 29.03 ? 13  LYS A O   1 
ATOM   77  C  CB  . LYS A 1 13  ? 15.145  -6.076  -1.634  1.00 30.36 ? 13  LYS A CB  1 
ATOM   78  C  CG  . LYS A 1 13  ? 16.315  -6.417  -0.699  1.00 34.80 ? 13  LYS A CG  1 
ATOM   79  C  CD  . LYS A 1 13  ? 16.310  -7.897  -0.296  1.00 39.17 ? 13  LYS A CD  1 
ATOM   80  C  CE  . LYS A 1 13  ? 17.619  -8.325  0.398   1.00 41.70 ? 13  LYS A CE  1 
ATOM   81  N  NZ  . LYS A 1 13  ? 17.945  -7.528  1.636   1.00 44.27 ? 13  LYS A NZ  1 
ATOM   82  N  N   . LYS A 1 14  ? 13.130  -4.219  -0.097  1.00 25.92 ? 14  LYS A N   1 
ATOM   83  C  CA  . LYS A 1 14  ? 12.858  -3.281  0.988   1.00 25.74 ? 14  LYS A CA  1 
ATOM   84  C  C   . LYS A 1 14  ? 11.573  -3.633  1.741   1.00 26.06 ? 14  LYS A C   1 
ATOM   85  O  O   . LYS A 1 14  ? 11.332  -3.138  2.847   1.00 26.34 ? 14  LYS A O   1 
ATOM   86  C  CB  . LYS A 1 14  ? 12.743  -1.859  0.441   1.00 26.84 ? 14  LYS A CB  1 
ATOM   87  C  CG  . LYS A 1 14  ? 12.422  -0.809  1.495   1.00 28.74 ? 14  LYS A CG  1 
ATOM   88  C  CD  . LYS A 1 14  ? 11.847  0.446   0.848   1.00 32.68 ? 14  LYS A CD  1 
ATOM   89  C  CE  . LYS A 1 14  ? 11.613  1.572   1.856   1.00 33.48 ? 14  LYS A CE  1 
ATOM   90  N  NZ  . LYS A 1 14  ? 12.902  2.123   2.386   1.00 35.55 ? 14  LYS A NZ  1 
ATOM   91  N  N   . LEU A 1 15  ? 10.749  -4.480  1.133   1.00 24.57 ? 15  LEU A N   1 
ATOM   92  C  CA  . LEU A 1 15  ? 9.492   -4.899  1.734   1.00 23.48 ? 15  LEU A CA  1 
ATOM   93  C  C   . LEU A 1 15  ? 9.600   -6.298  2.295   1.00 23.85 ? 15  LEU A C   1 
ATOM   94  O  O   . LEU A 1 15  ? 8.669   -6.796  2.918   1.00 24.43 ? 15  LEU A O   1 
ATOM   95  C  CB  . LEU A 1 15  ? 8.373   -4.859  0.695   1.00 21.78 ? 15  LEU A CB  1 
ATOM   96  C  CG  . LEU A 1 15  ? 7.803   -3.477  0.355   1.00 21.81 ? 15  LEU A CG  1 
ATOM   97  C  CD1 . LEU A 1 15  ? 6.913   -3.547  -0.883  1.00 19.18 ? 15  LEU A CD1 1 
ATOM   98  C  CD2 . LEU A 1 15  ? 7.024   -2.960  1.551   1.00 18.83 ? 15  LEU A CD2 1 
ATOM   99  N  N   . GLN A 1 16  ? 10.751  -6.919  2.085   1.00 24.12 ? 16  GLN A N   1 
ATOM   100 C  CA  . GLN A 1 16  ? 10.997  -8.280  2.536   1.00 24.83 ? 16  GLN A CA  1 
ATOM   101 C  C   . GLN A 1 16  ? 10.711  -8.516  4.018   1.00 24.48 ? 16  GLN A C   1 
ATOM   102 O  O   . GLN A 1 16  ? 10.048  -9.489  4.384   1.00 23.13 ? 16  GLN A O   1 
ATOM   103 C  CB  . GLN A 1 16  ? 12.438  -8.644  2.217   1.00 27.01 ? 16  GLN A CB  1 
ATOM   104 C  CG  . GLN A 1 16  ? 12.706  -10.131 2.084   1.00 29.20 ? 16  GLN A CG  1 
ATOM   105 C  CD  . GLN A 1 16  ? 14.012  -10.404 1.354   1.00 30.12 ? 16  GLN A CD  1 
ATOM   106 O  OE1 . GLN A 1 16  ? 15.089  -9.984  1.797   1.00 30.07 ? 16  GLN A OE1 1 
ATOM   107 N  NE2 . GLN A 1 16  ? 13.920  -11.098 0.220   1.00 28.70 ? 16  GLN A NE2 1 
ATOM   108 N  N   . ARG A 1 17  ? 11.206  -7.615  4.863   1.00 24.65 ? 17  ARG A N   1 
ATOM   109 C  CA  . ARG A 1 17  ? 11.021  -7.716  6.311   1.00 24.64 ? 17  ARG A CA  1 
ATOM   110 C  C   . ARG A 1 17  ? 9.554   -7.809  6.730   1.00 23.88 ? 17  ARG A C   1 
ATOM   111 O  O   . ARG A 1 17  ? 9.244   -8.258  7.835   1.00 24.02 ? 17  ARG A O   1 
ATOM   112 C  CB  . ARG A 1 17  ? 11.656  -6.512  7.004   1.00 25.30 ? 17  ARG A CB  1 
ATOM   113 C  CG  . ARG A 1 17  ? 13.104  -6.243  6.625   1.00 28.51 ? 17  ARG A CG  1 
ATOM   114 C  CD  . ARG A 1 17  ? 14.037  -7.311  7.168   1.00 31.88 ? 17  ARG A CD  1 
ATOM   115 N  NE  . ARG A 1 17  ? 13.841  -7.557  8.597   1.00 34.98 ? 17  ARG A NE  1 
ATOM   116 C  CZ  . ARG A 1 17  ? 14.196  -6.728  9.575   1.00 36.33 ? 17  ARG A CZ  1 
ATOM   117 N  NH1 . ARG A 1 17  ? 14.783  -5.574  9.299   1.00 36.47 ? 17  ARG A NH1 1 
ATOM   118 N  NH2 . ARG A 1 17  ? 13.949  -7.053  10.838  1.00 37.21 ? 17  ARG A NH2 1 
ATOM   119 N  N   . TYR A 1 18  ? 8.654   -7.377  5.852   1.00 22.84 ? 18  TYR A N   1 
ATOM   120 C  CA  . TYR A 1 18  ? 7.225   -7.420  6.152   1.00 21.01 ? 18  TYR A CA  1 
ATOM   121 C  C   . TYR A 1 18  ? 6.557   -8.622  5.487   1.00 20.89 ? 18  TYR A C   1 
ATOM   122 O  O   . TYR A 1 18  ? 5.790   -9.337  6.124   1.00 21.60 ? 18  TYR A O   1 
ATOM   123 C  CB  . TYR A 1 18  ? 6.548   -6.129  5.691   1.00 20.59 ? 18  TYR A CB  1 
ATOM   124 C  CG  . TYR A 1 18  ? 7.166   -4.873  6.258   1.00 18.95 ? 18  TYR A CG  1 
ATOM   125 C  CD1 . TYR A 1 18  ? 7.064   -4.569  7.615   1.00 19.22 ? 18  TYR A CD1 1 
ATOM   126 C  CD2 . TYR A 1 18  ? 7.852   -3.990  5.440   1.00 17.96 ? 18  TYR A CD2 1 
ATOM   127 C  CE1 . TYR A 1 18  ? 7.634   -3.413  8.141   1.00 18.05 ? 18  TYR A CE1 1 
ATOM   128 C  CE2 . TYR A 1 18  ? 8.427   -2.837  5.949   1.00 18.50 ? 18  TYR A CE2 1 
ATOM   129 C  CZ  . TYR A 1 18  ? 8.315   -2.552  7.299   1.00 19.84 ? 18  TYR A CZ  1 
ATOM   130 O  OH  . TYR A 1 18  ? 8.901   -1.414  7.795   1.00 20.82 ? 18  TYR A OH  1 
ATOM   131 N  N   . THR A 1 19  ? 6.848   -8.857  4.211   1.00 19.98 ? 19  THR A N   1 
ATOM   132 C  CA  . THR A 1 19  ? 6.248   -9.997  3.534   1.00 20.45 ? 19  THR A CA  1 
ATOM   133 C  C   . THR A 1 19  ? 6.679   -11.293 4.206   1.00 21.07 ? 19  THR A C   1 
ATOM   134 O  O   . THR A 1 19  ? 6.014   -12.317 4.048   1.00 21.87 ? 19  THR A O   1 
ATOM   135 C  CB  . THR A 1 19  ? 6.621   -10.068 2.021   1.00 20.72 ? 19  THR A CB  1 
ATOM   136 O  OG1 . THR A 1 19  ? 8.030   -9.885  1.854   1.00 20.61 ? 19  THR A OG1 1 
ATOM   137 C  CG2 . THR A 1 19  ? 5.857   -9.020  1.230   1.00 18.13 ? 19  THR A CG2 1 
ATOM   138 N  N   . ASP A 1 20  ? 7.789   -11.244 4.948   1.00 21.43 ? 20  ASP A N   1 
ATOM   139 C  CA  . ASP A 1 20  ? 8.294   -12.422 5.652   1.00 21.91 ? 20  ASP A CA  1 
ATOM   140 C  C   . ASP A 1 20  ? 7.476   -12.752 6.892   1.00 22.25 ? 20  ASP A C   1 
ATOM   141 O  O   . ASP A 1 20  ? 7.623   -13.833 7.464   1.00 23.88 ? 20  ASP A O   1 
ATOM   142 C  CB  . ASP A 1 20  ? 9.764   -12.250 6.061   1.00 22.34 ? 20  ASP A CB  1 
ATOM   143 C  CG  . ASP A 1 20  ? 10.732  -12.482 4.909   1.00 21.96 ? 20  ASP A CG  1 
ATOM   144 O  OD1 . ASP A 1 20  ? 10.362  -13.170 3.942   1.00 21.71 ? 20  ASP A OD1 1 
ATOM   145 O  OD2 . ASP A 1 20  ? 11.873  -11.986 4.983   1.00 24.03 ? 20  ASP A OD2 1 
ATOM   146 N  N   . ASP A 1 21  ? 6.618   -11.827 7.311   1.00 22.86 ? 21  ASP A N   1 
ATOM   147 C  CA  . ASP A 1 21  ? 5.771   -12.057 8.477   1.00 24.40 ? 21  ASP A CA  1 
ATOM   148 C  C   . ASP A 1 21  ? 4.479   -12.770 8.071   1.00 24.87 ? 21  ASP A C   1 
ATOM   149 O  O   . ASP A 1 21  ? 3.538   -12.128 7.620   1.00 25.28 ? 21  ASP A O   1 
ATOM   150 C  CB  . ASP A 1 21  ? 5.401   -10.736 9.153   1.00 24.72 ? 21  ASP A CB  1 
ATOM   151 C  CG  . ASP A 1 21  ? 4.683   -10.939 10.480  1.00 25.43 ? 21  ASP A CG  1 
ATOM   152 O  OD1 . ASP A 1 21  ? 4.145   -12.040 10.723  1.00 25.46 ? 21  ASP A OD1 1 
ATOM   153 O  OD2 . ASP A 1 21  ? 4.654   -9.991  11.284  1.00 25.36 ? 21  ASP A OD2 1 
ATOM   154 N  N   . SER A 1 22  ? 4.435   -14.086 8.247   1.00 25.55 ? 22  SER A N   1 
ATOM   155 C  CA  . SER A 1 22  ? 3.254   -14.877 7.911   1.00 26.80 ? 22  SER A CA  1 
ATOM   156 C  C   . SER A 1 22  ? 1.975   -14.229 8.438   1.00 27.57 ? 22  SER A C   1 
ATOM   157 O  O   . SER A 1 22  ? 0.907   -14.350 7.836   1.00 26.83 ? 22  SER A O   1 
ATOM   158 C  CB  . SER A 1 22  ? 3.367   -16.274 8.524   1.00 26.33 ? 22  SER A CB  1 
ATOM   159 O  OG  . SER A 1 22  ? 4.549   -16.918 8.106   1.00 29.69 ? 22  SER A OG  1 
ATOM   160 N  N   . ASN A 1 23  ? 2.103   -13.546 9.571   1.00 27.94 ? 23  ASN A N   1 
ATOM   161 C  CA  . ASN A 1 23  ? 0.979   -12.897 10.229  1.00 29.16 ? 23  ASN A CA  1 
ATOM   162 C  C   . ASN A 1 23  ? 0.764   -11.468 9.717   1.00 29.11 ? 23  ASN A C   1 
ATOM   163 O  O   . ASN A 1 23  ? -0.038  -10.709 10.277  1.00 28.68 ? 23  ASN A O   1 
ATOM   164 C  CB  . ASN A 1 23  ? 1.232   -12.877 11.741  1.00 30.84 ? 23  ASN A CB  1 
ATOM   165 C  CG  . ASN A 1 23  ? -0.038  -13.055 12.553  1.00 33.80 ? 23  ASN A CG  1 
ATOM   166 O  OD1 . ASN A 1 23  ? -0.496  -12.131 13.246  1.00 34.07 ? 23  ASN A OD1 1 
ATOM   167 N  ND2 . ASN A 1 23  ? -0.620  -14.252 12.474  1.00 34.07 ? 23  ASN A ND2 1 
ATOM   168 N  N   . ALA A 1 24  ? 1.474   -11.107 8.653   1.00 27.30 ? 24  ALA A N   1 
ATOM   169 C  CA  . ALA A 1 24  ? 1.360   -9.762  8.110   1.00 25.60 ? 24  ALA A CA  1 
ATOM   170 C  C   . ALA A 1 24  ? 0.582   -9.651  6.801   1.00 24.11 ? 24  ALA A C   1 
ATOM   171 O  O   . ALA A 1 24  ? 0.658   -10.529 5.937   1.00 23.38 ? 24  ALA A O   1 
ATOM   172 C  CB  . ALA A 1 24  ? 2.740   -9.165  7.938   1.00 26.57 ? 24  ALA A CB  1 
ATOM   173 N  N   . VAL A 1 25  ? -0.146  -8.541  6.680   1.00 22.08 ? 25  VAL A N   1 
ATOM   174 C  CA  . VAL A 1 25  ? -0.966  -8.213  5.523   1.00 20.98 ? 25  VAL A CA  1 
ATOM   175 C  C   . VAL A 1 25  ? -0.610  -6.797  5.056   1.00 20.39 ? 25  VAL A C   1 
ATOM   176 O  O   . VAL A 1 25  ? -0.372  -5.907  5.862   1.00 19.50 ? 25  VAL A O   1 
ATOM   177 C  CB  . VAL A 1 25  ? -2.477  -8.266  5.881   1.00 22.04 ? 25  VAL A CB  1 
ATOM   178 C  CG1 . VAL A 1 25  ? -3.324  -7.758  4.723   1.00 21.15 ? 25  VAL A CG1 1 
ATOM   179 C  CG2 . VAL A 1 25  ? -2.872  -9.684  6.233   1.00 21.50 ? 25  VAL A CG2 1 
ATOM   180 N  N   . LEU A 1 26  ? -0.569  -6.595  3.744   1.00 20.90 ? 26  LEU A N   1 
ATOM   181 C  CA  . LEU A 1 26  ? -0.242  -5.293  3.179   1.00 19.09 ? 26  LEU A CA  1 
ATOM   182 C  C   . LEU A 1 26  ? -1.464  -4.544  2.690   1.00 18.40 ? 26  LEU A C   1 
ATOM   183 O  O   . LEU A 1 26  ? -2.370  -5.126  2.088   1.00 18.38 ? 26  LEU A O   1 
ATOM   184 C  CB  . LEU A 1 26  ? 0.733   -5.452  2.018   1.00 18.37 ? 26  LEU A CB  1 
ATOM   185 C  CG  . LEU A 1 26  ? 2.140   -5.883  2.408   1.00 18.77 ? 26  LEU A CG  1 
ATOM   186 C  CD1 . LEU A 1 26  ? 2.981   -6.058  1.181   1.00 15.97 ? 26  LEU A CD1 1 
ATOM   187 C  CD2 . LEU A 1 26  ? 2.746   -4.838  3.306   1.00 18.43 ? 26  LEU A CD2 1 
ATOM   188 N  N   . LEU A 1 27  ? -1.475  -3.243  2.943   1.00 17.05 ? 27  LEU A N   1 
ATOM   189 C  CA  . LEU A 1 27  ? -2.577  -2.416  2.516   1.00 17.69 ? 27  LEU A CA  1 
ATOM   190 C  C   . LEU A 1 27  ? -2.106  -1.207  1.730   1.00 18.63 ? 27  LEU A C   1 
ATOM   191 O  O   . LEU A 1 27  ? -1.132  -0.548  2.099   1.00 20.12 ? 27  LEU A O   1 
ATOM   192 C  CB  . LEU A 1 27  ? -3.370  -1.922  3.718   1.00 15.30 ? 27  LEU A CB  1 
ATOM   193 C  CG  . LEU A 1 27  ? -3.822  -2.935  4.760   1.00 14.70 ? 27  LEU A CG  1 
ATOM   194 C  CD1 . LEU A 1 27  ? -4.553  -2.172  5.851   1.00 14.07 ? 27  LEU A CD1 1 
ATOM   195 C  CD2 . LEU A 1 27  ? -4.719  -3.993  4.144   1.00 13.58 ? 27  LEU A CD2 1 
ATOM   196 N  N   . LEU A 1 28  ? -2.788  -0.930  0.628   1.00 19.08 ? 28  LEU A N   1 
ATOM   197 C  CA  . LEU A 1 28  ? -2.493  0.250   -0.159  1.00 19.17 ? 28  LEU A CA  1 
ATOM   198 C  C   . LEU A 1 28  ? -3.602  1.168   0.324   1.00 20.65 ? 28  LEU A C   1 
ATOM   199 O  O   . LEU A 1 28  ? -4.729  1.118   -0.160  1.00 20.54 ? 28  LEU A O   1 
ATOM   200 C  CB  . LEU A 1 28  ? -2.641  -0.030  -1.645  1.00 18.80 ? 28  LEU A CB  1 
ATOM   201 C  CG  . LEU A 1 28  ? -2.405  1.186   -2.534  1.00 20.52 ? 28  LEU A CG  1 
ATOM   202 C  CD1 . LEU A 1 28  ? -1.062  1.846   -2.226  1.00 18.65 ? 28  LEU A CD1 1 
ATOM   203 C  CD2 . LEU A 1 28  ? -2.449  0.734   -3.968  1.00 21.73 ? 28  LEU A CD2 1 
ATOM   204 N  N   . ASP A 1 29  ? -3.274  1.987   1.311   1.00 21.16 ? 29  ASP A N   1 
ATOM   205 C  CA  . ASP A 1 29  ? -4.241  2.878   1.913   1.00 23.14 ? 29  ASP A CA  1 
ATOM   206 C  C   . ASP A 1 29  ? -4.374  4.244   1.271   1.00 23.86 ? 29  ASP A C   1 
ATOM   207 O  O   . ASP A 1 29  ? -3.402  4.829   0.805   1.00 25.11 ? 29  ASP A O   1 
ATOM   208 C  CB  . ASP A 1 29  ? -3.901  3.039   3.402   1.00 25.49 ? 29  ASP A CB  1 
ATOM   209 C  CG  . ASP A 1 29  ? -4.795  4.036   4.109   1.00 27.45 ? 29  ASP A CG  1 
ATOM   210 O  OD1 . ASP A 1 29  ? -6.033  3.887   4.023   1.00 28.39 ? 29  ASP A OD1 1 
ATOM   211 O  OD2 . ASP A 1 29  ? -4.261  4.961   4.761   1.00 29.86 ? 29  ASP A OD2 1 
ATOM   212 N  N   . PHE A 1 30  ? -5.607  4.731   1.226   1.00 25.10 ? 30  PHE A N   1 
ATOM   213 C  CA  . PHE A 1 30  ? -5.880  6.061   0.719   1.00 25.15 ? 30  PHE A CA  1 
ATOM   214 C  C   . PHE A 1 30  ? -6.160  6.811   2.020   1.00 25.44 ? 30  PHE A C   1 
ATOM   215 O  O   . PHE A 1 30  ? -7.196  6.627   2.658   1.00 24.22 ? 30  PHE A O   1 
ATOM   216 C  CB  . PHE A 1 30  ? -7.103  6.074   -0.193  1.00 25.76 ? 30  PHE A CB  1 
ATOM   217 C  CG  . PHE A 1 30  ? -7.234  7.336   -0.976  1.00 26.00 ? 30  PHE A CG  1 
ATOM   218 C  CD1 . PHE A 1 30  ? -6.217  7.730   -1.844  1.00 27.58 ? 30  PHE A CD1 1 
ATOM   219 C  CD2 . PHE A 1 30  ? -8.337  8.161   -0.817  1.00 26.32 ? 30  PHE A CD2 1 
ATOM   220 C  CE1 . PHE A 1 30  ? -6.288  8.932   -2.537  1.00 26.69 ? 30  PHE A CE1 1 
ATOM   221 C  CE2 . PHE A 1 30  ? -8.423  9.367   -1.504  1.00 25.88 ? 30  PHE A CE2 1 
ATOM   222 C  CZ  . PHE A 1 30  ? -7.393  9.752   -2.366  1.00 26.84 ? 30  PHE A CZ  1 
ATOM   223 N  N   . ASP A 1 31  ? -5.196  7.629   2.417   1.00 26.21 ? 31  ASP A N   1 
ATOM   224 C  CA  . ASP A 1 31  ? -5.248  8.384   3.656   1.00 27.15 ? 31  ASP A CA  1 
ATOM   225 C  C   . ASP A 1 31  ? -6.287  9.482   3.648   1.00 27.82 ? 31  ASP A C   1 
ATOM   226 O  O   . ASP A 1 31  ? -5.966  10.624  3.363   1.00 28.97 ? 31  ASP A O   1 
ATOM   227 C  CB  . ASP A 1 31  ? -3.876  8.987   3.922   1.00 27.59 ? 31  ASP A CB  1 
ATOM   228 C  CG  . ASP A 1 31  ? -3.701  9.382   5.350   1.00 28.76 ? 31  ASP A CG  1 
ATOM   229 O  OD1 . ASP A 1 31  ? -4.698  9.305   6.094   1.00 31.03 ? 31  ASP A OD1 1 
ATOM   230 O  OD2 . ASP A 1 31  ? -2.575  9.765   5.730   1.00 29.13 ? 31  ASP A OD2 1 
ATOM   231 N  N   . ASP A 1 32  ? -7.527  9.147   3.979   1.00 28.64 ? 32  ASP A N   1 
ATOM   232 C  CA  . ASP A 1 32  ? -8.597  10.138  3.975   1.00 29.45 ? 32  ASP A CA  1 
ATOM   233 C  C   . ASP A 1 32  ? -9.407  10.119  5.265   1.00 30.49 ? 32  ASP A C   1 
ATOM   234 O  O   . ASP A 1 32  ? -10.426 10.799  5.386   1.00 30.91 ? 32  ASP A O   1 
ATOM   235 C  CB  . ASP A 1 32  ? -9.523  9.894   2.783   1.00 28.68 ? 32  ASP A CB  1 
ATOM   236 C  CG  . ASP A 1 32  ? -10.002 8.458   2.705   1.00 29.26 ? 32  ASP A CG  1 
ATOM   237 O  OD1 . ASP A 1 32  ? -9.864  7.730   3.709   1.00 30.01 ? 32  ASP A OD1 1 
ATOM   238 O  OD2 . ASP A 1 32  ? -10.523 8.059   1.645   1.00 28.81 ? 32  ASP A OD2 1 
ATOM   239 N  N   . GLY A 1 33  ? -8.954  9.333   6.231   1.00 31.28 ? 33  GLY A N   1 
ATOM   240 C  CA  . GLY A 1 33  ? -9.662  9.269   7.489   1.00 31.36 ? 33  GLY A CA  1 
ATOM   241 C  C   . GLY A 1 33  ? -10.776 8.246   7.501   1.00 31.30 ? 33  GLY A C   1 
ATOM   242 O  O   . GLY A 1 33  ? -11.368 7.992   8.547   1.00 32.78 ? 33  GLY A O   1 
ATOM   243 N  N   . VAL A 1 34  ? -11.081 7.665   6.347   1.00 30.71 ? 34  VAL A N   1 
ATOM   244 C  CA  . VAL A 1 34  ? -12.129 6.656   6.289   1.00 31.14 ? 34  VAL A CA  1 
ATOM   245 C  C   . VAL A 1 34  ? -11.555 5.265   6.632   1.00 31.97 ? 34  VAL A C   1 
ATOM   246 O  O   . VAL A 1 34  ? -10.493 4.868   6.135   1.00 32.13 ? 34  VAL A O   1 
ATOM   247 C  CB  . VAL A 1 34  ? -12.788 6.618   4.888   1.00 30.33 ? 34  VAL A CB  1 
ATOM   248 C  CG1 . VAL A 1 34  ? -13.961 5.653   4.889   1.00 29.55 ? 34  VAL A CG1 1 
ATOM   249 C  CG2 . VAL A 1 34  ? -13.260 8.002   4.499   1.00 28.58 ? 34  VAL A CG2 1 
ATOM   250 N  N   . GLY A 1 35  ? -12.259 4.538   7.495   1.00 32.97 ? 35  GLY A N   1 
ATOM   251 C  CA  . GLY A 1 35  ? -11.815 3.207   7.882   1.00 33.31 ? 35  GLY A CA  1 
ATOM   252 C  C   . GLY A 1 35  ? -11.372 3.145   9.331   1.00 33.57 ? 35  GLY A C   1 
ATOM   253 O  O   . GLY A 1 35  ? -10.862 4.132   9.871   1.00 32.23 ? 35  GLY A O   1 
ATOM   254 N  N   . ALA A 1 36  ? -11.573 1.991   9.963   1.00 34.46 ? 36  ALA A N   1 
ATOM   255 C  CA  . ALA A 1 36  ? -11.178 1.816   11.360  1.00 35.43 ? 36  ALA A CA  1 
ATOM   256 C  C   . ALA A 1 36  ? -9.677  2.004   11.525  1.00 35.74 ? 36  ALA A C   1 
ATOM   257 O  O   . ALA A 1 36  ? -9.215  2.522   12.543  1.00 35.42 ? 36  ALA A O   1 
ATOM   258 C  CB  . ALA A 1 36  ? -11.582 0.429   11.863  1.00 34.74 ? 36  ALA A CB  1 
ATOM   259 N  N   . LEU A 1 37  ? -8.917  1.598   10.515  1.00 36.38 ? 37  LEU A N   1 
ATOM   260 C  CA  . LEU A 1 37  ? -7.467  1.707   10.593  1.00 37.38 ? 37  LEU A CA  1 
ATOM   261 C  C   . LEU A 1 37  ? -6.957  3.139   10.645  1.00 37.57 ? 37  LEU A C   1 
ATOM   262 O  O   . LEU A 1 37  ? -5.871  3.402   11.165  1.00 38.01 ? 37  LEU A O   1 
ATOM   263 C  CB  . LEU A 1 37  ? -6.809  0.922   9.451   1.00 37.19 ? 37  LEU A CB  1 
ATOM   264 C  CG  . LEU A 1 37  ? -6.913  -0.596  9.694   1.00 37.81 ? 37  LEU A CG  1 
ATOM   265 C  CD1 . LEU A 1 37  ? -8.327  -1.107  9.356   1.00 38.42 ? 37  LEU A CD1 1 
ATOM   266 C  CD2 . LEU A 1 37  ? -5.879  -1.315  8.848   1.00 37.76 ? 37  LEU A CD2 1 
ATOM   267 N  N   . SER A 1 38  ? -7.729  4.075   10.123  1.00 38.06 ? 38  SER A N   1 
ATOM   268 C  CA  . SER A 1 38  ? -7.299  5.456   10.205  1.00 40.01 ? 38  SER A CA  1 
ATOM   269 C  C   . SER A 1 38  ? -7.217  5.860   11.693  1.00 42.16 ? 38  SER A C   1 
ATOM   270 O  O   . SER A 1 38  ? -6.433  6.734   12.070  1.00 43.01 ? 38  SER A O   1 
ATOM   271 C  CB  . SER A 1 38  ? -8.295  6.354   9.485   1.00 39.76 ? 38  SER A CB  1 
ATOM   272 O  OG  . SER A 1 38  ? -8.018  7.713   9.753   1.00 40.07 ? 38  SER A OG  1 
ATOM   273 N  N   . LYS A 1 39  ? -8.026  5.216   12.539  1.00 43.20 ? 39  LYS A N   1 
ATOM   274 C  CA  . LYS A 1 39  ? -8.052  5.517   13.974  1.00 43.82 ? 39  LYS A CA  1 
ATOM   275 C  C   . LYS A 1 39  ? -6.843  4.965   14.700  1.00 44.55 ? 39  LYS A C   1 
ATOM   276 O  O   . LYS A 1 39  ? -6.654  5.202   15.905  1.00 44.17 ? 39  LYS A O   1 
ATOM   277 C  CB  . LYS A 1 39  ? -9.325  4.957   14.623  1.00 45.15 ? 39  LYS A CB  1 
ATOM   278 C  CG  . LYS A 1 39  ? -10.606 5.678   14.206  1.00 47.35 ? 39  LYS A CG  1 
ATOM   279 C  CD  . LYS A 1 39  ? -10.898 5.534   12.696  1.00 48.52 ? 39  LYS A CD  1 
ATOM   280 C  CE  . LYS A 1 39  ? -11.963 6.553   12.247  1.00 49.14 ? 39  LYS A CE  1 
ATOM   281 N  NZ  . LYS A 1 39  ? -12.461 6.346   10.849  1.00 50.14 ? 39  LYS A NZ  1 
ATOM   282 N  N   . VAL A 1 40  ? -6.032  4.205   13.974  1.00 45.02 ? 40  VAL A N   1 
ATOM   283 C  CA  . VAL A 1 40  ? -4.823  3.631   14.546  1.00 45.44 ? 40  VAL A CA  1 
ATOM   284 C  C   . VAL A 1 40  ? -3.646  4.325   13.866  1.00 46.07 ? 40  VAL A C   1 
ATOM   285 O  O   . VAL A 1 40  ? -3.670  4.565   12.651  1.00 46.59 ? 40  VAL A O   1 
ATOM   286 C  CB  . VAL A 1 40  ? -4.727  2.100   14.282  1.00 46.12 ? 40  VAL A CB  1 
ATOM   287 C  CG1 . VAL A 1 40  ? -3.392  1.567   14.807  1.00 45.36 ? 40  VAL A CG1 1 
ATOM   288 C  CG2 . VAL A 1 40  ? -5.901  1.358   14.956  1.00 46.28 ? 40  VAL A CG2 1 
ATOM   289 N  N   . GLY A 1 41  ? -2.625  4.665   14.643  1.00 46.01 ? 41  GLY A N   1 
ATOM   290 C  CA  . GLY A 1 41  ? -1.460  5.318   14.071  1.00 45.95 ? 41  GLY A CA  1 
ATOM   291 C  C   . GLY A 1 41  ? -1.704  6.653   13.381  1.00 46.19 ? 41  GLY A C   1 
ATOM   292 O  O   . GLY A 1 41  ? -2.847  7.073   13.164  1.00 46.21 ? 41  GLY A O   1 
ATOM   293 N  N   . VAL A 1 42  ? -0.593  7.305   13.033  1.00 46.56 ? 42  VAL A N   1 
ATOM   294 C  CA  . VAL A 1 42  ? -0.554  8.609   12.369  1.00 46.40 ? 42  VAL A CA  1 
ATOM   295 C  C   . VAL A 1 42  ? -1.487  8.730   11.170  1.00 46.72 ? 42  VAL A C   1 
ATOM   296 O  O   . VAL A 1 42  ? -1.792  7.741   10.501  1.00 46.98 ? 42  VAL A O   1 
ATOM   297 C  CB  . VAL A 1 42  ? 0.876   8.916   11.880  1.00 46.42 ? 42  VAL A CB  1 
ATOM   298 C  CG1 . VAL A 1 42  ? 1.002   10.387  11.528  1.00 46.14 ? 42  VAL A CG1 1 
ATOM   299 C  CG2 . VAL A 1 42  ? 1.892   8.512   12.959  1.00 46.22 ? 42  VAL A CG2 1 
ATOM   300 N  N   . CYS A 1 43  ? -1.927  9.951   10.886  1.00 46.29 ? 43  CYS A N   1 
ATOM   301 C  CA  . CYS A 1 43  ? -2.826  10.170  9.764   1.00 46.49 ? 43  CYS A CA  1 
ATOM   302 C  C   . CYS A 1 43  ? -2.685  11.540  9.133   1.00 45.95 ? 43  CYS A C   1 
ATOM   303 O  O   . CYS A 1 43  ? -3.069  12.555  9.711   1.00 46.60 ? 43  CYS A O   1 
ATOM   304 C  CB  . CYS A 1 43  ? -4.282  9.959   10.197  1.00 47.23 ? 43  CYS A CB  1 
ATOM   305 S  SG  . CYS A 1 43  ? -4.940  8.367   9.655   1.00 52.78 ? 43  CYS A SG  1 
ATOM   306 N  N   . SER A 1 44  ? -2.119  11.562  7.941   1.00 45.00 ? 44  SER A N   1 
ATOM   307 C  CA  . SER A 1 44  ? -1.951  12.801  7.214   1.00 44.39 ? 44  SER A CA  1 
ATOM   308 C  C   . SER A 1 44  ? -3.164  12.720  6.305   1.00 44.76 ? 44  SER A C   1 
ATOM   309 O  O   . SER A 1 44  ? -3.084  12.212  5.184   1.00 46.34 ? 44  SER A O   1 
ATOM   310 C  CB  . SER A 1 44  ? -0.655  12.742  6.412   1.00 43.74 ? 44  SER A CB  1 
ATOM   311 O  OG  . SER A 1 44  ? 0.316   11.978  7.117   1.00 43.96 ? 44  SER A OG  1 
ATOM   312 N  N   . LEU A 1 45  ? -4.300  13.190  6.800   1.00 43.50 ? 45  LEU A N   1 
ATOM   313 C  CA  . LEU A 1 45  ? -5.528  13.117  6.029   1.00 42.63 ? 45  LEU A CA  1 
ATOM   314 C  C   . LEU A 1 45  ? -5.538  13.963  4.765   1.00 42.64 ? 45  LEU A C   1 
ATOM   315 O  O   . LEU A 1 45  ? -6.505  14.675  4.504   1.00 42.82 ? 45  LEU A O   1 
ATOM   316 C  CB  . LEU A 1 45  ? -6.711  13.490  6.921   1.00 42.02 ? 45  LEU A CB  1 
ATOM   317 C  CG  . LEU A 1 45  ? -6.718  12.724  8.249   1.00 42.56 ? 45  LEU A CG  1 
ATOM   318 C  CD1 . LEU A 1 45  ? -7.849  13.246  9.112   1.00 43.70 ? 45  LEU A CD1 1 
ATOM   319 C  CD2 . LEU A 1 45  ? -6.870  11.220  8.018   1.00 41.98 ? 45  LEU A CD2 1 
ATOM   320 N  N   . ASN A 1 46  ? -4.476  13.885  3.970   1.00 41.56 ? 46  ASN A N   1 
ATOM   321 C  CA  . ASN A 1 46  ? -4.417  14.655  2.733   1.00 40.50 ? 46  ASN A CA  1 
ATOM   322 C  C   . ASN A 1 46  ? -4.809  13.782  1.537   1.00 39.63 ? 46  ASN A C   1 
ATOM   323 O  O   . ASN A 1 46  ? -4.426  14.047  0.395   1.00 38.89 ? 46  ASN A O   1 
ATOM   324 C  CB  . ASN A 1 46  ? -3.016  15.212  2.536   1.00 42.22 ? 46  ASN A CB  1 
ATOM   325 C  CG  . ASN A 1 46  ? -1.982  14.127  2.418   1.00 44.48 ? 46  ASN A CG  1 
ATOM   326 O  OD1 . ASN A 1 46  ? -1.845  13.274  3.307   1.00 44.00 ? 46  ASN A OD1 1 
ATOM   327 N  ND2 . ASN A 1 46  ? -1.233  14.143  1.311   1.00 47.18 ? 46  ASN A ND2 1 
ATOM   328 N  N   . SER A 1 47  ? -5.595  12.748  1.816   1.00 38.52 ? 47  SER A N   1 
ATOM   329 C  CA  . SER A 1 47  ? -6.055  11.820  0.795   1.00 37.26 ? 47  SER A CA  1 
ATOM   330 C  C   . SER A 1 47  ? -4.934  11.469  -0.177  1.00 36.01 ? 47  SER A C   1 
ATOM   331 O  O   . SER A 1 47  ? -4.971  11.812  -1.361  1.00 35.23 ? 47  SER A O   1 
ATOM   332 C  CB  . SER A 1 47  ? -7.259  12.407  0.053   1.00 38.25 ? 47  SER A CB  1 
ATOM   333 O  OG  . SER A 1 47  ? -6.974  13.717  -0.400  1.00 41.76 ? 47  SER A OG  1 
ATOM   334 N  N   . ASP A 1 48  ? -3.926  10.782  0.354   1.00 33.60 ? 48  ASP A N   1 
ATOM   335 C  CA  . ASP A 1 48  ? -2.791  10.351  -0.434  1.00 29.93 ? 48  ASP A CA  1 
ATOM   336 C  C   . ASP A 1 48  ? -2.528  8.878   -0.210  1.00 27.35 ? 48  ASP A C   1 
ATOM   337 O  O   . ASP A 1 48  ? -2.996  8.305   0.768   1.00 28.40 ? 48  ASP A O   1 
ATOM   338 C  CB  . ASP A 1 48  ? -1.562  11.155  -0.060  1.00 30.84 ? 48  ASP A CB  1 
ATOM   339 C  CG  . ASP A 1 48  ? -1.101  12.018  -1.187  1.00 33.11 ? 48  ASP A CG  1 
ATOM   340 O  OD1 . ASP A 1 48  ? -1.725  11.926  -2.267  1.00 32.88 ? 48  ASP A OD1 1 
ATOM   341 O  OD2 . ASP A 1 48  ? -0.122  12.778  -1.000  1.00 35.91 ? 48  ASP A OD2 1 
ATOM   342 N  N   . PHE A 1 49  ? -1.775  8.271   -1.117  1.00 24.10 ? 49  PHE A N   1 
ATOM   343 C  CA  . PHE A 1 49  ? -1.443  6.853   -1.029  1.00 21.19 ? 49  PHE A CA  1 
ATOM   344 C  C   . PHE A 1 49  ? -0.287  6.548   -0.113  1.00 19.64 ? 49  PHE A C   1 
ATOM   345 O  O   . PHE A 1 49  ? 0.673   7.297   -0.046  1.00 20.83 ? 49  PHE A O   1 
ATOM   346 C  CB  . PHE A 1 49  ? -1.089  6.314   -2.402  1.00 19.94 ? 49  PHE A CB  1 
ATOM   347 C  CG  . PHE A 1 49  ? -2.262  6.100   -3.277  1.00 17.41 ? 49  PHE A CG  1 
ATOM   348 C  CD1 . PHE A 1 49  ? -3.181  5.111   -2.980  1.00 17.74 ? 49  PHE A CD1 1 
ATOM   349 C  CD2 . PHE A 1 49  ? -2.445  6.870   -4.409  1.00 16.71 ? 49  PHE A CD2 1 
ATOM   350 C  CE1 . PHE A 1 49  ? -4.272  4.889   -3.806  1.00 17.65 ? 49  PHE A CE1 1 
ATOM   351 C  CE2 . PHE A 1 49  ? -3.530  6.654   -5.236  1.00 17.22 ? 49  PHE A CE2 1 
ATOM   352 C  CZ  . PHE A 1 49  ? -4.442  5.662   -4.936  1.00 17.19 ? 49  PHE A CZ  1 
ATOM   353 N  N   . ARG A 1 50  ? -0.374  5.426   0.580   1.00 17.94 ? 50  ARG A N   1 
ATOM   354 C  CA  . ARG A 1 50  ? 0.692   5.007   1.467   1.00 18.08 ? 50  ARG A CA  1 
ATOM   355 C  C   . ARG A 1 50  ? 0.513   3.525   1.761   1.00 18.36 ? 50  ARG A C   1 
ATOM   356 O  O   . ARG A 1 50  ? -0.588  2.994   1.633   1.00 17.98 ? 50  ARG A O   1 
ATOM   357 C  CB  . ARG A 1 50  ? 0.647   5.806   2.763   1.00 17.24 ? 50  ARG A CB  1 
ATOM   358 C  CG  . ARG A 1 50  ? -0.618  5.590   3.530   1.00 19.49 ? 50  ARG A CG  1 
ATOM   359 C  CD  . ARG A 1 50  ? -0.555  6.193   4.909   1.00 19.15 ? 50  ARG A CD  1 
ATOM   360 N  NE  . ARG A 1 50  ? -1.838  6.056   5.580   1.00 19.42 ? 50  ARG A NE  1 
ATOM   361 C  CZ  . ARG A 1 50  ? -2.037  6.313   6.864   1.00 23.06 ? 50  ARG A CZ  1 
ATOM   362 N  NH1 . ARG A 1 50  ? -1.034  6.721   7.627   1.00 24.34 ? 50  ARG A NH1 1 
ATOM   363 N  NH2 . ARG A 1 50  ? -3.242  6.156   7.390   1.00 24.12 ? 50  ARG A NH2 1 
ATOM   364 N  N   . ILE A 1 51  ? 1.591   2.853   2.138   1.00 18.36 ? 51  ILE A N   1 
ATOM   365 C  CA  . ILE A 1 51  ? 1.514   1.433   2.457   1.00 19.65 ? 51  ILE A CA  1 
ATOM   366 C  C   . ILE A 1 51  ? 1.407   1.193   3.945   1.00 20.81 ? 51  ILE A C   1 
ATOM   367 O  O   . ILE A 1 51  ? 2.212   1.695   4.723   1.00 21.33 ? 51  ILE A O   1 
ATOM   368 C  CB  . ILE A 1 51  ? 2.746   0.659   1.976   1.00 21.01 ? 51  ILE A CB  1 
ATOM   369 C  CG1 . ILE A 1 51  ? 2.975   0.931   0.499   1.00 21.43 ? 51  ILE A CG1 1 
ATOM   370 C  CG2 . ILE A 1 51  ? 2.547   -0.826  2.203   1.00 18.11 ? 51  ILE A CG2 1 
ATOM   371 C  CD1 . ILE A 1 51  ? 1.766   0.703   -0.326  1.00 25.83 ? 51  ILE A CD1 1 
ATOM   372 N  N   . LEU A 1 52  ? 0.409   0.415   4.335   1.00 21.18 ? 52  LEU A N   1 
ATOM   373 C  CA  . LEU A 1 52  ? 0.208   0.085   5.734   1.00 22.56 ? 52  LEU A CA  1 
ATOM   374 C  C   . LEU A 1 52  ? 0.405   -1.402  5.906   1.00 23.34 ? 52  LEU A C   1 
ATOM   375 O  O   . LEU A 1 52  ? 0.011   -2.187  5.044   1.00 24.46 ? 52  LEU A O   1 
ATOM   376 C  CB  . LEU A 1 52  ? -1.214  0.426   6.173   1.00 23.31 ? 52  LEU A CB  1 
ATOM   377 C  CG  . LEU A 1 52  ? -1.622  1.848   6.533   1.00 24.68 ? 52  LEU A CG  1 
ATOM   378 C  CD1 . LEU A 1 52  ? -1.013  2.841   5.559   1.00 27.64 ? 52  LEU A CD1 1 
ATOM   379 C  CD2 . LEU A 1 52  ? -3.142  1.929   6.523   1.00 23.85 ? 52  LEU A CD2 1 
ATOM   380 N  N   . VAL A 1 53  ? 1.024   -1.793  7.009   1.00 23.66 ? 53  VAL A N   1 
ATOM   381 C  CA  . VAL A 1 53  ? 1.201   -3.200  7.295   1.00 22.81 ? 53  VAL A CA  1 
ATOM   382 C  C   . VAL A 1 53  ? 0.543   -3.445  8.643   1.00 22.31 ? 53  VAL A C   1 
ATOM   383 O  O   . VAL A 1 53  ? 0.824   -2.771  9.638   1.00 18.80 ? 53  VAL A O   1 
ATOM   384 C  CB  . VAL A 1 53  ? 2.688   -3.609  7.302   1.00 22.89 ? 53  VAL A CB  1 
ATOM   385 C  CG1 . VAL A 1 53  ? 3.490   -2.595  8.033   1.00 26.10 ? 53  VAL A CG1 1 
ATOM   386 C  CG2 . VAL A 1 53  ? 2.858   -4.983  7.949   1.00 23.32 ? 53  VAL A CG2 1 
ATOM   387 N  N   . VAL A 1 54  ? -0.372  -4.404  8.630   1.00 23.15 ? 54  VAL A N   1 
ATOM   388 C  CA  . VAL A 1 54  ? -1.135  -4.793  9.795   1.00 24.93 ? 54  VAL A CA  1 
ATOM   389 C  C   . VAL A 1 54  ? -0.970  -6.282  9.997   1.00 27.09 ? 54  VAL A C   1 
ATOM   390 O  O   . VAL A 1 54  ? -0.277  -6.940  9.228   1.00 27.89 ? 54  VAL A O   1 
ATOM   391 C  CB  . VAL A 1 54  ? -2.622  -4.528  9.573   1.00 23.04 ? 54  VAL A CB  1 
ATOM   392 C  CG1 . VAL A 1 54  ? -2.864  -3.056  9.359   1.00 22.57 ? 54  VAL A CG1 1 
ATOM   393 C  CG2 . VAL A 1 54  ? -3.093  -5.320  8.374   1.00 20.99 ? 54  VAL A CG2 1 
ATOM   394 N  N   . SER A 1 55  ? -1.628  -6.801  11.033  1.00 29.96 ? 55  SER A N   1 
ATOM   395 C  CA  . SER A 1 55  ? -1.605  -8.225  11.343  1.00 31.04 ? 55  SER A CA  1 
ATOM   396 C  C   . SER A 1 55  ? -2.958  -8.795  10.951  1.00 32.51 ? 55  SER A C   1 
ATOM   397 O  O   . SER A 1 55  ? -3.951  -8.071  10.859  1.00 32.06 ? 55  SER A O   1 
ATOM   398 C  CB  . SER A 1 55  ? -1.371  -8.455  12.834  1.00 30.81 ? 55  SER A CB  1 
ATOM   399 O  OG  . SER A 1 55  ? -0.160  -7.867  13.264  1.00 31.36 ? 55  SER A OG  1 
ATOM   400 N  N   . LYS A 1 56  ? -3.001  -10.100 10.733  1.00 34.81 ? 56  LYS A N   1 
ATOM   401 C  CA  . LYS A 1 56  ? -4.236  -10.743 10.333  1.00 36.85 ? 56  LYS A CA  1 
ATOM   402 C  C   . LYS A 1 56  ? -5.300  -10.718 11.418  1.00 38.54 ? 56  LYS A C   1 
ATOM   403 O  O   . LYS A 1 56  ? -6.394  -11.240 11.219  1.00 39.32 ? 56  LYS A O   1 
ATOM   404 C  CB  . LYS A 1 56  ? -3.941  -12.173 9.893   1.00 36.12 ? 56  LYS A CB  1 
ATOM   405 C  CG  . LYS A 1 56  ? -2.973  -12.221 8.720   1.00 36.32 ? 56  LYS A CG  1 
ATOM   406 C  CD  . LYS A 1 56  ? -2.696  -13.639 8.243   1.00 36.32 ? 56  LYS A CD  1 
ATOM   407 C  CE  . LYS A 1 56  ? -1.846  -13.632 6.976   1.00 35.66 ? 56  LYS A CE  1 
ATOM   408 N  NZ  . LYS A 1 56  ? -1.413  -15.018 6.598   1.00 38.03 ? 56  LYS A NZ  1 
ATOM   409 N  N   . ASP A 1 57  ? -4.999  -10.106 12.558  1.00 40.77 ? 57  ASP A N   1 
ATOM   410 C  CA  . ASP A 1 57  ? -5.984  -10.035 13.637  1.00 42.77 ? 57  ASP A CA  1 
ATOM   411 C  C   . ASP A 1 57  ? -6.739  -8.702  13.664  1.00 43.19 ? 57  ASP A C   1 
ATOM   412 O  O   . ASP A 1 57  ? -7.877  -8.633  14.133  1.00 44.39 ? 57  ASP A O   1 
ATOM   413 C  CB  . ASP A 1 57  ? -5.319  -10.282 15.003  1.00 44.26 ? 57  ASP A CB  1 
ATOM   414 C  CG  . ASP A 1 57  ? -4.082  -9.424  15.221  1.00 45.51 ? 57  ASP A CG  1 
ATOM   415 O  OD1 . ASP A 1 57  ? -3.006  -9.797  14.710  1.00 46.74 ? 57  ASP A OD1 1 
ATOM   416 O  OD2 . ASP A 1 57  ? -4.186  -8.373  15.895  1.00 47.01 ? 57  ASP A OD2 1 
HETATM 417 N  N   . MSE A 1 58  ? -6.108  -7.648  13.159  1.00 42.77 ? 58  MSE A N   1 
HETATM 418 C  CA  . MSE A 1 58  ? -6.725  -6.327  13.134  1.00 42.56 ? 58  MSE A CA  1 
HETATM 419 C  C   . MSE A 1 58  ? -7.854  -6.284  12.108  1.00 41.03 ? 58  MSE A C   1 
HETATM 420 O  O   . MSE A 1 58  ? -7.832  -7.010  11.116  1.00 41.13 ? 58  MSE A O   1 
HETATM 421 C  CB  . MSE A 1 58  ? -5.651  -5.280  12.828  1.00 44.27 ? 58  MSE A CB  1 
HETATM 422 C  CG  . MSE A 1 58  ? -4.650  -5.115  13.972  1.00 46.71 ? 58  MSE A CG  1 
HETATM 423 SE SE  . MSE A 1 58  ? -2.938  -4.298  13.502  1.00 54.49 ? 58  MSE A SE  1 
HETATM 424 C  CE  . MSE A 1 58  ? -1.740  -5.731  14.114  1.00 51.57 ? 58  MSE A CE  1 
ATOM   425 N  N   . ASP A 1 59  ? -8.853  -5.448  12.353  1.00 40.00 ? 59  ASP A N   1 
ATOM   426 C  CA  . ASP A 1 59  ? -9.982  -5.360  11.437  1.00 38.99 ? 59  ASP A CA  1 
ATOM   427 C  C   . ASP A 1 59  ? -9.749  -4.449  10.239  1.00 36.47 ? 59  ASP A C   1 
ATOM   428 O  O   . ASP A 1 59  ? -10.100 -3.273  10.254  1.00 36.16 ? 59  ASP A O   1 
ATOM   429 C  CB  . ASP A 1 59  ? -11.229 -4.910  12.189  1.00 41.14 ? 59  ASP A CB  1 
ATOM   430 C  CG  . ASP A 1 59  ? -12.431 -4.774  11.279  1.00 42.70 ? 59  ASP A CG  1 
ATOM   431 O  OD1 . ASP A 1 59  ? -12.673 -5.700  10.462  1.00 41.25 ? 59  ASP A OD1 1 
ATOM   432 O  OD2 . ASP A 1 59  ? -13.137 -3.744  11.388  1.00 44.97 ? 59  ASP A OD2 1 
ATOM   433 N  N   . TYR A 1 60  ? -9.167  -5.024  9.197   1.00 33.90 ? 60  TYR A N   1 
ATOM   434 C  CA  . TYR A 1 60  ? -8.858  -4.306  7.979   1.00 32.41 ? 60  TYR A CA  1 
ATOM   435 C  C   . TYR A 1 60  ? -9.755  -4.825  6.881   1.00 31.27 ? 60  TYR A C   1 
ATOM   436 O  O   . TYR A 1 60  ? -9.880  -4.220  5.828   1.00 32.47 ? 60  TYR A O   1 
ATOM   437 C  CB  . TYR A 1 60  ? -7.406  -4.572  7.602   1.00 31.69 ? 60  TYR A CB  1 
ATOM   438 C  CG  . TYR A 1 60  ? -7.143  -6.018  7.251   1.00 31.48 ? 60  TYR A CG  1 
ATOM   439 C  CD1 . TYR A 1 60  ? -7.319  -6.481  5.953   1.00 30.98 ? 60  TYR A CD1 1 
ATOM   440 C  CD2 . TYR A 1 60  ? -6.757  -6.933  8.228   1.00 31.39 ? 60  TYR A CD2 1 
ATOM   441 C  CE1 . TYR A 1 60  ? -7.115  -7.824  5.626   1.00 32.29 ? 60  TYR A CE1 1 
ATOM   442 C  CE2 . TYR A 1 60  ? -6.555  -8.283  7.917   1.00 31.74 ? 60  TYR A CE2 1 
ATOM   443 C  CZ  . TYR A 1 60  ? -6.737  -8.724  6.610   1.00 32.84 ? 60  TYR A CZ  1 
ATOM   444 O  OH  . TYR A 1 60  ? -6.548  -10.060 6.281   1.00 32.46 ? 60  TYR A OH  1 
ATOM   445 N  N   . LYS A 1 61  ? -10.364 -5.973  7.120   1.00 31.66 ? 61  LYS A N   1 
ATOM   446 C  CA  . LYS A 1 61  ? -11.230 -6.583  6.123   1.00 32.64 ? 61  LYS A CA  1 
ATOM   447 C  C   . LYS A 1 61  ? -12.426 -5.735  5.693   1.00 32.03 ? 61  LYS A C   1 
ATOM   448 O  O   . LYS A 1 61  ? -12.576 -5.415  4.517   1.00 32.86 ? 61  LYS A O   1 
ATOM   449 C  CB  . LYS A 1 61  ? -11.734 -7.935  6.635   1.00 34.50 ? 61  LYS A CB  1 
ATOM   450 C  CG  . LYS A 1 61  ? -10.651 -8.969  6.846   1.00 37.16 ? 61  LYS A CG  1 
ATOM   451 C  CD  . LYS A 1 61  ? -9.944  -9.327  5.529   1.00 39.93 ? 61  LYS A CD  1 
ATOM   452 C  CE  . LYS A 1 61  ? -10.902 -9.925  4.484   1.00 41.80 ? 61  LYS A CE  1 
ATOM   453 N  NZ  . LYS A 1 61  ? -10.228 -10.255 3.171   1.00 41.02 ? 61  LYS A NZ  1 
ATOM   454 N  N   . LYS A 1 62  ? -13.283 -5.386  6.643   1.00 31.23 ? 62  LYS A N   1 
ATOM   455 C  CA  . LYS A 1 62  ? -14.472 -4.612  6.333   1.00 31.10 ? 62  LYS A CA  1 
ATOM   456 C  C   . LYS A 1 62  ? -14.195 -3.412  5.433   1.00 30.21 ? 62  LYS A C   1 
ATOM   457 O  O   . LYS A 1 62  ? -14.933 -3.166  4.473   1.00 29.71 ? 62  LYS A O   1 
ATOM   458 C  CB  . LYS A 1 62  ? -15.148 -4.155  7.621   1.00 33.00 ? 62  LYS A CB  1 
ATOM   459 C  CG  . LYS A 1 62  ? -16.428 -3.350  7.412   1.00 36.38 ? 62  LYS A CG  1 
ATOM   460 C  CD  . LYS A 1 62  ? -17.246 -3.261  8.712   1.00 38.83 ? 62  LYS A CD  1 
ATOM   461 C  CE  . LYS A 1 62  ? -18.389 -2.243  8.628   1.00 39.72 ? 62  LYS A CE  1 
ATOM   462 N  NZ  . LYS A 1 62  ? -17.885 -0.830  8.594   1.00 40.94 ? 62  LYS A NZ  1 
ATOM   463 N  N   . ASP A 1 63  ? -13.120 -2.685  5.730   1.00 28.42 ? 63  ASP A N   1 
ATOM   464 C  CA  . ASP A 1 63  ? -12.754 -1.505  4.956   1.00 26.85 ? 63  ASP A CA  1 
ATOM   465 C  C   . ASP A 1 63  ? -11.911 -1.818  3.719   1.00 25.17 ? 63  ASP A C   1 
ATOM   466 O  O   . ASP A 1 63  ? -12.288 -1.476  2.608   1.00 24.60 ? 63  ASP A O   1 
ATOM   467 C  CB  . ASP A 1 63  ? -12.022 -0.511  5.862   1.00 28.34 ? 63  ASP A CB  1 
ATOM   468 C  CG  . ASP A 1 63  ? -12.851 -0.112  7.071   1.00 30.42 ? 63  ASP A CG  1 
ATOM   469 O  OD1 . ASP A 1 63  ? -14.000 0.331   6.867   1.00 30.55 ? 63  ASP A OD1 1 
ATOM   470 O  OD2 . ASP A 1 63  ? -12.360 -0.240  8.221   1.00 32.54 ? 63  ASP A OD2 1 
ATOM   471 N  N   . TYR A 1 64  ? -10.763 -2.449  3.914   1.00 23.75 ? 64  TYR A N   1 
ATOM   472 C  CA  . TYR A 1 64  ? -9.892  -2.813  2.801   1.00 23.33 ? 64  TYR A CA  1 
ATOM   473 C  C   . TYR A 1 64  ? -10.495 -4.079  2.237   1.00 24.10 ? 64  TYR A C   1 
ATOM   474 O  O   . TYR A 1 64  ? -9.975  -5.170  2.415   1.00 24.17 ? 64  TYR A O   1 
ATOM   475 C  CB  . TYR A 1 64  ? -8.494  -3.048  3.336   1.00 22.31 ? 64  TYR A CB  1 
ATOM   476 C  CG  . TYR A 1 64  ? -7.971  -1.794  3.954   1.00 20.43 ? 64  TYR A CG  1 
ATOM   477 C  CD1 . TYR A 1 64  ? -7.338  -0.842  3.175   1.00 19.55 ? 64  TYR A CD1 1 
ATOM   478 C  CD2 . TYR A 1 64  ? -8.231  -1.489  5.289   1.00 20.06 ? 64  TYR A CD2 1 
ATOM   479 C  CE1 . TYR A 1 64  ? -6.976  0.390   3.696   1.00 19.75 ? 64  TYR A CE1 1 
ATOM   480 C  CE2 . TYR A 1 64  ? -7.876  -0.252  5.824   1.00 19.59 ? 64  TYR A CE2 1 
ATOM   481 C  CZ  . TYR A 1 64  ? -7.250  0.683   5.011   1.00 19.44 ? 64  TYR A CZ  1 
ATOM   482 O  OH  . TYR A 1 64  ? -6.906  1.920   5.488   1.00 19.13 ? 64  TYR A OH  1 
ATOM   483 N  N   . ASN A 1 65  ? -11.613 -3.886  1.550   1.00 24.86 ? 65  ASN A N   1 
ATOM   484 C  CA  . ASN A 1 65  ? -12.424 -4.950  0.992   1.00 25.35 ? 65  ASN A CA  1 
ATOM   485 C  C   . ASN A 1 65  ? -12.082 -5.459  -0.391  1.00 26.13 ? 65  ASN A C   1 
ATOM   486 O  O   . ASN A 1 65  ? -12.761 -6.342  -0.899  1.00 26.30 ? 65  ASN A O   1 
ATOM   487 C  CB  . ASN A 1 65  ? -13.869 -4.484  0.988   1.00 26.44 ? 65  ASN A CB  1 
ATOM   488 C  CG  . ASN A 1 65  ? -14.053 -3.219  0.178   1.00 27.33 ? 65  ASN A CG  1 
ATOM   489 O  OD1 . ASN A 1 65  ? -13.170 -2.365  0.137   1.00 25.90 ? 65  ASN A OD1 1 
ATOM   490 N  ND2 . ASN A 1 65  ? -15.202 -3.090  -0.466  1.00 30.10 ? 65  ASN A ND2 1 
ATOM   491 N  N   . GLU A 1 66  ? -11.065 -4.895  -1.022  1.00 25.79 ? 66  GLU A N   1 
ATOM   492 C  CA  . GLU A 1 66  ? -10.696 -5.374  -2.343  1.00 25.17 ? 66  GLU A CA  1 
ATOM   493 C  C   . GLU A 1 66  ? -9.225  -5.737  -2.415  1.00 25.07 ? 66  GLU A C   1 
ATOM   494 O  O   . GLU A 1 66  ? -8.419  -5.301  -1.590  1.00 26.19 ? 66  GLU A O   1 
ATOM   495 C  CB  . GLU A 1 66  ? -11.079 -4.355  -3.412  1.00 26.57 ? 66  GLU A CB  1 
ATOM   496 C  CG  . GLU A 1 66  ? -12.542 -4.494  -3.821  1.00 30.78 ? 66  GLU A CG  1 
ATOM   497 C  CD  . GLU A 1 66  ? -12.962 -3.526  -4.917  1.00 33.23 ? 66  GLU A CD  1 
ATOM   498 O  OE1 . GLU A 1 66  ? -12.234 -3.413  -5.931  1.00 35.09 ? 66  GLU A OE1 1 
ATOM   499 O  OE2 . GLU A 1 66  ? -14.032 -2.890  -4.768  1.00 34.28 ? 66  GLU A OE2 1 
ATOM   500 N  N   . VAL A 1 67  ? -8.875  -6.554  -3.397  1.00 24.38 ? 67  VAL A N   1 
ATOM   501 C  CA  . VAL A 1 67  ? -7.507  -7.001  -3.519  1.00 22.69 ? 67  VAL A CA  1 
ATOM   502 C  C   . VAL A 1 67  ? -6.827  -6.646  -4.812  1.00 21.62 ? 67  VAL A C   1 
ATOM   503 O  O   . VAL A 1 67  ? -7.457  -6.533  -5.861  1.00 21.42 ? 67  VAL A O   1 
ATOM   504 C  CB  . VAL A 1 67  ? -7.407  -8.524  -3.383  1.00 24.59 ? 67  VAL A CB  1 
ATOM   505 C  CG1 . VAL A 1 67  ? -5.939  -8.931  -3.283  1.00 27.89 ? 67  VAL A CG1 1 
ATOM   506 C  CG2 . VAL A 1 67  ? -8.192  -9.002  -2.170  1.00 24.43 ? 67  VAL A CG2 1 
ATOM   507 N  N   . ILE A 1 68  ? -5.515  -6.486  -4.708  1.00 20.45 ? 68  ILE A N   1 
ATOM   508 C  CA  . ILE A 1 68  ? -4.658  -6.182  -5.835  1.00 19.26 ? 68  ILE A CA  1 
ATOM   509 C  C   . ILE A 1 68  ? -3.673  -7.338  -5.894  1.00 19.99 ? 68  ILE A C   1 
ATOM   510 O  O   . ILE A 1 68  ? -3.052  -7.665  -4.886  1.00 19.54 ? 68  ILE A O   1 
ATOM   511 C  CB  . ILE A 1 68  ? -3.878  -4.878  -5.601  1.00 18.12 ? 68  ILE A CB  1 
ATOM   512 C  CG1 . ILE A 1 68  ? -4.856  -3.715  -5.499  1.00 16.80 ? 68  ILE A CG1 1 
ATOM   513 C  CG2 . ILE A 1 68  ? -2.883  -4.637  -6.734  1.00 16.99 ? 68  ILE A CG2 1 
ATOM   514 C  CD1 . ILE A 1 68  ? -4.226  -2.436  -5.070  1.00 13.11 ? 68  ILE A CD1 1 
ATOM   515 N  N   . ASP A 1 69  ? -3.553  -7.977  -7.054  1.00 20.51 ? 69  ASP A N   1 
ATOM   516 C  CA  . ASP A 1 69  ? -2.617  -9.087  -7.211  1.00 20.20 ? 69  ASP A CA  1 
ATOM   517 C  C   . ASP A 1 69  ? -1.236  -8.504  -7.462  1.00 18.16 ? 69  ASP A C   1 
ATOM   518 O  O   . ASP A 1 69  ? -1.111  -7.488  -8.125  1.00 17.70 ? 69  ASP A O   1 
ATOM   519 C  CB  . ASP A 1 69  ? -2.989  -9.965  -8.404  1.00 23.40 ? 69  ASP A CB  1 
ATOM   520 C  CG  . ASP A 1 69  ? -4.366  -10.572 -8.282  1.00 27.50 ? 69  ASP A CG  1 
ATOM   521 O  OD1 . ASP A 1 69  ? -4.623  -11.279 -7.281  1.00 27.80 ? 69  ASP A OD1 1 
ATOM   522 O  OD2 . ASP A 1 69  ? -5.190  -10.342 -9.198  1.00 29.02 ? 69  ASP A OD2 1 
ATOM   523 N  N   . SER A 1 70  ? -0.206  -9.151  -6.938  1.00 16.35 ? 70  SER A N   1 
ATOM   524 C  CA  . SER A 1 70  ? 1.152   -8.679  -7.130  1.00 15.61 ? 70  SER A CA  1 
ATOM   525 C  C   . SER A 1 70  ? 2.132   -9.823  -6.985  1.00 16.01 ? 70  SER A C   1 
ATOM   526 O  O   . SER A 1 70  ? 1.808   -10.865 -6.417  1.00 15.08 ? 70  SER A O   1 
ATOM   527 C  CB  . SER A 1 70  ? 1.505   -7.600  -6.106  1.00 14.80 ? 70  SER A CB  1 
ATOM   528 O  OG  . SER A 1 70  ? 2.238   -8.149  -5.025  1.00 14.50 ? 70  SER A OG  1 
ATOM   529 N  N   . ASN A 1 71  ? 3.341   -9.603  -7.489  1.00 15.75 ? 71  ASN A N   1 
ATOM   530 C  CA  . ASN A 1 71  ? 4.392   -10.597 -7.435  1.00 16.52 ? 71  ASN A CA  1 
ATOM   531 C  C   . ASN A 1 71  ? 4.991   -10.818 -6.041  1.00 17.24 ? 71  ASN A C   1 
ATOM   532 O  O   . ASN A 1 71  ? 5.834   -11.692 -5.863  1.00 20.08 ? 71  ASN A O   1 
ATOM   533 C  CB  . ASN A 1 71  ? 5.494   -10.247 -8.442  1.00 15.59 ? 71  ASN A CB  1 
ATOM   534 C  CG  . ASN A 1 71  ? 6.062   -8.848  -8.239  1.00 16.00 ? 71  ASN A CG  1 
ATOM   535 O  OD1 . ASN A 1 71  ? 5.333   -7.862  -8.256  1.00 16.63 ? 71  ASN A OD1 1 
ATOM   536 N  ND2 . ASN A 1 71  ? 7.374   -8.760  -8.060  1.00 13.49 ? 71  ASN A ND2 1 
ATOM   537 N  N   . ILE A 1 72  ? 4.586   -10.037 -5.048  1.00 16.97 ? 72  ILE A N   1 
ATOM   538 C  CA  . ILE A 1 72  ? 5.118   -10.277 -3.709  1.00 15.84 ? 72  ILE A CA  1 
ATOM   539 C  C   . ILE A 1 72  ? 4.009   -10.617 -2.735  1.00 16.06 ? 72  ILE A C   1 
ATOM   540 O  O   . ILE A 1 72  ? 4.224   -10.627 -1.537  1.00 16.87 ? 72  ILE A O   1 
ATOM   541 C  CB  . ILE A 1 72  ? 5.895   -9.077  -3.134  1.00 13.89 ? 72  ILE A CB  1 
ATOM   542 C  CG1 . ILE A 1 72  ? 4.940   -7.945  -2.781  1.00 13.79 ? 72  ILE A CG1 1 
ATOM   543 C  CG2 . ILE A 1 72  ? 6.937   -8.613  -4.125  1.00 15.65 ? 72  ILE A CG2 1 
ATOM   544 C  CD1 . ILE A 1 72  ? 5.595   -6.846  -1.965  1.00 11.98 ? 72  ILE A CD1 1 
ATOM   545 N  N   . GLY A 1 73  ? 2.825   -10.909 -3.260  1.00 17.32 ? 73  GLY A N   1 
ATOM   546 C  CA  . GLY A 1 73  ? 1.697   -11.232 -2.411  1.00 18.57 ? 73  GLY A CA  1 
ATOM   547 C  C   . GLY A 1 73  ? 0.540   -10.295 -2.690  1.00 20.11 ? 73  GLY A C   1 
ATOM   548 O  O   . GLY A 1 73  ? 0.548   -9.562  -3.679  1.00 20.84 ? 73  GLY A O   1 
ATOM   549 N  N   . LYS A 1 74  ? -0.455  -10.307 -1.815  1.00 21.04 ? 74  LYS A N   1 
ATOM   550 C  CA  . LYS A 1 74  ? -1.626  -9.466  -1.976  1.00 20.94 ? 74  LYS A CA  1 
ATOM   551 C  C   . LYS A 1 74  ? -1.524  -8.105  -1.321  1.00 19.82 ? 74  LYS A C   1 
ATOM   552 O  O   . LYS A 1 74  ? -0.777  -7.910  -0.375  1.00 19.59 ? 74  LYS A O   1 
ATOM   553 C  CB  . LYS A 1 74  ? -2.853  -10.182 -1.422  1.00 22.95 ? 74  LYS A CB  1 
ATOM   554 C  CG  . LYS A 1 74  ? -3.446  -11.190 -2.366  1.00 26.22 ? 74  LYS A CG  1 
ATOM   555 C  CD  . LYS A 1 74  ? -4.596  -11.936 -1.712  1.00 30.91 ? 74  LYS A CD  1 
ATOM   556 C  CE  . LYS A 1 74  ? -5.286  -12.858 -2.700  1.00 32.30 ? 74  LYS A CE  1 
ATOM   557 N  NZ  . LYS A 1 74  ? -4.330  -13.833 -3.299  1.00 35.47 ? 74  LYS A NZ  1 
ATOM   558 N  N   . PHE A 1 75  ? -2.307  -7.175  -1.851  1.00 19.52 ? 75  PHE A N   1 
ATOM   559 C  CA  . PHE A 1 75  ? -2.414  -5.805  -1.363  1.00 18.77 ? 75  PHE A CA  1 
ATOM   560 C  C   . PHE A 1 75  ? -3.896  -5.554  -1.196  1.00 18.95 ? 75  PHE A C   1 
ATOM   561 O  O   . PHE A 1 75  ? -4.649  -5.691  -2.156  1.00 20.57 ? 75  PHE A O   1 
ATOM   562 C  CB  . PHE A 1 75  ? -1.900  -4.820  -2.402  1.00 18.31 ? 75  PHE A CB  1 
ATOM   563 C  CG  . PHE A 1 75  ? -0.437  -4.557  -2.327  1.00 18.11 ? 75  PHE A CG  1 
ATOM   564 C  CD1 . PHE A 1 75  ? 0.078   -3.719  -1.346  1.00 19.55 ? 75  PHE A CD1 1 
ATOM   565 C  CD2 . PHE A 1 75  ? 0.432   -5.105  -3.271  1.00 18.29 ? 75  PHE A CD2 1 
ATOM   566 C  CE1 . PHE A 1 75  ? 1.448   -3.425  -1.308  1.00 19.94 ? 75  PHE A CE1 1 
ATOM   567 C  CE2 . PHE A 1 75  ? 1.802   -4.819  -3.240  1.00 17.49 ? 75  PHE A CE2 1 
ATOM   568 C  CZ  . PHE A 1 75  ? 2.308   -3.980  -2.265  1.00 18.97 ? 75  PHE A CZ  1 
ATOM   569 N  N   . TYR A 1 76  ? -4.330  -5.198  0.003   1.00 18.64 ? 76  TYR A N   1 
ATOM   570 C  CA  . TYR A 1 76  ? -5.742  -4.929  0.211   1.00 18.81 ? 76  TYR A CA  1 
ATOM   571 C  C   . TYR A 1 76  ? -5.961  -3.436  0.140   1.00 18.59 ? 76  TYR A C   1 
ATOM   572 O  O   . TYR A 1 76  ? -5.069  -2.667  0.466   1.00 17.79 ? 76  TYR A O   1 
ATOM   573 C  CB  . TYR A 1 76  ? -6.185  -5.483  1.561   1.00 20.84 ? 76  TYR A CB  1 
ATOM   574 C  CG  . TYR A 1 76  ? -6.248  -6.980  1.539   1.00 22.98 ? 76  TYR A CG  1 
ATOM   575 C  CD1 . TYR A 1 76  ? -7.406  -7.637  1.157   1.00 23.25 ? 76  TYR A CD1 1 
ATOM   576 C  CD2 . TYR A 1 76  ? -5.124  -7.745  1.829   1.00 24.16 ? 76  TYR A CD2 1 
ATOM   577 C  CE1 . TYR A 1 76  ? -7.448  -9.016  1.061   1.00 24.17 ? 76  TYR A CE1 1 
ATOM   578 C  CE2 . TYR A 1 76  ? -5.152  -9.131  1.735   1.00 24.45 ? 76  TYR A CE2 1 
ATOM   579 C  CZ  . TYR A 1 76  ? -6.319  -9.757  1.352   1.00 25.75 ? 76  TYR A CZ  1 
ATOM   580 O  OH  . TYR A 1 76  ? -6.353  -11.129 1.273   1.00 27.44 ? 76  TYR A OH  1 
ATOM   581 N  N   . TYR A 1 77  ? -7.140  -3.023  -0.304  1.00 18.24 ? 77  TYR A N   1 
ATOM   582 C  CA  . TYR A 1 77  ? -7.439  -1.604  -0.402  1.00 19.21 ? 77  TYR A CA  1 
ATOM   583 C  C   . TYR A 1 77  ? -8.928  -1.326  -0.289  1.00 20.05 ? 77  TYR A C   1 
ATOM   584 O  O   . TYR A 1 77  ? -9.763  -2.205  -0.527  1.00 20.97 ? 77  TYR A O   1 
ATOM   585 C  CB  . TYR A 1 77  ? -6.909  -1.035  -1.721  1.00 17.32 ? 77  TYR A CB  1 
ATOM   586 C  CG  . TYR A 1 77  ? -7.630  -1.536  -2.938  1.00 16.37 ? 77  TYR A CG  1 
ATOM   587 C  CD1 . TYR A 1 77  ? -8.564  -0.739  -3.598  1.00 16.93 ? 77  TYR A CD1 1 
ATOM   588 C  CD2 . TYR A 1 77  ? -7.377  -2.806  -3.438  1.00 16.55 ? 77  TYR A CD2 1 
ATOM   589 C  CE1 . TYR A 1 77  ? -9.227  -1.195  -4.733  1.00 16.05 ? 77  TYR A CE1 1 
ATOM   590 C  CE2 . TYR A 1 77  ? -8.037  -3.277  -4.569  1.00 17.28 ? 77  TYR A CE2 1 
ATOM   591 C  CZ  . TYR A 1 77  ? -8.955  -2.465  -5.210  1.00 17.52 ? 77  TYR A CZ  1 
ATOM   592 O  OH  . TYR A 1 77  ? -9.585  -2.937  -6.327  1.00 19.73 ? 77  TYR A OH  1 
ATOM   593 N  N   . LYS A 1 78  ? -9.254  -0.094  0.080   1.00 18.95 ? 78  LYS A N   1 
ATOM   594 C  CA  . LYS A 1 78  ? -10.641 0.300   0.222   1.00 18.05 ? 78  LYS A CA  1 
ATOM   595 C  C   . LYS A 1 78  ? -11.229 0.378   -1.172  1.00 18.21 ? 78  LYS A C   1 
ATOM   596 O  O   . LYS A 1 78  ? -10.702 1.071   -2.040  1.00 17.00 ? 78  LYS A O   1 
ATOM   597 C  CB  . LYS A 1 78  ? -10.728 1.642   0.940   1.00 17.84 ? 78  LYS A CB  1 
ATOM   598 C  CG  . LYS A 1 78  ? -10.198 1.568   2.358   1.00 18.44 ? 78  LYS A CG  1 
ATOM   599 C  CD  . LYS A 1 78  ? -10.256 2.895   3.083   1.00 18.43 ? 78  LYS A CD  1 
ATOM   600 C  CE  . LYS A 1 78  ? -9.199  3.852   2.595   1.00 18.18 ? 78  LYS A CE  1 
ATOM   601 N  NZ  . LYS A 1 78  ? -9.028  4.991   3.543   1.00 19.76 ? 78  LYS A NZ  1 
ATOM   602 N  N   . GLY A 1 79  ? -12.309 -0.362  -1.389  1.00 17.95 ? 79  GLY A N   1 
ATOM   603 C  CA  . GLY A 1 79  ? -12.945 -0.376  -2.690  1.00 18.41 ? 79  GLY A CA  1 
ATOM   604 C  C   . GLY A 1 79  ? -12.967 0.956   -3.408  1.00 19.96 ? 79  GLY A C   1 
ATOM   605 O  O   . GLY A 1 79  ? -12.341 1.109   -4.449  1.00 20.87 ? 79  GLY A O   1 
ATOM   606 N  N   . TYR A 1 80  ? -13.667 1.928   -2.835  1.00 20.14 ? 80  TYR A N   1 
ATOM   607 C  CA  . TYR A 1 80  ? -13.800 3.249   -3.435  1.00 20.27 ? 80  TYR A CA  1 
ATOM   608 C  C   . TYR A 1 80  ? -12.533 3.909   -3.952  1.00 20.28 ? 80  TYR A C   1 
ATOM   609 O  O   . TYR A 1 80  ? -12.559 4.535   -4.999  1.00 21.30 ? 80  TYR A O   1 
ATOM   610 C  CB  . TYR A 1 80  ? -14.492 4.199   -2.459  1.00 19.91 ? 80  TYR A CB  1 
ATOM   611 C  CG  . TYR A 1 80  ? -13.687 4.552   -1.232  1.00 20.49 ? 80  TYR A CG  1 
ATOM   612 C  CD1 . TYR A 1 80  ? -12.894 5.694   -1.203  1.00 19.42 ? 80  TYR A CD1 1 
ATOM   613 C  CD2 . TYR A 1 80  ? -13.753 3.770   -0.083  1.00 21.39 ? 80  TYR A CD2 1 
ATOM   614 C  CE1 . TYR A 1 80  ? -12.192 6.058   -0.058  1.00 20.28 ? 80  TYR A CE1 1 
ATOM   615 C  CE2 . TYR A 1 80  ? -13.056 4.124   1.073   1.00 22.83 ? 80  TYR A CE2 1 
ATOM   616 C  CZ  . TYR A 1 80  ? -12.281 5.272   1.077   1.00 22.67 ? 80  TYR A CZ  1 
ATOM   617 O  OH  . TYR A 1 80  ? -11.623 5.646   2.226   1.00 24.73 ? 80  TYR A OH  1 
ATOM   618 N  N   . SER A 1 81  ? -11.427 3.789   -3.235  1.00 20.58 ? 81  SER A N   1 
ATOM   619 C  CA  . SER A 1 81  ? -10.198 4.430   -3.688  1.00 21.92 ? 81  SER A CA  1 
ATOM   620 C  C   . SER A 1 81  ? -9.740  3.895   -5.036  1.00 22.93 ? 81  SER A C   1 
ATOM   621 O  O   . SER A 1 81  ? -8.807  4.414   -5.638  1.00 23.34 ? 81  SER A O   1 
ATOM   622 C  CB  . SER A 1 81  ? -9.087  4.269   -2.643  1.00 20.51 ? 81  SER A CB  1 
ATOM   623 O  OG  . SER A 1 81  ? -8.941  2.923   -2.248  1.00 20.97 ? 81  SER A OG  1 
ATOM   624 N  N   . LYS A 1 82  ? -10.419 2.862   -5.510  1.00 24.95 ? 82  LYS A N   1 
ATOM   625 C  CA  . LYS A 1 82  ? -10.101 2.246   -6.791  1.00 26.70 ? 82  LYS A CA  1 
ATOM   626 C  C   . LYS A 1 82  ? -10.146 3.307   -7.880  1.00 27.52 ? 82  LYS A C   1 
ATOM   627 O  O   . LYS A 1 82  ? -9.453  3.201   -8.894  1.00 26.22 ? 82  LYS A O   1 
ATOM   628 C  CB  . LYS A 1 82  ? -11.127 1.152   -7.085  1.00 28.79 ? 82  LYS A CB  1 
ATOM   629 C  CG  . LYS A 1 82  ? -10.822 0.264   -8.263  1.00 33.27 ? 82  LYS A CG  1 
ATOM   630 C  CD  . LYS A 1 82  ? -11.871 -0.854  -8.342  1.00 35.90 ? 82  LYS A CD  1 
ATOM   631 C  CE  . LYS A 1 82  ? -11.575 -1.857  -9.468  1.00 37.03 ? 82  LYS A CE  1 
ATOM   632 N  NZ  . LYS A 1 82  ? -12.605 -2.949  -9.527  1.00 38.09 ? 82  LYS A NZ  1 
HETATM 633 N  N   . MSE A 1 83  ? -10.964 4.334   -7.654  1.00 28.08 ? 83  MSE A N   1 
HETATM 634 C  CA  . MSE A 1 83  ? -11.127 5.414   -8.620  1.00 30.51 ? 83  MSE A CA  1 
HETATM 635 C  C   . MSE A 1 83  ? -9.874  6.269   -8.739  1.00 30.40 ? 83  MSE A C   1 
HETATM 636 O  O   . MSE A 1 83  ? -9.709  7.017   -9.709  1.00 29.10 ? 83  MSE A O   1 
HETATM 637 C  CB  . MSE A 1 83  ? -12.322 6.296   -8.239  1.00 34.34 ? 83  MSE A CB  1 
HETATM 638 C  CG  . MSE A 1 83  ? -12.129 7.150   -6.994  1.00 40.70 ? 83  MSE A CG  1 
HETATM 639 SE SE  . MSE A 1 83  ? -13.703 8.270   -6.614  1.00 48.80 ? 83  MSE A SE  1 
HETATM 640 C  CE  . MSE A 1 83  ? -13.777 9.247   -8.310  1.00 44.95 ? 83  MSE A CE  1 
ATOM   641 N  N   . TYR A 1 84  ? -8.987  6.151   -7.757  1.00 29.60 ? 84  TYR A N   1 
ATOM   642 C  CA  . TYR A 1 84  ? -7.759  6.927   -7.771  1.00 29.25 ? 84  TYR A CA  1 
ATOM   643 C  C   . TYR A 1 84  ? -6.575  6.111   -8.254  1.00 29.85 ? 84  TYR A C   1 
ATOM   644 O  O   . TYR A 1 84  ? -5.449  6.604   -8.313  1.00 28.72 ? 84  TYR A O   1 
ATOM   645 C  CB  . TYR A 1 84  ? -7.470  7.473   -6.379  1.00 29.16 ? 84  TYR A CB  1 
ATOM   646 C  CG  . TYR A 1 84  ? -8.495  8.462   -5.928  1.00 29.59 ? 84  TYR A CG  1 
ATOM   647 C  CD1 . TYR A 1 84  ? -8.780  9.587   -6.693  1.00 29.44 ? 84  TYR A CD1 1 
ATOM   648 C  CD2 . TYR A 1 84  ? -9.197  8.273   -4.747  1.00 29.84 ? 84  TYR A CD2 1 
ATOM   649 C  CE1 . TYR A 1 84  ? -9.744  10.502  -6.291  1.00 30.01 ? 84  TYR A CE1 1 
ATOM   650 C  CE2 . TYR A 1 84  ? -10.165 9.187   -4.335  1.00 30.10 ? 84  TYR A CE2 1 
ATOM   651 C  CZ  . TYR A 1 84  ? -10.436 10.296  -5.111  1.00 30.04 ? 84  TYR A CZ  1 
ATOM   652 O  OH  . TYR A 1 84  ? -11.420 11.180  -4.726  1.00 32.43 ? 84  TYR A OH  1 
HETATM 653 N  N   . MSE A 1 85  ? -6.834  4.866   -8.622  1.00 30.78 ? 85  MSE A N   1 
HETATM 654 C  CA  . MSE A 1 85  ? -5.763  4.004   -9.070  1.00 30.19 ? 85  MSE A CA  1 
HETATM 655 C  C   . MSE A 1 85  ? -5.758  3.761   -10.568 1.00 30.28 ? 85  MSE A C   1 
HETATM 656 O  O   . MSE A 1 85  ? -6.553  4.320   -11.313 1.00 30.24 ? 85  MSE A O   1 
HETATM 657 C  CB  . MSE A 1 85  ? -5.837  2.675   -8.317  1.00 30.74 ? 85  MSE A CB  1 
HETATM 658 C  CG  . MSE A 1 85  ? -5.762  2.829   -6.806  1.00 32.10 ? 85  MSE A CG  1 
HETATM 659 SE SE  . MSE A 1 85  ? -6.168  1.165   -5.876  1.00 38.88 ? 85  MSE A SE  1 
HETATM 660 C  CE  . MSE A 1 85  ? -6.118  1.819   -4.037  1.00 37.70 ? 85  MSE A CE  1 
ATOM   661 N  N   . ASP A 1 86  ? -4.840  2.901   -10.981 1.00 30.62 ? 86  ASP A N   1 
ATOM   662 C  CA  . ASP A 1 86  ? -4.643  2.515   -12.373 1.00 30.56 ? 86  ASP A CA  1 
ATOM   663 C  C   . ASP A 1 86  ? -4.771  0.989   -12.413 1.00 29.52 ? 86  ASP A C   1 
ATOM   664 O  O   . ASP A 1 86  ? -4.521  0.315   -11.409 1.00 28.90 ? 86  ASP A O   1 
ATOM   665 C  CB  . ASP A 1 86  ? -3.238  2.915   -12.790 1.00 32.26 ? 86  ASP A CB  1 
ATOM   666 C  CG  . ASP A 1 86  ? -3.166  3.390   -14.195 1.00 34.74 ? 86  ASP A CG  1 
ATOM   667 O  OD1 . ASP A 1 86  ? -3.464  2.572   -15.093 1.00 38.22 ? 86  ASP A OD1 1 
ATOM   668 O  OD2 . ASP A 1 86  ? -2.809  4.577   -14.395 1.00 34.41 ? 86  ASP A OD2 1 
ATOM   669 N  N   . ASP A 1 87  ? -5.144  0.437   -13.561 1.00 28.80 ? 87  ASP A N   1 
ATOM   670 C  CA  . ASP A 1 87  ? -5.291  -1.013  -13.671 1.00 29.08 ? 87  ASP A CA  1 
ATOM   671 C  C   . ASP A 1 87  ? -3.964  -1.753  -13.555 1.00 27.29 ? 87  ASP A C   1 
ATOM   672 O  O   . ASP A 1 87  ? -3.892  -2.851  -13.008 1.00 26.23 ? 87  ASP A O   1 
ATOM   673 C  CB  . ASP A 1 87  ? -5.970  -1.370  -14.991 1.00 31.65 ? 87  ASP A CB  1 
ATOM   674 C  CG  . ASP A 1 87  ? -7.415  -0.927  -15.029 1.00 35.73 ? 87  ASP A CG  1 
ATOM   675 O  OD1 . ASP A 1 87  ? -8.220  -1.432  -14.209 1.00 38.56 ? 87  ASP A OD1 1 
ATOM   676 O  OD2 . ASP A 1 87  ? -7.753  -0.071  -15.870 1.00 37.67 ? 87  ASP A OD2 1 
ATOM   677 N  N   . ASN A 1 88  ? -2.912  -1.141  -14.068 1.00 26.85 ? 88  ASN A N   1 
ATOM   678 C  CA  . ASN A 1 88  ? -1.608  -1.755  -14.005 1.00 27.76 ? 88  ASN A CA  1 
ATOM   679 C  C   . ASN A 1 88  ? -0.662  -0.754  -13.394 1.00 26.22 ? 88  ASN A C   1 
ATOM   680 O  O   . ASN A 1 88  ? -0.258  0.202   -14.050 1.00 28.07 ? 88  ASN A O   1 
ATOM   681 C  CB  . ASN A 1 88  ? -1.141  -2.119  -15.403 1.00 29.22 ? 88  ASN A CB  1 
ATOM   682 C  CG  . ASN A 1 88  ? -0.063  -3.178  -15.391 1.00 31.32 ? 88  ASN A CG  1 
ATOM   683 O  OD1 . ASN A 1 88  ? -0.247  -4.258  -14.825 1.00 33.22 ? 88  ASN A OD1 1 
ATOM   684 N  ND2 . ASN A 1 88  ? 1.068   -2.880  -16.015 1.00 31.57 ? 88  ASN A ND2 1 
HETATM 685 N  N   . MSE A 1 89  ? -0.307  -0.969  -12.138 1.00 24.38 ? 89  MSE A N   1 
HETATM 686 C  CA  . MSE A 1 89  ? 0.576   -0.042  -11.469 1.00 22.84 ? 89  MSE A CA  1 
HETATM 687 C  C   . MSE A 1 89  ? 1.920   -0.627  -11.141 1.00 22.11 ? 89  MSE A C   1 
HETATM 688 O  O   . MSE A 1 89  ? 2.152   -1.816  -11.302 1.00 23.31 ? 89  MSE A O   1 
HETATM 689 C  CB  . MSE A 1 89  ? -0.073  0.451   -10.200 1.00 24.45 ? 89  MSE A CB  1 
HETATM 690 C  CG  . MSE A 1 89  ? -1.368  1.152   -10.444 1.00 27.23 ? 89  MSE A CG  1 
HETATM 691 SE SE  . MSE A 1 89  ? -2.232  1.505   -8.767  1.00 34.70 ? 89  MSE A SE  1 
HETATM 692 C  CE  . MSE A 1 89  ? -3.052  -0.221  -8.483  1.00 30.25 ? 89  MSE A CE  1 
ATOM   693 N  N   . LYS A 1 90  ? 2.803   0.221   -10.643 1.00 21.61 ? 90  LYS A N   1 
ATOM   694 C  CA  . LYS A 1 90  ? 4.139   -0.213  -10.314 1.00 21.21 ? 90  LYS A CA  1 
ATOM   695 C  C   . LYS A 1 90  ? 4.688   0.459   -9.075  1.00 20.57 ? 90  LYS A C   1 
ATOM   696 O  O   . LYS A 1 90  ? 4.459   1.642   -8.836  1.00 21.51 ? 90  LYS A O   1 
ATOM   697 C  CB  . LYS A 1 90  ? 5.053   0.074   -11.499 1.00 22.22 ? 90  LYS A CB  1 
ATOM   698 C  CG  . LYS A 1 90  ? 6.482   -0.408  -11.373 1.00 25.07 ? 90  LYS A CG  1 
ATOM   699 C  CD  . LYS A 1 90  ? 7.203   -0.147  -12.691 1.00 28.47 ? 90  LYS A CD  1 
ATOM   700 C  CE  . LYS A 1 90  ? 8.581   -0.774  -12.737 1.00 32.70 ? 90  LYS A CE  1 
ATOM   701 N  NZ  . LYS A 1 90  ? 9.250   -0.583  -14.073 1.00 36.32 ? 90  LYS A NZ  1 
ATOM   702 N  N   . ILE A 1 91  ? 5.407   -0.322  -8.285  1.00 19.69 ? 91  ILE A N   1 
ATOM   703 C  CA  . ILE A 1 91  ? 6.052   0.158   -7.081  1.00 18.06 ? 91  ILE A CA  1 
ATOM   704 C  C   . ILE A 1 91  ? 7.536   -0.040  -7.317  1.00 18.96 ? 91  ILE A C   1 
ATOM   705 O  O   . ILE A 1 91  ? 7.992   -1.154  -7.548  1.00 18.53 ? 91  ILE A O   1 
ATOM   706 C  CB  . ILE A 1 91  ? 5.613   -0.647  -5.859  1.00 16.94 ? 91  ILE A CB  1 
ATOM   707 C  CG1 . ILE A 1 91  ? 4.120   -0.413  -5.619  1.00 15.20 ? 91  ILE A CG1 1 
ATOM   708 C  CG2 . ILE A 1 91  ? 6.456   -0.264  -4.642  1.00 15.26 ? 91  ILE A CG2 1 
ATOM   709 C  CD1 . ILE A 1 91  ? 3.550   -1.197  -4.469  1.00 13.26 ? 91  ILE A CD1 1 
ATOM   710 N  N   . SER A 1 92  ? 8.285   1.050   -7.298  1.00 20.57 ? 92  SER A N   1 
ATOM   711 C  CA  . SER A 1 92  ? 9.717   0.966   -7.514  1.00 23.43 ? 92  SER A CA  1 
ATOM   712 C  C   . SER A 1 92  ? 10.408  1.698   -6.386  1.00 24.68 ? 92  SER A C   1 
ATOM   713 O  O   . SER A 1 92  ? 9.745   2.228   -5.492  1.00 24.42 ? 92  SER A O   1 
ATOM   714 C  CB  . SER A 1 92  ? 10.098  1.596   -8.851  1.00 23.45 ? 92  SER A CB  1 
ATOM   715 O  OG  . SER A 1 92  ? 9.888   2.994   -8.823  1.00 29.59 ? 92  SER A OG  1 
ATOM   716 N  N   . LEU A 1 93  ? 11.738  1.719   -6.426  1.00 26.48 ? 93  LEU A N   1 
ATOM   717 C  CA  . LEU A 1 93  ? 12.517  2.393   -5.393  1.00 28.09 ? 93  LEU A CA  1 
ATOM   718 C  C   . LEU A 1 93  ? 13.195  3.646   -5.941  1.00 29.26 ? 93  LEU A C   1 
ATOM   719 O  O   . LEU A 1 93  ? 13.885  3.601   -6.961  1.00 29.20 ? 93  LEU A O   1 
ATOM   720 C  CB  . LEU A 1 93  ? 13.566  1.447   -4.818  1.00 26.38 ? 93  LEU A CB  1 
ATOM   721 C  CG  . LEU A 1 93  ? 14.533  2.108   -3.840  1.00 27.76 ? 93  LEU A CG  1 
ATOM   722 C  CD1 . LEU A 1 93  ? 13.780  2.653   -2.613  1.00 27.75 ? 93  LEU A CD1 1 
ATOM   723 C  CD2 . LEU A 1 93  ? 15.570  1.088   -3.425  1.00 27.91 ? 93  LEU A CD2 1 
ATOM   724 N  N   . ASN A 1 94  ? 12.978  4.767   -5.260  1.00 30.55 ? 94  ASN A N   1 
ATOM   725 C  CA  . ASN A 1 94  ? 13.566  6.030   -5.671  1.00 32.54 ? 94  ASN A CA  1 
ATOM   726 C  C   . ASN A 1 94  ? 15.080  5.966   -5.636  1.00 34.33 ? 94  ASN A C   1 
ATOM   727 O  O   . ASN A 1 94  ? 15.683  5.390   -4.715  1.00 33.33 ? 94  ASN A O   1 
ATOM   728 C  CB  . ASN A 1 94  ? 13.090  7.168   -4.767  1.00 32.69 ? 94  ASN A CB  1 
ATOM   729 C  CG  . ASN A 1 94  ? 11.602  7.393   -4.862  1.00 32.38 ? 94  ASN A CG  1 
ATOM   730 O  OD1 . ASN A 1 94  ? 11.061  7.568   -5.949  1.00 32.73 ? 94  ASN A OD1 1 
ATOM   731 N  ND2 . ASN A 1 94  ? 10.930  7.389   -3.726  1.00 33.18 ? 94  ASN A ND2 1 
ATOM   732 N  N   . THR A 1 95  ? 15.689  6.566   -6.650  1.00 36.83 ? 95  THR A N   1 
ATOM   733 C  CA  . THR A 1 95  ? 17.139  6.596   -6.756  1.00 39.52 ? 95  THR A CA  1 
ATOM   734 C  C   . THR A 1 95  ? 17.717  7.710   -5.895  1.00 40.73 ? 95  THR A C   1 
ATOM   735 O  O   . THR A 1 95  ? 18.870  7.627   -5.464  1.00 40.95 ? 95  THR A O   1 
ATOM   736 C  CB  . THR A 1 95  ? 17.589  6.809   -8.214  1.00 39.50 ? 95  THR A CB  1 
ATOM   737 O  OG1 . THR A 1 95  ? 16.996  8.007   -8.733  1.00 39.58 ? 95  THR A OG1 1 
ATOM   738 C  CG2 . THR A 1 95  ? 17.171  5.617   -9.076  1.00 39.74 ? 95  THR A CG2 1 
ATOM   739 N  N   . ASN A 1 96  ? 16.908  8.736   -5.626  1.00 42.02 ? 96  ASN A N   1 
ATOM   740 C  CA  . ASN A 1 96  ? 17.362  9.870   -4.813  1.00 42.56 ? 96  ASN A CA  1 
ATOM   741 C  C   . ASN A 1 96  ? 17.274  9.671   -3.305  1.00 41.18 ? 96  ASN A C   1 
ATOM   742 O  O   . ASN A 1 96  ? 18.199  10.018  -2.566  1.00 42.73 ? 96  ASN A O   1 
ATOM   743 C  CB  . ASN A 1 96  ? 16.573  11.128  -5.167  1.00 44.29 ? 96  ASN A CB  1 
ATOM   744 C  CG  . ASN A 1 96  ? 16.818  11.575  -6.571  1.00 46.46 ? 96  ASN A CG  1 
ATOM   745 O  OD1 . ASN A 1 96  ? 17.971  11.705  -6.994  1.00 47.77 ? 96  ASN A OD1 1 
ATOM   746 N  ND2 . ASN A 1 96  ? 15.740  11.824  -7.315  1.00 48.40 ? 96  ASN A ND2 1 
ATOM   747 N  N   . ASN A 1 97  ? 16.145  9.145   -2.852  1.00 38.38 ? 97  ASN A N   1 
ATOM   748 C  CA  . ASN A 1 97  ? 15.911  8.924   -1.435  1.00 35.08 ? 97  ASN A CA  1 
ATOM   749 C  C   . ASN A 1 97  ? 15.620  7.441   -1.248  1.00 33.57 ? 97  ASN A C   1 
ATOM   750 O  O   . ASN A 1 97  ? 15.620  6.684   -2.220  1.00 34.29 ? 97  ASN A O   1 
ATOM   751 C  CB  . ASN A 1 97  ? 14.726  9.786   -0.999  1.00 34.37 ? 97  ASN A CB  1 
ATOM   752 C  CG  . ASN A 1 97  ? 13.526  9.598   -1.897  1.00 33.83 ? 97  ASN A CG  1 
ATOM   753 O  OD1 . ASN A 1 97  ? 12.917  8.523   -1.909  1.00 34.71 ? 97  ASN A OD1 1 
ATOM   754 N  ND2 . ASN A 1 97  ? 13.185  10.626  -2.671  1.00 30.87 ? 97  ASN A ND2 1 
ATOM   755 N  N   . SER A 1 98  ? 15.365  7.012   -0.020  1.00 31.85 ? 98  SER A N   1 
ATOM   756 C  CA  . SER A 1 98  ? 15.103  5.599   0.222   1.00 30.26 ? 98  SER A CA  1 
ATOM   757 C  C   . SER A 1 98  ? 13.623  5.261   0.178   1.00 30.16 ? 98  SER A C   1 
ATOM   758 O  O   . SER A 1 98  ? 13.217  4.193   0.638   1.00 30.87 ? 98  SER A O   1 
ATOM   759 C  CB  . SER A 1 98  ? 15.667  5.185   1.578   1.00 30.09 ? 98  SER A CB  1 
ATOM   760 O  OG  . SER A 1 98  ? 15.018  5.875   2.636   1.00 31.54 ? 98  SER A OG  1 
ATOM   761 N  N   . LEU A 1 99  ? 12.814  6.160   -0.370  1.00 29.06 ? 99  LEU A N   1 
ATOM   762 C  CA  . LEU A 1 99  ? 11.381  5.916   -0.436  1.00 27.31 ? 99  LEU A CA  1 
ATOM   763 C  C   . LEU A 1 99  ? 10.942  5.163   -1.682  1.00 26.85 ? 99  LEU A C   1 
ATOM   764 O  O   . LEU A 1 99  ? 11.681  5.066   -2.669  1.00 26.05 ? 99  LEU A O   1 
ATOM   765 C  CB  . LEU A 1 99  ? 10.626  7.237   -0.364  1.00 28.13 ? 99  LEU A CB  1 
ATOM   766 C  CG  . LEU A 1 99  ? 10.534  7.879   1.016   1.00 29.55 ? 99  LEU A CG  1 
ATOM   767 C  CD1 . LEU A 1 99  ? 9.987   9.290   0.877   1.00 31.13 ? 99  LEU A CD1 1 
ATOM   768 C  CD2 . LEU A 1 99  ? 9.631   7.053   1.904   1.00 29.06 ? 99  LEU A CD2 1 
ATOM   769 N  N   . LEU A 1 100 ? 9.731   4.621   -1.629  1.00 24.59 ? 100 LEU A N   1 
ATOM   770 C  CA  . LEU A 1 100 ? 9.192   3.902   -2.761  1.00 23.34 ? 100 LEU A CA  1 
ATOM   771 C  C   . LEU A 1 100 ? 8.425   4.862   -3.648  1.00 24.12 ? 100 LEU A C   1 
ATOM   772 O  O   . LEU A 1 100 ? 8.126   5.989   -3.254  1.00 24.72 ? 100 LEU A O   1 
ATOM   773 C  CB  . LEU A 1 100 ? 8.263   2.787   -2.302  1.00 22.03 ? 100 LEU A CB  1 
ATOM   774 C  CG  . LEU A 1 100 ? 8.924   1.617   -1.579  1.00 21.37 ? 100 LEU A CG  1 
ATOM   775 C  CD1 . LEU A 1 100 ? 7.868   0.614   -1.176  1.00 21.72 ? 100 LEU A CD1 1 
ATOM   776 C  CD2 . LEU A 1 100 ? 9.941   0.964   -2.476  1.00 19.71 ? 100 LEU A CD2 1 
ATOM   777 N  N   . ARG A 1 101 ? 8.104   4.403   -4.849  1.00 23.62 ? 101 ARG A N   1 
ATOM   778 C  CA  . ARG A 1 101 ? 7.369   5.209   -5.803  1.00 23.54 ? 101 ARG A CA  1 
ATOM   779 C  C   . ARG A 1 101 ? 6.198   4.397   -6.338  1.00 22.53 ? 101 ARG A C   1 
ATOM   780 O  O   . ARG A 1 101 ? 6.323   3.204   -6.571  1.00 22.32 ? 101 ARG A O   1 
ATOM   781 C  CB  . ARG A 1 101 ? 8.291   5.603   -6.953  1.00 25.69 ? 101 ARG A CB  1 
ATOM   782 C  CG  . ARG A 1 101 ? 7.652   6.525   -7.949  1.00 30.71 ? 101 ARG A CG  1 
ATOM   783 C  CD  . ARG A 1 101 ? 8.421   6.511   -9.256  1.00 35.79 ? 101 ARG A CD  1 
ATOM   784 N  NE  . ARG A 1 101 ? 9.828   6.822   -9.055  1.00 40.20 ? 101 ARG A NE  1 
ATOM   785 C  CZ  . ARG A 1 101 ? 10.280  7.998   -8.617  1.00 43.72 ? 101 ARG A CZ  1 
ATOM   786 N  NH1 . ARG A 1 101 ? 9.423   8.984   -8.335  1.00 44.15 ? 101 ARG A NH1 1 
ATOM   787 N  NH2 . ARG A 1 101 ? 11.591  8.185   -8.450  1.00 44.57 ? 101 ARG A NH2 1 
ATOM   788 N  N   . LEU A 1 102 ? 5.058   5.044   -6.526  1.00 21.43 ? 102 LEU A N   1 
ATOM   789 C  CA  . LEU A 1 102 ? 3.889   4.370   -7.052  1.00 20.39 ? 102 LEU A CA  1 
ATOM   790 C  C   . LEU A 1 102 ? 3.474   5.015   -8.365  1.00 22.13 ? 102 LEU A C   1 
ATOM   791 O  O   . LEU A 1 102 ? 3.036   6.164   -8.381  1.00 24.07 ? 102 LEU A O   1 
ATOM   792 C  CB  . LEU A 1 102 ? 2.727   4.458   -6.065  1.00 19.60 ? 102 LEU A CB  1 
ATOM   793 C  CG  . LEU A 1 102 ? 1.428   3.847   -6.613  1.00 18.74 ? 102 LEU A CG  1 
ATOM   794 C  CD1 . LEU A 1 102 ? 1.572   2.349   -6.674  1.00 15.55 ? 102 LEU A CD1 1 
ATOM   795 C  CD2 . LEU A 1 102 ? 0.235   4.230   -5.753  1.00 18.03 ? 102 LEU A CD2 1 
ATOM   796 N  N   . THR A 1 103 ? 3.613   4.285   -9.466  1.00 22.23 ? 103 THR A N   1 
ATOM   797 C  CA  . THR A 1 103 ? 3.228   4.821   -10.762 1.00 23.01 ? 103 THR A CA  1 
ATOM   798 C  C   . THR A 1 103 ? 2.211   3.927   -11.464 1.00 23.66 ? 103 THR A C   1 
ATOM   799 O  O   . THR A 1 103 ? 2.119   2.743   -11.173 1.00 22.17 ? 103 THR A O   1 
ATOM   800 C  CB  . THR A 1 103 ? 4.454   5.002   -11.695 1.00 24.13 ? 103 THR A CB  1 
ATOM   801 O  OG1 . THR A 1 103 ? 5.112   3.744   -11.877 1.00 23.61 ? 103 THR A OG1 1 
ATOM   802 C  CG2 . THR A 1 103 ? 5.430   6.021   -11.106 1.00 24.36 ? 103 THR A CG2 1 
ATOM   803 N  N   . GLY A 1 104 ? 1.441   4.509   -12.381 1.00 25.77 ? 104 GLY A N   1 
ATOM   804 C  CA  . GLY A 1 104 ? 0.450   3.745   -13.119 1.00 28.01 ? 104 GLY A CA  1 
ATOM   805 C  C   . GLY A 1 104 ? 0.670   3.851   -14.621 1.00 30.03 ? 104 GLY A C   1 
ATOM   806 O  O   . GLY A 1 104 ? 1.175   4.863   -15.110 1.00 30.27 ? 104 GLY A O   1 
ATOM   807 N  N   . ASP A 1 105 ? 0.297   2.812   -15.362 1.00 32.16 ? 105 ASP A N   1 
ATOM   808 C  CA  . ASP A 1 105 ? 0.475   2.810   -16.818 1.00 35.45 ? 105 ASP A CA  1 
ATOM   809 C  C   . ASP A 1 105 ? -0.238  3.917   -17.582 1.00 36.11 ? 105 ASP A C   1 
ATOM   810 O  O   . ASP A 1 105 ? 0.185   4.293   -18.679 1.00 35.96 ? 105 ASP A O   1 
ATOM   811 C  CB  . ASP A 1 105 ? 0.003   1.494   -17.423 1.00 36.74 ? 105 ASP A CB  1 
ATOM   812 C  CG  . ASP A 1 105 ? 0.937   0.364   -17.147 1.00 38.30 ? 105 ASP A CG  1 
ATOM   813 O  OD1 . ASP A 1 105 ? 1.992   0.594   -16.510 1.00 39.16 ? 105 ASP A OD1 1 
ATOM   814 O  OD2 . ASP A 1 105 ? 0.605   -0.759  -17.578 1.00 39.92 ? 105 ASP A OD2 1 
ATOM   815 N  N   . ASN A 1 106 ? -1.321  4.429   -17.014 1.00 37.13 ? 106 ASN A N   1 
ATOM   816 C  CA  . ASN A 1 106 ? -2.104  5.450   -17.687 1.00 38.33 ? 106 ASN A CA  1 
ATOM   817 C  C   . ASN A 1 106 ? -2.113  6.797   -16.973 1.00 37.73 ? 106 ASN A C   1 
ATOM   818 O  O   . ASN A 1 106 ? -2.468  7.803   -17.571 1.00 38.43 ? 106 ASN A O   1 
ATOM   819 C  CB  . ASN A 1 106 ? -3.528  4.917   -17.843 1.00 39.61 ? 106 ASN A CB  1 
ATOM   820 C  CG  . ASN A 1 106 ? -3.552  3.517   -18.457 1.00 42.24 ? 106 ASN A CG  1 
ATOM   821 O  OD1 . ASN A 1 106 ? -4.324  2.638   -18.036 1.00 44.45 ? 106 ASN A OD1 1 
ATOM   822 N  ND2 . ASN A 1 106 ? -2.702  3.302   -19.462 1.00 41.53 ? 106 ASN A ND2 1 
ATOM   823 N  N   . SER A 1 107 ? -1.706  6.818   -15.708 1.00 37.22 ? 107 SER A N   1 
ATOM   824 C  CA  . SER A 1 107 ? -1.707  8.053   -14.929 1.00 36.49 ? 107 SER A CA  1 
ATOM   825 C  C   . SER A 1 107 ? -0.307  8.598   -14.671 1.00 35.81 ? 107 SER A C   1 
ATOM   826 O  O   . SER A 1 107 ? -0.141  9.771   -14.328 1.00 36.09 ? 107 SER A O   1 
ATOM   827 C  CB  . SER A 1 107 ? -2.401  7.811   -13.581 1.00 37.13 ? 107 SER A CB  1 
ATOM   828 O  OG  . SER A 1 107 ? -3.721  7.308   -13.751 1.00 37.21 ? 107 SER A OG  1 
ATOM   829 N  N   . GLY A 1 108 ? 0.698   7.750   -14.841 1.00 35.47 ? 108 GLY A N   1 
ATOM   830 C  CA  . GLY A 1 108 ? 2.057   8.178   -14.585 1.00 34.67 ? 108 GLY A CA  1 
ATOM   831 C  C   . GLY A 1 108 ? 2.260   8.109   -13.087 1.00 34.48 ? 108 GLY A C   1 
ATOM   832 O  O   . GLY A 1 108 ? 1.726   7.210   -12.432 1.00 33.75 ? 108 GLY A O   1 
ATOM   833 N  N   . GLU A 1 109 ? 3.014   9.053   -12.533 1.00 34.47 ? 109 GLU A N   1 
ATOM   834 C  CA  . GLU A 1 109 ? 3.258   9.058   -11.104 1.00 35.04 ? 109 GLU A CA  1 
ATOM   835 C  C   . GLU A 1 109 ? 1.970   9.290   -10.340 1.00 33.94 ? 109 GLU A C   1 
ATOM   836 O  O   . GLU A 1 109 ? 1.312   10.306  -10.523 1.00 34.67 ? 109 GLU A O   1 
ATOM   837 C  CB  . GLU A 1 109 ? 4.264   10.143  -10.724 1.00 37.06 ? 109 GLU A CB  1 
ATOM   838 C  CG  . GLU A 1 109 ? 5.683   9.858   -11.190 1.00 40.73 ? 109 GLU A CG  1 
ATOM   839 C  CD  . GLU A 1 109 ? 6.708   10.609  -10.365 1.00 42.61 ? 109 GLU A CD  1 
ATOM   840 O  OE1 . GLU A 1 109 ? 6.536   11.840  -10.201 1.00 43.90 ? 109 GLU A OE1 1 
ATOM   841 O  OE2 . GLU A 1 109 ? 7.676   9.969   -9.882  1.00 42.17 ? 109 GLU A OE2 1 
ATOM   842 N  N   . LEU A 1 110 ? 1.610   8.335   -9.488  1.00 31.80 ? 110 LEU A N   1 
ATOM   843 C  CA  . LEU A 1 110 ? 0.410   8.451   -8.680  1.00 28.58 ? 110 LEU A CA  1 
ATOM   844 C  C   . LEU A 1 110 ? 0.851   8.950   -7.321  1.00 28.59 ? 110 LEU A C   1 
ATOM   845 O  O   . LEU A 1 110 ? 0.141   9.712   -6.666  1.00 27.51 ? 110 LEU A O   1 
ATOM   846 C  CB  . LEU A 1 110 ? -0.273  7.089   -8.543  1.00 26.82 ? 110 LEU A CB  1 
ATOM   847 C  CG  . LEU A 1 110 ? -0.978  6.577   -9.795  1.00 25.86 ? 110 LEU A CG  1 
ATOM   848 C  CD1 . LEU A 1 110 ? -1.342  5.119   -9.628  1.00 23.88 ? 110 LEU A CD1 1 
ATOM   849 C  CD2 . LEU A 1 110 ? -2.208  7.419   -10.053 1.00 24.11 ? 110 LEU A CD2 1 
HETATM 850 N  N   . MSE A 1 111 ? 2.042   8.513   -6.919  1.00 29.34 ? 111 MSE A N   1 
HETATM 851 C  CA  . MSE A 1 111 ? 2.633   8.886   -5.642  1.00 29.53 ? 111 MSE A CA  1 
HETATM 852 C  C   . MSE A 1 111 ? 4.152   8.804   -5.721  1.00 27.61 ? 111 MSE A C   1 
HETATM 853 O  O   . MSE A 1 111 ? 4.732   7.742   -5.536  1.00 28.32 ? 111 MSE A O   1 
HETATM 854 C  CB  . MSE A 1 111 ? 2.148   7.953   -4.543  1.00 31.95 ? 111 MSE A CB  1 
HETATM 855 C  CG  . MSE A 1 111 ? 2.792   8.252   -3.214  1.00 38.16 ? 111 MSE A CG  1 
HETATM 856 SE SE  . MSE A 1 111 ? 2.304   10.038  -2.595  1.00 47.44 ? 111 MSE A SE  1 
HETATM 857 C  CE  . MSE A 1 111 ? 2.646   9.838   -0.676  1.00 40.61 ? 111 MSE A CE  1 
ATOM   858 N  N   . PRO A 1 112 ? 4.818   9.931   -5.989  1.00 26.75 ? 112 PRO A N   1 
ATOM   859 C  CA  . PRO A 1 112 ? 6.285   9.936   -6.087  1.00 24.78 ? 112 PRO A CA  1 
ATOM   860 C  C   . PRO A 1 112 ? 7.064   9.499   -4.852  1.00 22.54 ? 112 PRO A C   1 
ATOM   861 O  O   . PRO A 1 112 ? 8.182   9.011   -4.971  1.00 23.74 ? 112 PRO A O   1 
ATOM   862 C  CB  . PRO A 1 112 ? 6.600   11.373  -6.505  1.00 24.58 ? 112 PRO A CB  1 
ATOM   863 C  CG  . PRO A 1 112 ? 5.436   12.157  -5.972  1.00 26.20 ? 112 PRO A CG  1 
ATOM   864 C  CD  . PRO A 1 112 ? 4.262   11.262  -6.278  1.00 26.35 ? 112 PRO A CD  1 
ATOM   865 N  N   . ALA A 1 113 ? 6.489   9.675   -3.669  1.00 20.83 ? 113 ALA A N   1 
ATOM   866 C  CA  . ALA A 1 113 ? 7.157   9.276   -2.435  1.00 19.04 ? 113 ALA A CA  1 
ATOM   867 C  C   . ALA A 1 113 ? 6.191   8.451   -1.587  1.00 18.92 ? 113 ALA A C   1 
ATOM   868 O  O   . ALA A 1 113 ? 5.489   8.971   -0.726  1.00 19.56 ? 113 ALA A O   1 
ATOM   869 C  CB  . ALA A 1 113 ? 7.622   10.501  -1.670  1.00 15.56 ? 113 ALA A CB  1 
ATOM   870 N  N   . LEU A 1 114 ? 6.167   7.153   -1.842  1.00 18.78 ? 114 LEU A N   1 
ATOM   871 C  CA  . LEU A 1 114 ? 5.286   6.228   -1.144  1.00 17.63 ? 114 LEU A CA  1 
ATOM   872 C  C   . LEU A 1 114 ? 5.893   5.745   0.168   1.00 18.04 ? 114 LEU A C   1 
ATOM   873 O  O   . LEU A 1 114 ? 6.867   5.012   0.162   1.00 19.83 ? 114 LEU A O   1 
ATOM   874 C  CB  . LEU A 1 114 ? 5.030   5.054   -2.068  1.00 16.21 ? 114 LEU A CB  1 
ATOM   875 C  CG  . LEU A 1 114 ? 4.003   3.989   -1.733  1.00 15.55 ? 114 LEU A CG  1 
ATOM   876 C  CD1 . LEU A 1 114 ? 2.602   4.582   -1.694  1.00 15.34 ? 114 LEU A CD1 1 
ATOM   877 C  CD2 . LEU A 1 114 ? 4.105   2.907   -2.794  1.00 13.59 ? 114 LEU A CD2 1 
ATOM   878 N  N   . SER A 1 115 ? 5.313   6.136   1.295   1.00 18.94 ? 115 SER A N   1 
ATOM   879 C  CA  . SER A 1 115 ? 5.850   5.733   2.595   1.00 19.12 ? 115 SER A CA  1 
ATOM   880 C  C   . SER A 1 115 ? 5.314   4.405   3.081   1.00 19.32 ? 115 SER A C   1 
ATOM   881 O  O   . SER A 1 115 ? 4.373   3.862   2.522   1.00 21.30 ? 115 SER A O   1 
ATOM   882 C  CB  . SER A 1 115 ? 5.532   6.781   3.654   1.00 19.66 ? 115 SER A CB  1 
ATOM   883 O  OG  . SER A 1 115 ? 4.173   6.713   4.040   1.00 20.02 ? 115 SER A OG  1 
ATOM   884 N  N   . ILE A 1 116 ? 5.913   3.886   4.141   1.00 20.47 ? 116 ILE A N   1 
ATOM   885 C  CA  . ILE A 1 116 ? 5.476   2.619   4.701   1.00 21.59 ? 116 ILE A CA  1 
ATOM   886 C  C   . ILE A 1 116 ? 5.193   2.753   6.191   1.00 21.93 ? 116 ILE A C   1 
ATOM   887 O  O   . ILE A 1 116 ? 6.031   3.228   6.944   1.00 21.85 ? 116 ILE A O   1 
ATOM   888 C  CB  . ILE A 1 116 ? 6.539   1.547   4.521   1.00 20.73 ? 116 ILE A CB  1 
ATOM   889 C  CG1 . ILE A 1 116 ? 7.002   1.529   3.071   1.00 21.84 ? 116 ILE A CG1 1 
ATOM   890 C  CG2 . ILE A 1 116 ? 5.977   0.191   4.938   1.00 18.71 ? 116 ILE A CG2 1 
ATOM   891 C  CD1 . ILE A 1 116 ? 8.253   0.730   2.853   1.00 20.69 ? 116 ILE A CD1 1 
ATOM   892 N  N   . GLN A 1 117 ? 4.018   2.316   6.615   1.00 23.63 ? 117 GLN A N   1 
ATOM   893 C  CA  . GLN A 1 117 ? 3.656   2.405   8.017   1.00 25.90 ? 117 GLN A CA  1 
ATOM   894 C  C   . GLN A 1 117 ? 3.423   1.039   8.643   1.00 24.59 ? 117 GLN A C   1 
ATOM   895 O  O   . GLN A 1 117 ? 2.598   0.263   8.164   1.00 24.38 ? 117 GLN A O   1 
ATOM   896 C  CB  . GLN A 1 117 ? 2.398   3.245   8.159   1.00 29.25 ? 117 GLN A CB  1 
ATOM   897 C  CG  . GLN A 1 117 ? 2.446   4.495   7.331   1.00 35.24 ? 117 GLN A CG  1 
ATOM   898 C  CD  . GLN A 1 117 ? 2.298   5.723   8.180   1.00 38.28 ? 117 GLN A CD  1 
ATOM   899 O  OE1 . GLN A 1 117 ? 2.180   6.846   7.669   1.00 41.29 ? 117 GLN A OE1 1 
ATOM   900 N  NE2 . GLN A 1 117 ? 2.301   5.524   9.496   1.00 40.71 ? 117 GLN A NE2 1 
ATOM   901 N  N   . ASP A 1 118 ? 4.152   0.758   9.718   1.00 23.95 ? 118 ASP A N   1 
ATOM   902 C  CA  . ASP A 1 118 ? 4.018   -0.509  10.420  1.00 24.12 ? 118 ASP A CA  1 
ATOM   903 C  C   . ASP A 1 118 ? 3.061   -0.357  11.589  1.00 25.17 ? 118 ASP A C   1 
ATOM   904 O  O   . ASP A 1 118 ? 3.424   0.203   12.624  1.00 24.45 ? 118 ASP A O   1 
ATOM   905 C  CB  . ASP A 1 118 ? 5.374   -0.984  10.945  1.00 23.09 ? 118 ASP A CB  1 
ATOM   906 C  CG  . ASP A 1 118 ? 5.324   -2.413  11.490  1.00 24.60 ? 118 ASP A CG  1 
ATOM   907 O  OD1 . ASP A 1 118 ? 4.205   -2.966  11.616  1.00 23.72 ? 118 ASP A OD1 1 
ATOM   908 O  OD2 . ASP A 1 118 ? 6.403   -2.979  11.800  1.00 23.23 ? 118 ASP A OD2 1 
ATOM   909 N  N   . PHE A 1 119 ? 1.840   -0.858  11.418  1.00 26.14 ? 119 PHE A N   1 
ATOM   910 C  CA  . PHE A 1 119 ? 0.836   -0.789  12.468  1.00 28.27 ? 119 PHE A CA  1 
ATOM   911 C  C   . PHE A 1 119 ? 0.614   -2.164  13.096  1.00 28.75 ? 119 PHE A C   1 
ATOM   912 O  O   . PHE A 1 119 ? -0.424  -2.410  13.719  1.00 28.70 ? 119 PHE A O   1 
ATOM   913 C  CB  . PHE A 1 119 ? -0.506  -0.264  11.921  1.00 30.05 ? 119 PHE A CB  1 
ATOM   914 C  CG  . PHE A 1 119 ? -0.498  1.200   11.519  1.00 31.79 ? 119 PHE A CG  1 
ATOM   915 C  CD1 . PHE A 1 119 ? 0.475   2.080   11.992  1.00 31.35 ? 119 PHE A CD1 1 
ATOM   916 C  CD2 . PHE A 1 119 ? -1.499  1.705   10.685  1.00 31.74 ? 119 PHE A CD2 1 
ATOM   917 C  CE1 . PHE A 1 119 ? 0.441   3.436   11.638  1.00 32.31 ? 119 PHE A CE1 1 
ATOM   918 C  CE2 . PHE A 1 119 ? -1.536  3.059   10.330  1.00 31.70 ? 119 PHE A CE2 1 
ATOM   919 C  CZ  . PHE A 1 119 ? -0.566  3.922   10.808  1.00 31.54 ? 119 PHE A CZ  1 
ATOM   920 N  N   . ARG A 1 120 ? 1.573   -3.067  12.924  1.00 29.23 ? 120 ARG A N   1 
ATOM   921 C  CA  . ARG A 1 120 ? 1.443   -4.397  13.504  1.00 30.67 ? 120 ARG A CA  1 
ATOM   922 C  C   . ARG A 1 120 ? 1.570   -4.329  15.013  1.00 34.23 ? 120 ARG A C   1 
ATOM   923 O  O   . ARG A 1 120 ? 2.373   -3.555  15.552  1.00 33.65 ? 120 ARG A O   1 
ATOM   924 C  CB  . ARG A 1 120 ? 2.518   -5.332  12.983  1.00 27.35 ? 120 ARG A CB  1 
ATOM   925 C  CG  . ARG A 1 120 ? 2.342   -5.763  11.555  1.00 26.48 ? 120 ARG A CG  1 
ATOM   926 C  CD  . ARG A 1 120 ? 3.530   -6.589  11.133  1.00 24.05 ? 120 ARG A CD  1 
ATOM   927 N  NE  . ARG A 1 120 ? 4.764   -5.819  11.250  1.00 23.29 ? 120 ARG A NE  1 
ATOM   928 C  CZ  . ARG A 1 120 ? 5.984   -6.325  11.115  1.00 20.80 ? 120 ARG A CZ  1 
ATOM   929 N  NH1 . ARG A 1 120 ? 6.146   -7.613  10.857  1.00 20.27 ? 120 ARG A NH1 1 
ATOM   930 N  NH2 . ARG A 1 120 ? 7.047   -5.542  11.238  1.00 20.03 ? 120 ARG A NH2 1 
ATOM   931 N  N   . GLU A 1 121 ? 0.770   -5.139  15.698  1.00 38.23 ? 121 GLU A N   1 
ATOM   932 C  CA  . GLU A 1 121 ? 0.827   -5.175  17.147  1.00 42.12 ? 121 GLU A CA  1 
ATOM   933 C  C   . GLU A 1 121 ? 2.031   -6.042  17.535  1.00 43.23 ? 121 GLU A C   1 
ATOM   934 O  O   . GLU A 1 121 ? 2.745   -5.665  18.497  1.00 44.07 ? 121 GLU A O   1 
ATOM   935 C  CB  . GLU A 1 121 ? -0.485  -5.736  17.720  1.00 44.82 ? 121 GLU A CB  1 
ATOM   936 C  CG  . GLU A 1 121 ? -1.714  -4.897  17.324  1.00 50.36 ? 121 GLU A CG  1 
ATOM   937 C  CD  . GLU A 1 121 ? -1.480  -3.386  17.509  1.00 53.45 ? 121 GLU A CD  1 
ATOM   938 O  OE1 . GLU A 1 121 ? -1.319  -2.937  18.678  1.00 55.09 ? 121 GLU A OE1 1 
ATOM   939 O  OE2 . GLU A 1 121 ? -1.448  -2.652  16.480  1.00 53.65 ? 121 GLU A OE2 1 
HETATM 940 O  O   . HOH B 2 .   ? -15.260 0.612   -0.789  1.00 14.91 ? 129 HOH A O   1 
HETATM 941 O  O   . HOH B 2 .   ? -0.372  -9.049  1.803   1.00 18.35 ? 130 HOH A O   1 
HETATM 942 O  O   . HOH B 2 .   ? -3.904  5.870   10.189  1.00 34.27 ? 131 HOH A O   1 
HETATM 943 O  O   . HOH B 2 .   ? -7.157  2.388   -0.193  1.00 15.93 ? 132 HOH A O   1 
HETATM 944 O  O   . HOH B 2 .   ? -8.495  -7.853  -10.935 1.00 19.93 ? 133 HOH A O   1 
HETATM 945 O  O   . HOH B 2 .   ? 2.319   -3.380  -13.494 1.00 23.71 ? 134 HOH A O   1 
HETATM 946 O  O   . HOH B 2 .   ? 13.221  0.394   -8.292  1.00 25.21 ? 135 HOH A O   1 
HETATM 947 O  O   . HOH B 2 .   ? -14.398 0.242   1.769   1.00 18.44 ? 136 HOH A O   1 
HETATM 948 O  O   . HOH B 2 .   ? -7.297  5.701   5.913   1.00 28.53 ? 137 HOH A O   1 
HETATM 949 O  O   . HOH B 2 .   ? -6.646  -6.482  -12.204 1.00 17.99 ? 138 HOH A O   1 
HETATM 950 O  O   . HOH B 2 .   ? 14.908  -3.121  -8.959  1.00 29.73 ? 139 HOH A O   1 
HETATM 951 O  O   . HOH B 2 .   ? -8.911  3.358   7.583   1.00 30.76 ? 140 HOH A O   1 
HETATM 952 O  O   . HOH B 2 .   ? 9.153   3.945   1.256   1.00 31.48 ? 141 HOH A O   1 
HETATM 953 O  O   . HOH B 2 .   ? 8.756   4.875   4.472   1.00 40.29 ? 142 HOH A O   1 
HETATM 954 O  O   . HOH B 2 .   ? 12.899  -5.095  -11.048 1.00 29.30 ? 143 HOH A O   1 
HETATM 955 O  O   . HOH B 2 .   ? 8.789   -8.834  -0.475  1.00 19.93 ? 144 HOH A O   1 
HETATM 956 O  O   . HOH B 2 .   ? -8.971  -5.093  -7.808  1.00 33.31 ? 145 HOH A O   1 
HETATM 957 O  O   . HOH B 2 .   ? -16.169 1.756   7.941   1.00 36.99 ? 146 HOH A O   1 
HETATM 958 O  O   . HOH B 2 .   ? 17.348  4.384   -1.751  1.00 39.07 ? 147 HOH A O   1 
HETATM 959 O  O   . HOH B 2 .   ? 0.577   -14.135 4.526   1.00 33.95 ? 148 HOH A O   1 
HETATM 960 O  O   . HOH B 2 .   ? -5.288  7.988   13.965  1.00 46.31 ? 149 HOH A O   1 
HETATM 961 O  O   . HOH B 2 .   ? -14.839 -2.387  -10.959 1.00 51.67 ? 150 HOH A O   1 
HETATM 962 O  O   . HOH B 2 .   ? 6.990   2.771   -9.554  1.00 30.24 ? 151 HOH A O   1 
HETATM 963 O  O   . HOH B 2 .   ? 15.226  -5.046  3.624   1.00 29.66 ? 152 HOH A O   1 
HETATM 964 O  O   . HOH B 2 .   ? -7.400  14.880  2.085   1.00 34.09 ? 153 HOH A O   1 
HETATM 965 O  O   . HOH B 2 .   ? 10.375  -3.251  -14.216 1.00 38.47 ? 154 HOH A O   1 
HETATM 966 O  O   . HOH B 2 .   ? 0.397   -4.422  20.142  1.00 37.94 ? 155 HOH A O   1 
HETATM 967 O  O   . HOH B 2 .   ? -8.407  -11.835 4.354   1.00 51.38 ? 156 HOH A O   1 
HETATM 968 O  O   . HOH B 2 .   ? 14.418  7.007   -9.012  1.00 31.18 ? 157 HOH A O   1 
HETATM 969 O  O   . HOH B 2 .   ? -15.287 3.829   8.470   1.00 42.44 ? 158 HOH A O   1 
# 
